data_3TSR
#
_entry.id   3TSR
#
_cell.length_a   72.396
_cell.length_b   125.341
_cell.length_c   123.064
_cell.angle_alpha   90.000
_cell.angle_beta   94.720
_cell.angle_gamma   90.000
#
_symmetry.space_group_name_H-M   'P 1 21 1'
#
loop_
_entity.id
_entity.type
_entity.pdbx_description
1 polymer 'Ribonuclease pancreatic'
2 polymer 'Ribonuclease inhibitor'
3 non-polymer 1,2-ETHANEDIOL
4 non-polymer DI(HYDROXYETHYL)ETHER
5 water water
#
loop_
_entity_poly.entity_id
_entity_poly.type
_entity_poly.pdbx_seq_one_letter_code
_entity_poly.pdbx_strand_id
1 'polypeptide(L)'
;MRESAAQKFQRQHMDPDGSSINSPTYCNQMMKRRDMTNGSCKPVNTFVHEPLADVQAVCSQENVTCKNRKSNCYKSSSAL
HITDCHLKGNSKYPNCDYKTTQYQKHIIVACEGNPYVPVHFDATV
;
A,B,C,D
2 'polypeptide(L)'
;MMSLDIQCEQLSDARWTELLPLIQQYEVVRLDDCGLTEVRCKDISSAVQANPALTELSLRTNELGDGGVGLVLQGLQNPT
CKIQKLSLQNCGLTEAGCGILPGMLRSLSTLRELHLNDNPMGDAGLKLLCEGLQDPQCRLEKLQLEYCNLTATSCEPLAS
VLRVKADFKELVLSNNDLHEPGVRILCQGLKDSACQLESLKLENCGITAANCKDLCDVVASKASLQELDLSSNKLGNAGI
AALCPGLLLPSCKLRTLWLWECDITAEGCKDLCRVLRAKQSLKELSLASNELKDEGARLLCESLLEPGCQLESLWIKTCS
LTAASCPYFCSVLTKSRSLLELQMSSNPLGDEGVQELCKALSQPDTVLRELWLGDCDVTNSGCSSLANVLLANRSLRELD
LSNNCMGGPGVLQLLESLKQPSCTLQQLVLYDIYWTNEVEEQLRALEEERPSLRIIS
;
E,F,G,H
#
loop_
_chem_comp.id
_chem_comp.type
_chem_comp.name
_chem_comp.formula
EDO non-polymer 1,2-ETHANEDIOL 'C2 H6 O2'
PEG non-polymer DI(HYDROXYETHYL)ETHER 'C4 H10 O3'
#
# COMPACT_ATOMS: atom_id res chain seq x y z
N ARG A 2 17.93 -24.96 -47.43
CA ARG A 2 18.35 -23.86 -48.29
C ARG A 2 17.18 -23.32 -49.09
N GLU A 3 16.94 -22.02 -48.98
CA GLU A 3 15.91 -21.36 -49.77
C GLU A 3 16.49 -20.08 -50.33
N SER A 4 15.98 -19.63 -51.47
CA SER A 4 16.42 -18.36 -52.02
C SER A 4 15.78 -17.23 -51.23
N ALA A 5 16.30 -16.03 -51.38
CA ALA A 5 15.73 -14.87 -50.72
C ALA A 5 14.27 -14.69 -51.14
N ALA A 6 14.01 -14.91 -52.43
CA ALA A 6 12.65 -14.76 -52.97
C ALA A 6 11.68 -15.76 -52.34
N GLN A 7 12.17 -16.94 -52.02
CA GLN A 7 11.34 -17.96 -51.40
C GLN A 7 11.09 -17.62 -49.93
N LYS A 8 12.11 -17.10 -49.29
CA LYS A 8 12.03 -16.70 -47.89
C LYS A 8 11.02 -15.57 -47.73
N PHE A 9 11.01 -14.66 -48.69
CA PHE A 9 10.07 -13.54 -48.67
C PHE A 9 8.62 -14.02 -48.76
N GLN A 10 8.37 -15.03 -49.58
CA GLN A 10 7.02 -15.55 -49.74
C GLN A 10 6.56 -16.27 -48.47
N ARG A 11 7.45 -17.08 -47.91
CA ARG A 11 7.18 -17.80 -46.68
C ARG A 11 6.84 -16.83 -45.54
N GLN A 12 7.59 -15.74 -45.45
CA GLN A 12 7.45 -14.83 -44.32
C GLN A 12 6.42 -13.71 -44.54
N HIS A 13 6.09 -13.41 -45.78
CA HIS A 13 5.27 -12.23 -46.06
C HIS A 13 4.09 -12.42 -47.01
N MET A 14 3.95 -13.59 -47.60
CA MET A 14 2.90 -13.80 -48.59
C MET A 14 1.80 -14.74 -48.13
N ASP A 15 0.57 -14.24 -48.11
CA ASP A 15 -0.60 -15.05 -47.79
C ASP A 15 -1.79 -14.54 -48.60
N PRO A 16 -1.73 -14.71 -49.93
CA PRO A 16 -2.70 -14.14 -50.88
C PRO A 16 -4.14 -14.38 -50.45
N ASP A 17 -4.48 -15.63 -50.13
CA ASP A 17 -5.86 -16.01 -49.88
C ASP A 17 -6.25 -15.92 -48.41
N GLY A 18 -5.26 -15.77 -47.54
CA GLY A 18 -5.51 -15.67 -46.12
C GLY A 18 -6.27 -14.42 -45.72
N SER A 19 -6.79 -14.43 -44.50
CA SER A 19 -7.51 -13.30 -43.95
C SER A 19 -7.48 -13.38 -42.42
N SER A 20 -7.32 -12.23 -41.77
CA SER A 20 -7.18 -12.21 -40.33
C SER A 20 -8.34 -11.49 -39.64
N ILE A 21 -9.17 -10.82 -40.41
CA ILE A 21 -10.24 -9.98 -39.86
C ILE A 21 -11.22 -10.73 -38.95
N ASN A 22 -11.38 -12.02 -39.18
CA ASN A 22 -12.27 -12.83 -38.34
C ASN A 22 -11.53 -13.63 -37.28
N SER A 23 -10.20 -13.60 -37.34
CA SER A 23 -9.38 -14.48 -36.50
C SER A 23 -8.31 -13.73 -35.73
N PRO A 24 -8.57 -13.47 -34.45
CA PRO A 24 -7.62 -12.77 -33.57
C PRO A 24 -6.37 -13.64 -33.32
N THR A 25 -6.46 -14.93 -33.60
CA THR A 25 -5.32 -15.82 -33.40
C THR A 25 -4.60 -16.11 -34.71
N TYR A 26 -4.90 -15.31 -35.73
CA TYR A 26 -4.30 -15.48 -37.04
C TYR A 26 -2.78 -15.49 -36.95
N CYS A 27 -2.21 -14.47 -36.33
CA CYS A 27 -0.76 -14.36 -36.23
C CYS A 27 -0.14 -15.52 -35.47
N ASN A 28 -0.79 -15.97 -34.41
CA ASN A 28 -0.28 -17.10 -33.64
C ASN A 28 -0.10 -18.34 -34.48
N GLN A 29 -1.09 -18.61 -35.34
CA GLN A 29 -1.04 -19.74 -36.25
C GLN A 29 -0.01 -19.53 -37.35
N MET A 30 -0.06 -18.37 -38.01
CA MET A 30 0.77 -18.12 -39.17
C MET A 30 2.26 -18.00 -38.84
N MET A 31 2.59 -17.31 -37.76
CA MET A 31 3.99 -17.16 -37.37
C MET A 31 4.60 -18.51 -37.07
N LYS A 32 3.80 -19.39 -36.47
CA LYS A 32 4.25 -20.75 -36.16
C LYS A 32 4.32 -21.61 -37.42
N ARG A 33 3.29 -21.56 -38.24
CA ARG A 33 3.25 -22.33 -39.47
C ARG A 33 4.37 -21.95 -40.45
N ARG A 34 4.66 -20.65 -40.53
CA ARG A 34 5.63 -20.15 -41.49
C ARG A 34 7.06 -20.19 -40.95
N ASP A 35 7.25 -20.93 -39.86
CA ASP A 35 8.58 -21.17 -39.30
C ASP A 35 9.27 -19.87 -38.85
N MET A 36 8.51 -19.02 -38.16
CA MET A 36 9.08 -17.77 -37.66
C MET A 36 9.06 -17.71 -36.13
N THR A 37 8.80 -18.85 -35.51
CA THR A 37 8.86 -18.95 -34.05
C THR A 37 9.81 -20.07 -33.63
N ASN A 38 10.71 -20.43 -34.54
CA ASN A 38 11.65 -21.52 -34.29
C ASN A 38 12.99 -21.00 -33.77
N GLY A 39 13.24 -21.22 -32.49
CA GLY A 39 14.48 -20.80 -31.88
C GLY A 39 14.36 -19.41 -31.26
N SER A 40 13.52 -18.57 -31.86
CA SER A 40 13.24 -17.24 -31.34
C SER A 40 11.96 -16.70 -31.96
N CYS A 41 11.19 -15.95 -31.17
CA CYS A 41 9.94 -15.36 -31.65
C CYS A 41 10.23 -14.11 -32.46
N LYS A 42 9.94 -14.15 -33.76
CA LYS A 42 10.09 -12.97 -34.60
C LYS A 42 9.26 -11.84 -34.00
N PRO A 43 9.92 -10.75 -33.58
CA PRO A 43 9.29 -9.64 -32.87
C PRO A 43 8.11 -9.04 -33.62
N VAL A 44 8.29 -8.83 -34.92
CA VAL A 44 7.25 -8.20 -35.73
C VAL A 44 7.32 -8.73 -37.17
N ASN A 45 6.17 -8.81 -37.82
CA ASN A 45 6.09 -9.34 -39.17
C ASN A 45 4.82 -8.91 -39.89
N THR A 46 4.92 -8.73 -41.20
CA THR A 46 3.75 -8.35 -41.98
C THR A 46 3.43 -9.40 -43.03
N PHE A 47 2.15 -9.77 -43.11
CA PHE A 47 1.67 -10.64 -44.17
C PHE A 47 0.87 -9.85 -45.18
N VAL A 48 1.08 -10.13 -46.46
CA VAL A 48 0.35 -9.44 -47.52
C VAL A 48 -0.69 -10.36 -48.14
N HIS A 49 -1.93 -9.87 -48.20
CA HIS A 49 -3.03 -10.66 -48.75
C HIS A 49 -3.38 -10.18 -50.15
N GLU A 50 -2.42 -10.34 -51.07
CA GLU A 50 -2.61 -9.99 -52.47
C GLU A 50 -1.99 -11.12 -53.29
N PRO A 51 -2.41 -11.25 -54.56
CA PRO A 51 -1.80 -12.25 -55.46
C PRO A 51 -0.28 -12.08 -55.51
N LEU A 52 0.46 -13.19 -55.55
CA LEU A 52 1.91 -13.12 -55.60
C LEU A 52 2.39 -12.23 -56.73
N ALA A 53 1.71 -12.34 -57.87
CA ALA A 53 2.07 -11.58 -59.06
C ALA A 53 1.88 -10.08 -58.84
N ASP A 54 0.94 -9.72 -57.98
CA ASP A 54 0.69 -8.32 -57.65
C ASP A 54 1.82 -7.72 -56.81
N VAL A 55 2.30 -8.50 -55.83
CA VAL A 55 3.40 -8.05 -54.99
C VAL A 55 4.70 -7.97 -55.80
N GLN A 56 4.87 -8.93 -56.72
CA GLN A 56 6.06 -8.93 -57.58
C GLN A 56 6.07 -7.73 -58.52
N ALA A 57 4.89 -7.30 -58.95
CA ALA A 57 4.76 -6.15 -59.84
C ALA A 57 5.27 -4.86 -59.18
N VAL A 58 5.34 -4.86 -57.86
CA VAL A 58 5.79 -3.69 -57.11
C VAL A 58 7.23 -3.29 -57.48
N CYS A 59 8.03 -4.28 -57.85
CA CYS A 59 9.43 -4.04 -58.23
C CYS A 59 9.51 -3.18 -59.50
N SER A 60 8.39 -3.05 -60.19
CA SER A 60 8.32 -2.25 -61.41
C SER A 60 7.60 -0.92 -61.15
N GLN A 61 7.51 -0.55 -59.87
CA GLN A 61 6.81 0.68 -59.50
C GLN A 61 7.77 1.66 -58.81
N GLU A 62 7.24 2.64 -58.11
CA GLU A 62 8.05 3.77 -57.65
C GLU A 62 9.30 3.35 -56.88
N ASN A 63 10.45 3.81 -57.35
CA ASN A 63 11.71 3.55 -56.67
C ASN A 63 11.86 4.50 -55.48
N VAL A 64 12.21 3.94 -54.33
CA VAL A 64 12.45 4.74 -53.14
C VAL A 64 13.66 4.19 -52.41
N THR A 65 14.11 4.90 -51.38
CA THR A 65 15.28 4.46 -50.63
C THR A 65 14.88 3.49 -49.52
N CYS A 66 15.65 2.41 -49.38
CA CYS A 66 15.45 1.47 -48.29
C CYS A 66 15.82 2.15 -46.97
N LYS A 67 15.25 1.66 -45.88
CA LYS A 67 15.50 2.23 -44.55
C LYS A 67 16.98 2.21 -44.18
N ASN A 68 17.70 1.21 -44.65
CA ASN A 68 19.15 1.13 -44.40
C ASN A 68 19.96 1.90 -45.45
N ARG A 69 19.25 2.65 -46.29
CA ARG A 69 19.85 3.54 -47.28
C ARG A 69 20.23 2.86 -48.60
N LYS A 70 19.98 1.56 -48.72
CA LYS A 70 20.07 0.89 -50.01
C LYS A 70 19.13 1.60 -50.96
N SER A 71 19.37 1.47 -52.26
CA SER A 71 18.58 2.21 -53.25
C SER A 71 17.63 1.33 -54.06
N ASN A 72 17.65 0.03 -53.79
CA ASN A 72 16.77 -0.91 -54.52
C ASN A 72 15.47 -1.23 -53.79
N CYS A 73 14.76 -0.20 -53.35
CA CYS A 73 13.45 -0.37 -52.72
C CYS A 73 12.33 0.22 -53.56
N TYR A 74 11.14 -0.36 -53.45
CA TYR A 74 10.01 0.03 -54.30
C TYR A 74 8.72 0.13 -53.50
N LYS A 75 7.97 1.20 -53.73
CA LYS A 75 6.69 1.40 -53.06
C LYS A 75 5.55 1.02 -53.98
N SER A 76 4.58 0.28 -53.44
CA SER A 76 3.41 -0.13 -54.23
C SER A 76 2.61 1.10 -54.62
N SER A 77 2.06 1.08 -55.83
CA SER A 77 1.28 2.21 -56.32
C SER A 77 -0.04 2.33 -55.56
N SER A 78 -0.63 1.20 -55.22
CA SER A 78 -1.89 1.19 -54.48
C SER A 78 -1.72 0.57 -53.10
N ALA A 79 -2.60 0.96 -52.18
CA ALA A 79 -2.60 0.39 -50.84
C ALA A 79 -3.01 -1.08 -50.90
N LEU A 80 -2.23 -1.95 -50.24
CA LEU A 80 -2.50 -3.38 -50.25
C LEU A 80 -3.08 -3.86 -48.92
N HIS A 81 -3.75 -5.01 -48.96
CA HIS A 81 -4.31 -5.60 -47.74
C HIS A 81 -3.22 -6.32 -46.95
N ILE A 82 -3.00 -5.88 -45.72
CA ILE A 82 -1.94 -6.46 -44.90
C ILE A 82 -2.41 -6.83 -43.50
N THR A 83 -1.74 -7.82 -42.91
CA THR A 83 -1.92 -8.17 -41.51
C THR A 83 -0.58 -8.00 -40.81
N ASP A 84 -0.58 -7.22 -39.73
CA ASP A 84 0.62 -7.04 -38.93
C ASP A 84 0.58 -7.98 -37.73
N CYS A 85 1.74 -8.54 -37.39
CA CYS A 85 1.87 -9.40 -36.22
C CYS A 85 2.92 -8.80 -35.29
N HIS A 86 2.50 -8.48 -34.06
CA HIS A 86 3.40 -7.92 -33.07
C HIS A 86 3.48 -8.82 -31.86
N LEU A 87 4.69 -9.30 -31.58
CA LEU A 87 4.92 -10.14 -30.40
C LEU A 87 4.52 -9.42 -29.11
N LYS A 88 3.73 -10.09 -28.28
CA LYS A 88 3.27 -9.51 -27.02
C LYS A 88 4.34 -9.61 -25.92
N GLY A 89 4.34 -8.64 -25.01
CA GLY A 89 5.34 -8.58 -23.95
C GLY A 89 5.21 -9.68 -22.91
N ASN A 90 4.17 -10.50 -23.05
CA ASN A 90 3.98 -11.64 -22.16
C ASN A 90 4.65 -12.88 -22.71
N SER A 91 5.26 -12.76 -23.88
CA SER A 91 5.90 -13.88 -24.54
C SER A 91 7.22 -14.26 -23.88
N LYS A 92 7.45 -15.56 -23.77
CA LYS A 92 8.76 -16.08 -23.43
C LYS A 92 8.95 -17.38 -24.21
N TYR A 93 9.87 -17.36 -25.17
CA TYR A 93 10.14 -18.55 -25.96
C TYR A 93 10.20 -19.77 -25.04
N PRO A 94 9.61 -20.90 -25.47
CA PRO A 94 9.01 -21.14 -26.80
C PRO A 94 7.57 -20.67 -26.93
N ASN A 95 7.06 -19.92 -25.96
CA ASN A 95 5.70 -19.39 -26.05
C ASN A 95 5.64 -18.04 -26.74
N CYS A 96 5.16 -18.04 -27.99
CA CYS A 96 5.10 -16.83 -28.80
C CYS A 96 3.66 -16.39 -29.03
N ASP A 97 3.21 -15.39 -28.27
CA ASP A 97 1.86 -14.85 -28.41
C ASP A 97 1.90 -13.51 -29.14
N TYR A 98 1.09 -13.39 -30.20
CA TYR A 98 1.10 -12.22 -31.08
C TYR A 98 -0.19 -11.43 -31.05
N LYS A 99 -0.08 -10.11 -31.23
CA LYS A 99 -1.25 -9.26 -31.47
C LYS A 99 -1.47 -9.15 -32.97
N THR A 100 -2.70 -9.41 -33.41
CA THR A 100 -3.05 -9.33 -34.83
C THR A 100 -3.78 -8.03 -35.16
N THR A 101 -3.25 -7.30 -36.14
CA THR A 101 -3.89 -6.08 -36.63
C THR A 101 -3.94 -6.08 -38.16
N GLN A 102 -4.98 -5.47 -38.72
CA GLN A 102 -5.15 -5.42 -40.17
C GLN A 102 -5.16 -3.98 -40.65
N TYR A 103 -4.61 -3.77 -41.85
CA TYR A 103 -4.59 -2.45 -42.45
C TYR A 103 -4.66 -2.57 -43.96
N GLN A 104 -4.93 -1.44 -44.62
CA GLN A 104 -4.74 -1.35 -46.06
C GLN A 104 -3.77 -0.21 -46.31
N LYS A 105 -2.52 -0.56 -46.63
CA LYS A 105 -1.48 0.44 -46.74
C LYS A 105 -0.52 0.11 -47.88
N HIS A 106 0.20 1.12 -48.36
CA HIS A 106 1.23 0.91 -49.35
C HIS A 106 2.39 0.18 -48.70
N ILE A 107 3.01 -0.73 -49.43
CA ILE A 107 4.16 -1.46 -48.91
C ILE A 107 5.44 -1.06 -49.63
N ILE A 108 6.57 -1.20 -48.93
CA ILE A 108 7.88 -0.94 -49.51
C ILE A 108 8.74 -2.19 -49.41
N VAL A 109 9.16 -2.72 -50.56
CA VAL A 109 9.94 -3.94 -50.59
C VAL A 109 11.28 -3.71 -51.28
N ALA A 110 12.27 -4.54 -50.94
CA ALA A 110 13.54 -4.52 -51.64
C ALA A 110 13.55 -5.65 -52.67
N CYS A 111 13.93 -5.32 -53.90
CA CYS A 111 13.96 -6.30 -54.98
C CYS A 111 15.39 -6.60 -55.40
N GLU A 112 15.66 -7.88 -55.69
CA GLU A 112 17.01 -8.31 -56.02
C GLU A 112 16.99 -9.46 -57.04
N GLY A 113 18.16 -9.79 -57.56
CA GLY A 113 18.33 -10.95 -58.41
C GLY A 113 17.66 -10.89 -59.77
N ASN A 114 17.70 -12.03 -60.47
CA ASN A 114 17.05 -12.19 -61.76
C ASN A 114 16.36 -13.54 -61.82
N PRO A 115 15.02 -13.54 -61.89
CA PRO A 115 14.19 -12.35 -62.15
C PRO A 115 14.11 -11.38 -60.97
N TYR A 116 13.72 -10.15 -61.27
CA TYR A 116 13.68 -9.07 -60.28
C TYR A 116 12.44 -9.19 -59.40
N VAL A 117 12.62 -9.77 -58.21
CA VAL A 117 11.50 -10.04 -57.32
C VAL A 117 11.80 -9.62 -55.88
N PRO A 118 10.76 -9.47 -55.05
CA PRO A 118 10.94 -9.11 -53.64
C PRO A 118 11.82 -10.11 -52.89
N VAL A 119 12.78 -9.60 -52.12
CA VAL A 119 13.65 -10.42 -51.31
C VAL A 119 13.66 -9.93 -49.86
N HIS A 120 12.91 -8.87 -49.60
CA HIS A 120 12.91 -8.25 -48.27
C HIS A 120 11.73 -7.29 -48.10
N PHE A 121 11.03 -7.41 -46.99
CA PHE A 121 9.95 -6.49 -46.67
C PHE A 121 10.49 -5.32 -45.85
N ASP A 122 10.45 -4.12 -46.41
CA ASP A 122 11.07 -2.97 -45.77
C ASP A 122 10.15 -2.18 -44.84
N ALA A 123 8.93 -1.88 -45.30
CA ALA A 123 8.04 -1.04 -44.52
C ALA A 123 6.64 -0.91 -45.11
N THR A 124 5.72 -0.38 -44.30
CA THR A 124 4.41 0.01 -44.77
C THR A 124 4.23 1.50 -44.52
N VAL A 125 3.66 2.20 -45.49
CA VAL A 125 3.51 3.64 -45.38
C VAL A 125 2.05 4.04 -45.57
N GLU B 3 -6.88 36.32 -9.81
CA GLU B 3 -7.92 37.34 -9.94
C GLU B 3 -7.33 38.70 -10.26
N SER B 4 -7.69 39.25 -11.43
CA SER B 4 -7.23 40.56 -11.83
C SER B 4 -7.99 41.67 -11.10
N ALA B 5 -7.48 42.89 -11.20
CA ALA B 5 -8.13 44.04 -10.59
C ALA B 5 -9.49 44.28 -11.22
N ALA B 6 -9.61 43.94 -12.50
CA ALA B 6 -10.86 44.07 -13.24
C ALA B 6 -11.91 43.08 -12.72
N GLN B 7 -11.45 41.88 -12.35
CA GLN B 7 -12.35 40.88 -11.81
C GLN B 7 -12.71 41.23 -10.36
N LYS B 8 -11.71 41.73 -9.62
CA LYS B 8 -11.93 42.15 -8.24
C LYS B 8 -13.00 43.24 -8.18
N PHE B 9 -12.89 44.21 -9.07
CA PHE B 9 -13.87 45.29 -9.16
C PHE B 9 -15.28 44.74 -9.34
N GLN B 10 -15.44 43.81 -10.28
CA GLN B 10 -16.74 43.18 -10.50
C GLN B 10 -17.25 42.47 -9.25
N ARG B 11 -16.38 41.67 -8.63
CA ARG B 11 -16.75 40.90 -7.46
C ARG B 11 -17.18 41.80 -6.29
N GLN B 12 -16.46 42.89 -6.10
CA GLN B 12 -16.70 43.76 -4.96
C GLN B 12 -17.75 44.84 -5.20
N HIS B 13 -18.04 45.14 -6.46
CA HIS B 13 -18.84 46.33 -6.76
C HIS B 13 -20.00 46.16 -7.75
N MET B 14 -20.01 45.06 -8.49
CA MET B 14 -21.05 44.85 -9.51
C MET B 14 -22.17 43.93 -9.05
N ASP B 15 -23.40 44.44 -9.05
CA ASP B 15 -24.59 43.62 -8.80
C ASP B 15 -25.78 44.09 -9.65
N PRO B 16 -25.69 43.90 -10.97
CA PRO B 16 -26.67 44.42 -11.94
C PRO B 16 -28.11 44.15 -11.56
N ASP B 17 -28.44 42.89 -11.32
CA ASP B 17 -29.82 42.47 -11.11
C ASP B 17 -30.22 42.48 -9.63
N GLY B 18 -29.41 43.15 -8.80
CA GLY B 18 -29.66 43.18 -7.37
C GLY B 18 -30.49 44.36 -6.91
N SER B 19 -31.05 44.25 -5.72
CA SER B 19 -31.82 45.35 -5.12
C SER B 19 -31.80 45.24 -3.61
N SER B 20 -31.66 46.38 -2.93
CA SER B 20 -31.53 46.41 -1.48
C SER B 20 -32.69 47.14 -0.80
N ILE B 21 -33.48 47.87 -1.58
CA ILE B 21 -34.52 48.73 -1.02
C ILE B 21 -35.57 47.99 -0.19
N ASN B 22 -35.83 46.72 -0.52
CA ASN B 22 -36.77 45.92 0.25
C ASN B 22 -36.09 45.01 1.26
N SER B 23 -34.76 45.08 1.34
CA SER B 23 -34.00 44.12 2.13
C SER B 23 -32.88 44.76 2.95
N PRO B 24 -33.13 45.03 4.23
CA PRO B 24 -32.16 45.65 5.15
C PRO B 24 -30.94 44.78 5.42
N THR B 25 -31.07 43.48 5.14
CA THR B 25 -29.96 42.55 5.35
C THR B 25 -29.17 42.33 4.06
N TYR B 26 -29.49 43.10 3.02
CA TYR B 26 -28.83 42.95 1.73
C TYR B 26 -27.31 42.97 1.87
N CYS B 27 -26.78 43.90 2.66
CA CYS B 27 -25.32 44.04 2.78
C CYS B 27 -24.66 42.89 3.55
N ASN B 28 -25.30 42.44 4.63
CA ASN B 28 -24.76 41.30 5.36
C ASN B 28 -24.59 40.07 4.47
N GLN B 29 -25.51 39.90 3.53
CA GLN B 29 -25.47 38.75 2.63
C GLN B 29 -24.44 38.94 1.52
N MET B 30 -24.54 40.07 0.82
CA MET B 30 -23.66 40.36 -0.30
C MET B 30 -22.19 40.49 0.09
N MET B 31 -21.92 41.16 1.21
CA MET B 31 -20.55 41.33 1.67
C MET B 31 -19.93 39.97 1.99
N LYS B 32 -20.75 39.06 2.52
CA LYS B 32 -20.29 37.70 2.79
C LYS B 32 -20.13 36.89 1.51
N ARG B 33 -21.13 36.95 0.62
CA ARG B 33 -21.07 36.20 -0.63
C ARG B 33 -19.89 36.62 -1.49
N ARG B 34 -19.62 37.91 -1.51
CA ARG B 34 -18.59 38.47 -2.39
C ARG B 34 -17.20 38.46 -1.76
N ASP B 35 -17.07 37.71 -0.68
CA ASP B 35 -15.76 37.46 -0.07
C ASP B 35 -15.11 38.73 0.48
N MET B 36 -15.91 39.58 1.11
CA MET B 36 -15.38 40.81 1.69
C MET B 36 -15.47 40.81 3.21
N THR B 37 -15.73 39.64 3.78
CA THR B 37 -15.67 39.47 5.23
C THR B 37 -14.71 38.33 5.59
N ASN B 38 -13.74 38.10 4.70
CA ASN B 38 -12.79 37.01 4.87
C ASN B 38 -11.48 37.52 5.47
N GLY B 39 -11.20 37.13 6.71
CA GLY B 39 -10.02 37.60 7.41
C GLY B 39 -10.26 38.94 8.09
N SER B 40 -11.10 39.77 7.48
CA SER B 40 -11.40 41.10 8.01
C SER B 40 -12.67 41.66 7.39
N CYS B 41 -13.46 42.39 8.17
CA CYS B 41 -14.68 42.99 7.65
C CYS B 41 -14.34 44.26 6.89
N LYS B 42 -14.65 44.29 5.60
CA LYS B 42 -14.48 45.51 4.83
C LYS B 42 -15.35 46.59 5.45
N PRO B 43 -14.74 47.69 5.90
CA PRO B 43 -15.45 48.74 6.62
C PRO B 43 -16.58 49.38 5.82
N VAL B 44 -16.38 49.56 4.52
CA VAL B 44 -17.39 50.20 3.68
C VAL B 44 -17.27 49.73 2.23
N ASN B 45 -18.40 49.64 1.55
CA ASN B 45 -18.41 49.14 0.18
C ASN B 45 -19.66 49.59 -0.57
N THR B 46 -19.53 49.76 -1.89
CA THR B 46 -20.63 50.19 -2.73
C THR B 46 -20.91 49.17 -3.83
N PHE B 47 -22.17 48.79 -3.97
CA PHE B 47 -22.60 47.90 -5.05
C PHE B 47 -23.35 48.70 -6.11
N VAL B 48 -23.11 48.37 -7.38
CA VAL B 48 -23.70 49.10 -8.49
C VAL B 48 -24.70 48.22 -9.23
N HIS B 49 -25.94 48.69 -9.34
CA HIS B 49 -27.00 47.91 -9.98
C HIS B 49 -27.28 48.42 -11.40
N GLU B 50 -26.32 48.19 -12.29
CA GLU B 50 -26.45 48.57 -13.69
C GLU B 50 -25.71 47.53 -14.51
N PRO B 51 -26.02 47.44 -15.81
CA PRO B 51 -25.30 46.48 -16.66
C PRO B 51 -23.79 46.71 -16.60
N LEU B 52 -23.03 45.62 -16.63
CA LEU B 52 -21.57 45.69 -16.58
C LEU B 52 -21.02 46.63 -17.65
N ALA B 53 -21.61 46.57 -18.84
CA ALA B 53 -21.16 47.40 -19.95
C ALA B 53 -21.39 48.89 -19.67
N ASP B 54 -22.47 49.20 -18.99
CA ASP B 54 -22.75 50.59 -18.61
C ASP B 54 -21.63 51.13 -17.74
N VAL B 55 -21.22 50.35 -16.75
CA VAL B 55 -20.15 50.75 -15.85
C VAL B 55 -18.81 50.87 -16.57
N GLN B 56 -18.54 49.93 -17.47
CA GLN B 56 -17.32 49.98 -18.25
C GLN B 56 -17.27 51.23 -19.12
N ALA B 57 -18.43 51.72 -19.52
CA ALA B 57 -18.52 52.90 -20.38
C ALA B 57 -18.06 54.17 -19.66
N VAL B 58 -18.08 54.13 -18.33
CA VAL B 58 -17.66 55.27 -17.52
C VAL B 58 -16.20 55.63 -17.81
N CYS B 59 -15.41 54.64 -18.24
CA CYS B 59 -14.00 54.87 -18.56
C CYS B 59 -13.81 55.79 -19.76
N SER B 60 -14.87 56.00 -20.54
CA SER B 60 -14.79 56.88 -21.70
C SER B 60 -15.62 58.14 -21.48
N GLN B 61 -15.98 58.39 -20.23
CA GLN B 61 -16.75 59.57 -19.89
C GLN B 61 -15.88 60.65 -19.23
N GLU B 62 -16.44 61.43 -18.32
CA GLU B 62 -15.73 62.59 -17.79
C GLU B 62 -14.53 62.23 -16.92
N ASN B 63 -13.37 62.72 -17.31
CA ASN B 63 -12.13 62.46 -16.59
C ASN B 63 -12.00 63.37 -15.36
N VAL B 64 -11.81 62.76 -14.19
CA VAL B 64 -11.65 63.50 -12.94
C VAL B 64 -10.47 62.96 -12.13
N THR B 65 -10.23 63.56 -10.97
CA THR B 65 -9.11 63.15 -10.12
C THR B 65 -9.55 62.15 -9.05
N CYS B 66 -8.75 61.11 -8.85
CA CYS B 66 -9.02 60.13 -7.81
C CYS B 66 -8.75 60.75 -6.45
N LYS B 67 -9.30 60.14 -5.40
CA LYS B 67 -9.14 60.66 -4.04
C LYS B 67 -7.68 60.75 -3.63
N ASN B 68 -6.88 59.84 -4.16
CA ASN B 68 -5.45 59.82 -3.84
C ASN B 68 -4.63 60.65 -4.83
N ARG B 69 -5.32 61.43 -5.65
CA ARG B 69 -4.68 62.37 -6.58
C ARG B 69 -4.17 61.74 -7.88
N LYS B 70 -4.40 60.45 -8.05
CA LYS B 70 -4.19 59.82 -9.35
C LYS B 70 -5.14 60.48 -10.34
N SER B 71 -4.74 60.56 -11.60
CA SER B 71 -5.51 61.31 -12.59
C SER B 71 -6.34 60.45 -13.52
N ASN B 72 -6.31 59.13 -13.31
CA ASN B 72 -7.05 58.21 -14.17
C ASN B 72 -8.41 57.77 -13.61
N CYS B 73 -9.14 58.72 -13.04
CA CYS B 73 -10.49 58.46 -12.54
C CYS B 73 -11.54 59.07 -13.48
N TYR B 74 -12.75 58.54 -13.41
CA TYR B 74 -13.81 58.94 -14.34
C TYR B 74 -15.17 58.97 -13.66
N LYS B 75 -15.95 60.01 -13.95
CA LYS B 75 -17.29 60.16 -13.37
C LYS B 75 -18.37 59.80 -14.37
N SER B 76 -19.34 59.00 -13.92
CA SER B 76 -20.47 58.61 -14.74
C SER B 76 -21.28 59.81 -15.20
N SER B 77 -21.71 59.79 -16.45
CA SER B 77 -22.51 60.88 -16.99
C SER B 77 -23.88 60.98 -16.31
N SER B 78 -24.42 59.85 -15.89
CA SER B 78 -25.73 59.83 -15.23
C SER B 78 -25.64 59.20 -13.84
N ALA B 79 -26.57 59.59 -12.97
CA ALA B 79 -26.66 58.98 -11.64
C ALA B 79 -27.06 57.52 -11.78
N LEU B 80 -26.34 56.65 -11.09
CA LEU B 80 -26.57 55.21 -11.18
C LEU B 80 -27.17 54.70 -9.88
N HIS B 81 -27.89 53.58 -9.96
CA HIS B 81 -28.48 52.97 -8.77
C HIS B 81 -27.39 52.24 -7.97
N ILE B 82 -27.19 52.65 -6.72
CA ILE B 82 -26.16 52.05 -5.89
C ILE B 82 -26.65 51.69 -4.51
N THR B 83 -25.92 50.80 -3.85
CA THR B 83 -26.18 50.43 -2.48
C THR B 83 -24.88 50.55 -1.67
N ASP B 84 -24.92 51.34 -0.60
CA ASP B 84 -23.77 51.47 0.28
C ASP B 84 -23.88 50.49 1.44
N CYS B 85 -22.76 49.88 1.79
CA CYS B 85 -22.69 49.01 2.97
C CYS B 85 -21.69 49.59 3.97
N HIS B 86 -22.16 49.92 5.17
CA HIS B 86 -21.30 50.43 6.22
C HIS B 86 -21.28 49.50 7.43
N LEU B 87 -20.08 49.04 7.79
CA LEU B 87 -19.90 48.17 8.94
C LEU B 87 -20.35 48.87 10.21
N LYS B 88 -21.26 48.24 10.94
CA LYS B 88 -21.75 48.79 12.20
C LYS B 88 -20.72 48.60 13.31
N GLY B 89 -20.61 49.60 14.17
CA GLY B 89 -19.63 49.58 15.25
C GLY B 89 -19.86 48.50 16.28
N ASN B 90 -20.81 47.61 16.00
CA ASN B 90 -21.06 46.46 16.86
C ASN B 90 -20.32 45.24 16.35
N SER B 91 -19.71 45.37 15.17
CA SER B 91 -19.06 44.25 14.52
C SER B 91 -17.71 43.94 15.15
N LYS B 92 -17.45 42.65 15.33
CA LYS B 92 -16.12 42.19 15.71
C LYS B 92 -15.87 40.87 14.97
N TYR B 93 -14.96 40.91 14.00
CA TYR B 93 -14.63 39.73 13.22
C TYR B 93 -14.52 38.52 14.14
N PRO B 94 -15.06 37.37 13.71
CA PRO B 94 -15.63 37.09 12.38
C PRO B 94 -17.10 37.50 12.21
N ASN B 95 -17.67 38.24 13.15
CA ASN B 95 -19.06 38.69 12.99
C ASN B 95 -19.15 40.09 12.41
N CYS B 96 -19.52 40.17 11.13
CA CYS B 96 -19.58 41.45 10.41
C CYS B 96 -21.02 41.85 10.13
N ASP B 97 -21.51 42.89 10.84
CA ASP B 97 -22.86 43.40 10.64
C ASP B 97 -22.82 44.76 9.93
N TYR B 98 -23.56 44.86 8.82
CA TYR B 98 -23.54 46.06 7.97
C TYR B 98 -24.87 46.82 7.98
N LYS B 99 -24.79 48.14 7.81
CA LYS B 99 -25.98 48.96 7.58
C LYS B 99 -26.18 49.15 6.09
N THR B 100 -27.39 48.90 5.62
CA THR B 100 -27.70 48.99 4.20
C THR B 100 -28.39 50.30 3.84
N THR B 101 -27.75 51.09 2.98
CA THR B 101 -28.37 52.29 2.43
C THR B 101 -28.26 52.27 0.91
N GLN B 102 -29.18 52.94 0.25
CA GLN B 102 -29.23 52.95 -1.21
C GLN B 102 -29.50 54.35 -1.72
N TYR B 103 -28.96 54.65 -2.90
CA TYR B 103 -29.07 55.98 -3.47
C TYR B 103 -29.05 55.91 -4.99
N GLN B 104 -29.25 57.07 -5.60
CA GLN B 104 -29.06 57.21 -7.03
C GLN B 104 -28.04 58.33 -7.23
N LYS B 105 -26.80 57.95 -7.55
CA LYS B 105 -25.70 58.90 -7.62
C LYS B 105 -24.75 58.60 -8.77
N HIS B 106 -24.03 59.64 -9.20
CA HIS B 106 -22.91 59.46 -10.11
C HIS B 106 -21.80 58.73 -9.39
N ILE B 107 -21.11 57.84 -10.09
CA ILE B 107 -19.99 57.13 -9.49
C ILE B 107 -18.68 57.57 -10.13
N ILE B 108 -17.60 57.46 -9.37
CA ILE B 108 -16.26 57.73 -9.88
C ILE B 108 -15.41 56.48 -9.75
N VAL B 109 -14.86 56.02 -10.88
CA VAL B 109 -14.04 54.82 -10.88
C VAL B 109 -12.68 55.11 -11.50
N ALA B 110 -11.67 54.33 -11.13
CA ALA B 110 -10.36 54.41 -11.76
C ALA B 110 -10.29 53.39 -12.88
N CYS B 111 -9.58 53.73 -13.97
CA CYS B 111 -9.50 52.83 -15.11
C CYS B 111 -8.06 52.57 -15.54
N GLU B 112 -7.76 51.32 -15.87
CA GLU B 112 -6.44 50.92 -16.35
C GLU B 112 -6.57 49.83 -17.41
N GLY B 113 -5.48 49.62 -18.15
CA GLY B 113 -5.36 48.45 -19.01
C GLY B 113 -5.88 48.58 -20.42
N ASN B 114 -5.70 47.51 -21.19
CA ASN B 114 -6.28 47.37 -22.51
C ASN B 114 -6.94 45.99 -22.61
N PRO B 115 -8.28 45.96 -22.65
CA PRO B 115 -9.17 47.13 -22.69
C PRO B 115 -9.12 48.01 -21.43
N TYR B 116 -9.46 49.27 -21.60
CA TYR B 116 -9.49 50.26 -20.54
C TYR B 116 -10.75 50.08 -19.70
N VAL B 117 -10.61 49.42 -18.55
CA VAL B 117 -11.77 49.06 -17.75
C VAL B 117 -11.63 49.53 -16.30
N PRO B 118 -12.76 49.58 -15.56
CA PRO B 118 -12.73 49.94 -14.14
C PRO B 118 -11.88 48.96 -13.35
N VAL B 119 -10.99 49.47 -12.49
CA VAL B 119 -10.16 48.62 -11.66
C VAL B 119 -10.26 49.02 -10.20
N HIS B 120 -11.00 50.10 -9.95
CA HIS B 120 -11.15 50.62 -8.60
C HIS B 120 -12.39 51.52 -8.48
N PHE B 121 -13.15 51.33 -7.41
CA PHE B 121 -14.31 52.18 -7.13
C PHE B 121 -13.91 53.29 -6.16
N ASP B 122 -13.91 54.53 -6.65
CA ASP B 122 -13.32 55.62 -5.88
C ASP B 122 -14.31 56.39 -5.00
N ALA B 123 -15.48 56.72 -5.54
CA ALA B 123 -16.44 57.53 -4.79
C ALA B 123 -17.79 57.68 -5.49
N THR B 124 -18.76 58.18 -4.75
CA THR B 124 -20.06 58.52 -5.30
C THR B 124 -20.30 60.02 -5.18
N VAL B 125 -20.90 60.62 -6.19
CA VAL B 125 -21.13 62.06 -6.21
C VAL B 125 -22.63 62.36 -6.21
N GLU C 3 -5.19 -53.61 -7.87
CA GLU C 3 -4.05 -54.47 -7.62
C GLU C 3 -3.94 -54.85 -6.15
N SER C 4 -3.97 -56.15 -5.87
CA SER C 4 -3.81 -56.62 -4.50
C SER C 4 -2.35 -56.51 -4.09
N ALA C 5 -2.08 -56.72 -2.81
CA ALA C 5 -0.71 -56.69 -2.31
C ALA C 5 0.08 -57.86 -2.90
N ALA C 6 -0.58 -59.01 -3.00
CA ALA C 6 0.03 -60.20 -3.57
C ALA C 6 0.37 -59.99 -5.04
N GLN C 7 -0.52 -59.31 -5.76
CA GLN C 7 -0.26 -58.95 -7.15
C GLN C 7 0.91 -57.98 -7.24
N LYS C 8 0.89 -56.97 -6.36
CA LYS C 8 1.97 -56.00 -6.30
C LYS C 8 3.30 -56.72 -6.08
N PHE C 9 3.30 -57.65 -5.13
CA PHE C 9 4.48 -58.44 -4.82
C PHE C 9 5.06 -59.09 -6.08
N GLN C 10 4.18 -59.73 -6.86
CA GLN C 10 4.63 -60.42 -8.06
C GLN C 10 5.18 -59.46 -9.12
N ARG C 11 4.50 -58.33 -9.29
CA ARG C 11 4.96 -57.31 -10.22
C ARG C 11 6.32 -56.75 -9.82
N GLN C 12 6.59 -56.73 -8.53
CA GLN C 12 7.79 -56.08 -8.01
C GLN C 12 8.96 -57.04 -7.79
N HIS C 13 8.65 -58.29 -7.43
CA HIS C 13 9.69 -59.20 -6.96
C HIS C 13 9.74 -60.57 -7.63
N MET C 14 8.84 -60.81 -8.59
CA MET C 14 8.77 -62.13 -9.22
C MET C 14 9.18 -62.14 -10.70
N ASP C 15 10.08 -63.06 -11.05
CA ASP C 15 10.52 -63.21 -12.43
C ASP C 15 11.17 -64.57 -12.67
N PRO C 16 10.37 -65.63 -12.72
CA PRO C 16 10.88 -66.99 -12.97
C PRO C 16 11.57 -67.08 -14.32
N SER C 23 22.18 -60.52 -18.46
CA SER C 23 22.14 -59.18 -19.05
C SER C 23 22.51 -58.11 -18.02
N PRO C 24 23.48 -57.25 -18.36
CA PRO C 24 24.00 -56.21 -17.46
C PRO C 24 23.02 -55.06 -17.26
N THR C 25 22.09 -54.90 -18.19
CA THR C 25 21.08 -53.84 -18.09
C THR C 25 19.73 -54.43 -17.75
N TYR C 26 19.73 -55.61 -17.14
CA TYR C 26 18.51 -56.29 -16.75
C TYR C 26 17.63 -55.43 -15.83
N CYS C 27 18.24 -54.89 -14.79
CA CYS C 27 17.52 -54.05 -13.83
C CYS C 27 16.88 -52.81 -14.47
N ASN C 28 17.66 -52.08 -15.26
CA ASN C 28 17.15 -50.89 -15.93
C ASN C 28 15.87 -51.18 -16.74
N GLN C 29 15.80 -52.37 -17.32
CA GLN C 29 14.62 -52.77 -18.09
C GLN C 29 13.47 -53.25 -17.21
N MET C 30 13.78 -54.09 -16.23
CA MET C 30 12.74 -54.64 -15.36
C MET C 30 12.14 -53.60 -14.42
N MET C 31 12.97 -52.74 -13.84
CA MET C 31 12.49 -51.68 -12.99
C MET C 31 11.50 -50.80 -13.75
N LYS C 32 11.87 -50.44 -14.97
CA LYS C 32 11.01 -49.63 -15.83
C LYS C 32 9.73 -50.38 -16.20
N ARG C 33 9.89 -51.59 -16.72
CA ARG C 33 8.75 -52.41 -17.13
C ARG C 33 7.78 -52.67 -15.98
N ARG C 34 8.32 -52.98 -14.81
CA ARG C 34 7.48 -53.34 -13.66
C ARG C 34 6.97 -52.12 -12.90
N ASP C 35 7.08 -50.96 -13.52
CA ASP C 35 6.45 -49.74 -13.00
C ASP C 35 7.03 -49.30 -11.65
N MET C 36 8.35 -49.41 -11.52
CA MET C 36 9.02 -48.98 -10.28
C MET C 36 9.95 -47.80 -10.51
N THR C 37 9.77 -47.12 -11.64
CA THR C 37 10.51 -45.90 -11.93
C THR C 37 9.54 -44.77 -12.26
N ASN C 38 8.33 -44.89 -11.74
CA ASN C 38 7.27 -43.91 -12.01
C ASN C 38 7.18 -42.84 -10.92
N GLY C 39 7.65 -41.63 -11.25
CA GLY C 39 7.60 -40.52 -10.31
C GLY C 39 8.83 -40.46 -9.42
N SER C 40 9.42 -41.63 -9.18
CA SER C 40 10.60 -41.73 -8.33
C SER C 40 11.27 -43.09 -8.51
N CYS C 41 12.58 -43.09 -8.74
CA CYS C 41 13.30 -44.33 -8.93
C CYS C 41 13.34 -45.12 -7.63
N LYS C 42 12.85 -46.36 -7.67
CA LYS C 42 12.90 -47.22 -6.50
C LYS C 42 14.36 -47.46 -6.14
N PRO C 43 14.78 -46.97 -4.97
CA PRO C 43 16.17 -47.05 -4.51
C PRO C 43 16.78 -48.44 -4.65
N VAL C 44 16.05 -49.48 -4.27
CA VAL C 44 16.58 -50.83 -4.33
C VAL C 44 15.46 -51.86 -4.47
N ASN C 45 15.74 -52.94 -5.19
CA ASN C 45 14.74 -53.98 -5.43
C ASN C 45 15.34 -55.34 -5.75
N THR C 46 14.69 -56.39 -5.25
CA THR C 46 15.14 -57.76 -5.49
C THR C 46 14.14 -58.51 -6.36
N PHE C 47 14.63 -59.12 -7.43
CA PHE C 47 13.80 -59.98 -8.25
C PHE C 47 14.15 -61.44 -7.96
N VAL C 48 13.12 -62.29 -7.89
CA VAL C 48 13.33 -63.71 -7.63
C VAL C 48 13.10 -64.53 -8.90
N HIS C 49 14.10 -65.31 -9.28
CA HIS C 49 14.02 -66.14 -10.48
C HIS C 49 13.74 -67.59 -10.12
N GLU C 50 12.66 -67.81 -9.39
CA GLU C 50 12.25 -69.15 -9.00
C GLU C 50 10.77 -69.32 -9.34
N PRO C 51 10.31 -70.57 -9.41
CA PRO C 51 8.88 -70.82 -9.66
C PRO C 51 8.02 -70.04 -8.67
N LEU C 52 6.90 -69.52 -9.14
CA LEU C 52 5.99 -68.76 -8.29
C LEU C 52 5.60 -69.57 -7.05
N ALA C 53 5.54 -70.87 -7.19
CA ALA C 53 5.11 -71.75 -6.10
C ALA C 53 6.22 -72.02 -5.09
N ASP C 54 7.47 -71.92 -5.51
CA ASP C 54 8.60 -72.12 -4.61
C ASP C 54 8.66 -71.00 -3.57
N VAL C 55 8.32 -69.79 -3.99
CA VAL C 55 8.35 -68.64 -3.11
C VAL C 55 7.12 -68.63 -2.19
N GLN C 56 5.95 -68.88 -2.77
CA GLN C 56 4.71 -68.95 -1.99
C GLN C 56 4.71 -70.13 -1.05
N ALA C 57 5.66 -71.03 -1.25
CA ALA C 57 5.85 -72.17 -0.36
C ALA C 57 6.55 -71.73 0.91
N VAL C 58 7.17 -70.56 0.86
CA VAL C 58 7.87 -70.01 2.01
C VAL C 58 6.89 -69.43 3.02
N CYS C 59 5.69 -69.11 2.56
CA CYS C 59 4.62 -68.68 3.45
C CYS C 59 4.32 -69.78 4.47
N SER C 60 4.59 -71.01 4.07
CA SER C 60 4.40 -72.17 4.95
C SER C 60 5.73 -72.80 5.32
N GLN C 61 6.67 -71.97 5.76
CA GLN C 61 7.99 -72.44 6.19
C GLN C 61 8.40 -71.77 7.50
N GLU C 62 9.70 -71.59 7.70
CA GLU C 62 10.18 -71.03 8.96
C GLU C 62 9.69 -69.61 9.18
N ASN C 63 9.39 -69.29 10.45
CA ASN C 63 8.90 -67.97 10.81
C ASN C 63 10.03 -67.07 11.33
N VAL C 64 9.99 -65.79 10.96
CA VAL C 64 11.01 -64.84 11.37
C VAL C 64 10.41 -63.46 11.65
N THR C 65 11.25 -62.53 12.08
CA THR C 65 10.79 -61.19 12.43
C THR C 65 11.05 -60.18 11.31
N CYS C 66 10.02 -59.40 10.97
CA CYS C 66 10.12 -58.40 9.91
C CYS C 66 10.88 -57.17 10.37
N LYS C 67 11.45 -56.44 9.40
CA LYS C 67 12.16 -55.20 9.70
C LYS C 67 11.30 -54.24 10.52
N ASN C 68 10.00 -54.25 10.26
CA ASN C 68 9.08 -53.35 10.95
C ASN C 68 8.53 -53.97 12.24
N ARG C 69 9.26 -54.95 12.76
CA ARG C 69 8.93 -55.61 14.03
C ARG C 69 7.69 -56.52 13.95
N LYS C 70 7.07 -56.60 12.78
CA LYS C 70 5.97 -57.53 12.58
C LYS C 70 6.45 -58.96 12.81
N SER C 71 5.52 -59.89 13.00
CA SER C 71 5.86 -61.27 13.28
C SER C 71 5.58 -62.20 12.10
N ASN C 72 4.75 -61.75 11.18
CA ASN C 72 4.33 -62.58 10.06
C ASN C 72 5.33 -62.63 8.90
N CYS C 73 6.62 -62.68 9.25
CA CYS C 73 7.67 -62.85 8.25
C CYS C 73 8.17 -64.28 8.23
N TYR C 74 8.67 -64.72 7.08
CA TYR C 74 9.15 -66.08 6.91
C TYR C 74 10.45 -66.11 6.12
N LYS C 75 11.38 -66.97 6.52
CA LYS C 75 12.63 -67.15 5.79
C LYS C 75 12.60 -68.42 4.95
N SER C 76 13.06 -68.31 3.70
CA SER C 76 13.07 -69.43 2.78
C SER C 76 13.94 -70.57 3.30
N SER C 77 13.53 -71.79 3.02
CA SER C 77 14.24 -72.98 3.49
C SER C 77 15.63 -73.08 2.86
N SER C 78 15.71 -72.84 1.56
CA SER C 78 16.98 -72.89 0.84
C SER C 78 17.24 -71.60 0.08
N ALA C 79 18.51 -71.36 -0.25
CA ALA C 79 18.89 -70.17 -1.01
C ALA C 79 18.28 -70.21 -2.41
N LEU C 80 17.79 -69.07 -2.88
CA LEU C 80 17.15 -69.00 -4.19
C LEU C 80 17.96 -68.15 -5.17
N HIS C 81 17.57 -68.20 -6.44
CA HIS C 81 18.21 -67.39 -7.47
C HIS C 81 17.55 -66.02 -7.55
N ILE C 82 18.30 -64.98 -7.22
CA ILE C 82 17.75 -63.63 -7.20
C ILE C 82 18.60 -62.65 -8.00
N THR C 83 17.99 -61.54 -8.40
CA THR C 83 18.73 -60.43 -8.99
C THR C 83 18.52 -59.18 -8.15
N ASP C 84 19.63 -58.59 -7.72
CA ASP C 84 19.58 -57.41 -6.88
C ASP C 84 19.76 -56.14 -7.70
N CYS C 85 18.85 -55.19 -7.52
CA CYS C 85 18.88 -53.92 -8.25
C CYS C 85 19.14 -52.75 -7.29
N HIS C 86 20.25 -52.05 -7.51
CA HIS C 86 20.60 -50.87 -6.72
C HIS C 86 20.70 -49.62 -7.57
N LEU C 87 20.02 -48.56 -7.15
CA LEU C 87 20.04 -47.30 -7.87
C LEU C 87 21.38 -46.58 -7.72
N LYS C 88 21.94 -46.11 -8.83
CA LYS C 88 23.24 -45.43 -8.82
C LYS C 88 23.18 -44.06 -8.15
N GLY C 89 24.30 -43.65 -7.54
CA GLY C 89 24.34 -42.43 -6.76
C GLY C 89 24.44 -41.14 -7.55
N ASN C 90 24.43 -41.27 -8.88
CA ASN C 90 24.44 -40.13 -9.77
C ASN C 90 23.21 -40.18 -10.68
N SER C 91 22.33 -41.14 -10.40
CA SER C 91 21.11 -41.33 -11.17
C SER C 91 19.99 -40.42 -10.66
N LYS C 92 19.57 -39.49 -11.52
CA LYS C 92 18.53 -38.54 -11.16
C LYS C 92 17.28 -38.77 -12.00
N TYR C 93 16.14 -38.97 -11.35
CA TYR C 93 14.86 -39.08 -12.04
C TYR C 93 14.71 -37.93 -13.03
N PRO C 94 14.07 -38.18 -14.18
CA PRO C 94 13.40 -39.41 -14.60
C PRO C 94 14.35 -40.48 -15.12
N ASN C 95 15.64 -40.19 -15.15
CA ASN C 95 16.61 -41.17 -15.61
C ASN C 95 17.05 -42.11 -14.48
N CYS C 96 16.49 -43.32 -14.48
CA CYS C 96 16.76 -44.29 -13.42
C CYS C 96 17.76 -45.35 -13.86
N ASP C 97 18.99 -45.24 -13.35
CA ASP C 97 20.07 -46.15 -13.71
C ASP C 97 20.43 -47.04 -12.51
N TYR C 98 20.38 -48.36 -12.72
CA TYR C 98 20.62 -49.34 -11.66
C TYR C 98 21.86 -50.20 -11.92
N LYS C 99 22.38 -50.79 -10.85
CA LYS C 99 23.44 -51.80 -10.97
C LYS C 99 22.85 -53.19 -10.76
N THR C 100 23.11 -54.08 -11.71
CA THR C 100 22.61 -55.44 -11.66
C THR C 100 23.65 -56.38 -11.07
N THR C 101 23.27 -57.13 -10.05
CA THR C 101 24.15 -58.13 -9.45
C THR C 101 23.33 -59.33 -8.97
N GLN C 102 23.56 -60.48 -9.59
CA GLN C 102 22.80 -61.69 -9.25
C GLN C 102 23.47 -62.47 -8.12
N TYR C 103 22.65 -63.01 -7.23
CA TYR C 103 23.16 -63.82 -6.11
C TYR C 103 22.31 -65.07 -5.95
N GLN C 104 22.70 -65.91 -4.99
CA GLN C 104 21.90 -67.07 -4.63
C GLN C 104 21.78 -67.17 -3.12
N LYS C 105 21.01 -66.24 -2.55
CA LYS C 105 20.85 -66.15 -1.10
C LYS C 105 19.44 -66.58 -0.68
N HIS C 106 19.23 -66.66 0.63
CA HIS C 106 17.91 -66.96 1.17
C HIS C 106 17.08 -65.69 1.27
N ILE C 107 15.77 -65.80 0.98
CA ILE C 107 14.90 -64.64 1.04
C ILE C 107 14.04 -64.65 2.29
N ILE C 108 13.47 -63.49 2.61
CA ILE C 108 12.56 -63.35 3.74
C ILE C 108 11.36 -62.50 3.35
N VAL C 109 10.18 -63.09 3.38
CA VAL C 109 8.98 -62.40 2.94
C VAL C 109 7.90 -62.37 4.02
N ALA C 110 6.99 -61.41 3.90
CA ALA C 110 5.83 -61.34 4.80
C ALA C 110 4.61 -61.89 4.10
N CYS C 111 3.85 -62.72 4.81
CA CYS C 111 2.66 -63.34 4.24
C CYS C 111 1.39 -62.85 4.92
N GLU C 112 0.36 -62.62 4.12
CA GLU C 112 -0.91 -62.10 4.62
C GLU C 112 -2.12 -62.74 3.94
N GLY C 113 -3.27 -62.64 4.59
CA GLY C 113 -4.55 -62.89 3.95
C GLY C 113 -5.02 -64.32 3.84
N ASN C 114 -6.12 -64.49 3.12
CA ASN C 114 -6.72 -65.78 2.84
C ASN C 114 -7.11 -65.85 1.37
N PRO C 115 -6.34 -66.59 0.55
CA PRO C 115 -5.23 -67.45 0.95
C PRO C 115 -4.02 -66.69 1.51
N TYR C 116 -3.20 -67.40 2.29
CA TYR C 116 -2.05 -66.81 2.96
C TYR C 116 -0.87 -66.67 2.01
N VAL C 117 -0.82 -65.54 1.31
CA VAL C 117 0.15 -65.33 0.24
C VAL C 117 1.19 -64.27 0.61
N PRO C 118 2.34 -64.26 -0.11
CA PRO C 118 3.35 -63.22 0.10
C PRO C 118 2.82 -61.84 -0.32
N VAL C 119 3.06 -60.83 0.50
CA VAL C 119 2.62 -59.48 0.18
C VAL C 119 3.77 -58.47 0.24
N HIS C 120 4.91 -58.90 0.78
CA HIS C 120 6.05 -57.99 0.95
C HIS C 120 7.39 -58.71 0.97
N PHE C 121 8.37 -58.13 0.28
CA PHE C 121 9.73 -58.64 0.29
C PHE C 121 10.54 -57.91 1.34
N ASP C 122 11.09 -58.64 2.31
CA ASP C 122 11.70 -58.00 3.47
C ASP C 122 13.24 -57.94 3.45
N ALA C 123 13.89 -59.03 3.05
CA ALA C 123 15.35 -59.05 3.04
C ALA C 123 15.95 -60.27 2.36
N THR C 124 17.28 -60.29 2.29
CA THR C 124 18.03 -61.42 1.78
C THR C 124 19.11 -61.83 2.78
N VAL C 125 19.23 -63.12 3.04
CA VAL C 125 20.17 -63.62 4.03
C VAL C 125 21.28 -64.44 3.38
N GLU D 3 -29.26 2.07 29.27
CA GLU D 3 -27.96 1.40 29.39
C GLU D 3 -27.70 0.97 30.83
N SER D 4 -27.65 -0.34 31.05
CA SER D 4 -27.46 -0.89 32.38
C SER D 4 -26.03 -0.71 32.87
N ALA D 5 -25.82 -0.91 34.17
CA ALA D 5 -24.51 -0.79 34.77
C ALA D 5 -23.57 -1.85 34.21
N ALA D 6 -24.12 -3.02 33.90
CA ALA D 6 -23.33 -4.11 33.34
C ALA D 6 -22.84 -3.77 31.95
N GLN D 7 -23.75 -3.25 31.11
CA GLN D 7 -23.39 -2.81 29.78
C GLN D 7 -22.31 -1.73 29.83
N LYS D 8 -22.60 -0.67 30.57
CA LYS D 8 -21.66 0.44 30.73
C LYS D 8 -20.26 -0.08 31.08
N PHE D 9 -20.20 -1.09 31.94
CA PHE D 9 -18.94 -1.70 32.33
C PHE D 9 -18.24 -2.33 31.13
N GLN D 10 -19.03 -2.91 30.24
CA GLN D 10 -18.50 -3.51 29.02
C GLN D 10 -17.95 -2.44 28.08
N ARG D 11 -18.77 -1.42 27.85
CA ARG D 11 -18.40 -0.32 26.96
C ARG D 11 -17.12 0.37 27.43
N GLN D 12 -16.88 0.36 28.73
CA GLN D 12 -15.76 1.11 29.29
C GLN D 12 -14.50 0.28 29.54
N HIS D 13 -14.67 -1.01 29.84
CA HIS D 13 -13.54 -1.80 30.30
C HIS D 13 -13.33 -3.15 29.58
N MET D 14 -14.20 -3.47 28.62
CA MET D 14 -14.03 -4.71 27.86
C MET D 14 -13.56 -4.46 26.44
N PRO D 24 -0.24 0.72 19.86
CA PRO D 24 0.45 2.01 19.71
C PRO D 24 -0.45 3.18 20.09
N THR D 25 -1.44 3.47 19.25
CA THR D 25 -2.41 4.52 19.55
C THR D 25 -3.75 3.90 19.93
N TYR D 26 -3.70 2.80 20.67
CA TYR D 26 -4.91 2.09 21.08
C TYR D 26 -5.82 2.97 21.91
N CYS D 27 -5.30 3.49 23.02
CA CYS D 27 -6.08 4.29 23.95
C CYS D 27 -6.79 5.46 23.27
N ASN D 28 -6.07 6.18 22.42
CA ASN D 28 -6.64 7.34 21.74
C ASN D 28 -7.86 6.99 20.88
N GLN D 29 -7.75 5.93 20.10
CA GLN D 29 -8.86 5.50 19.25
C GLN D 29 -9.99 4.90 20.07
N MET D 30 -9.61 4.11 21.07
CA MET D 30 -10.57 3.36 21.88
C MET D 30 -11.33 4.24 22.88
N MET D 31 -10.62 5.08 23.61
CA MET D 31 -11.26 5.98 24.55
C MET D 31 -12.25 6.89 23.83
N LYS D 32 -11.90 7.27 22.61
CA LYS D 32 -12.80 8.09 21.78
C LYS D 32 -14.01 7.28 21.34
N ARG D 33 -13.76 6.08 20.81
CA ARG D 33 -14.82 5.23 20.29
C ARG D 33 -15.81 4.81 21.38
N ARG D 34 -15.28 4.40 22.53
CA ARG D 34 -16.12 3.94 23.63
C ARG D 34 -16.79 5.09 24.37
N ASP D 35 -16.69 6.29 23.79
CA ASP D 35 -17.41 7.45 24.30
C ASP D 35 -16.97 7.87 25.70
N MET D 36 -15.67 7.92 25.93
CA MET D 36 -15.13 8.36 27.22
C MET D 36 -14.34 9.65 27.08
N THR D 37 -14.54 10.36 25.97
CA THR D 37 -13.87 11.63 25.73
C THR D 37 -14.88 12.70 25.36
N ASN D 38 -16.14 12.47 25.74
CA ASN D 38 -17.23 13.38 25.42
C ASN D 38 -17.53 14.32 26.59
N GLY D 39 -17.28 15.61 26.40
CA GLY D 39 -17.49 16.60 27.43
C GLY D 39 -16.28 16.74 28.33
N SER D 40 -15.61 15.62 28.55
CA SER D 40 -14.38 15.60 29.33
C SER D 40 -13.58 14.36 28.96
N CYS D 41 -12.27 14.42 29.18
CA CYS D 41 -11.41 13.27 28.95
C CYS D 41 -11.38 12.41 30.21
N LYS D 42 -11.83 11.16 30.09
CA LYS D 42 -11.73 10.24 31.23
C LYS D 42 -10.27 10.14 31.63
N PRO D 43 -9.94 10.64 32.84
CA PRO D 43 -8.56 10.80 33.29
C PRO D 43 -7.77 9.49 33.26
N VAL D 44 -8.45 8.39 33.51
CA VAL D 44 -7.82 7.08 33.52
C VAL D 44 -8.83 5.99 33.24
N ASN D 45 -8.41 4.96 32.52
CA ASN D 45 -9.27 3.82 32.24
C ASN D 45 -8.46 2.56 31.99
N THR D 46 -9.08 1.41 32.25
CA THR D 46 -8.42 0.13 32.04
C THR D 46 -9.25 -0.75 31.12
N PHE D 47 -8.62 -1.23 30.06
CA PHE D 47 -9.24 -2.19 29.16
C PHE D 47 -8.71 -3.58 29.42
N VAL D 48 -9.60 -4.50 29.76
CA VAL D 48 -9.22 -5.89 30.03
C VAL D 48 -9.33 -6.74 28.77
N HIS D 49 -8.22 -7.36 28.40
CA HIS D 49 -8.16 -8.19 27.21
C HIS D 49 -8.30 -9.67 27.57
N GLU D 50 -9.49 -10.04 28.03
CA GLU D 50 -9.82 -11.42 28.35
C GLU D 50 -11.26 -11.66 27.90
N PRO D 51 -11.66 -12.93 27.78
CA PRO D 51 -13.04 -13.24 27.40
C PRO D 51 -14.03 -12.61 28.38
N LEU D 52 -15.23 -12.32 27.90
CA LEU D 52 -16.27 -11.70 28.74
C LEU D 52 -16.61 -12.56 29.94
N ALA D 53 -16.61 -13.87 29.74
CA ALA D 53 -16.93 -14.80 30.81
C ALA D 53 -15.80 -14.89 31.84
N ASP D 54 -14.56 -14.87 31.36
CA ASP D 54 -13.40 -14.91 32.25
C ASP D 54 -13.45 -13.81 33.30
N VAL D 55 -13.87 -12.62 32.88
CA VAL D 55 -13.96 -11.48 33.78
C VAL D 55 -15.08 -11.67 34.80
N GLN D 56 -16.26 -12.04 34.30
CA GLN D 56 -17.41 -12.29 35.16
C GLN D 56 -17.11 -13.35 36.21
N ALA D 57 -16.14 -14.21 35.92
CA ALA D 57 -15.76 -15.28 36.82
C ALA D 57 -15.12 -14.74 38.09
N VAL D 58 -14.83 -13.45 38.11
CA VAL D 58 -14.24 -12.80 39.28
C VAL D 58 -15.31 -12.50 40.33
N CYS D 59 -16.55 -12.36 39.87
CA CYS D 59 -17.68 -12.15 40.77
C CYS D 59 -17.83 -13.35 41.69
N SER D 60 -17.19 -14.46 41.31
CA SER D 60 -17.28 -15.70 42.06
C SER D 60 -15.94 -16.08 42.67
N GLN D 61 -15.11 -15.08 42.94
CA GLN D 61 -13.78 -15.32 43.49
C GLN D 61 -13.58 -14.56 44.80
N GLU D 62 -12.32 -14.38 45.20
CA GLU D 62 -12.00 -13.75 46.48
C GLU D 62 -12.76 -12.46 46.71
N ASN D 63 -13.59 -12.43 47.75
CA ASN D 63 -14.39 -11.26 48.08
C ASN D 63 -13.60 -10.22 48.87
N VAL D 64 -13.20 -9.14 48.19
CA VAL D 64 -12.49 -8.04 48.84
C VAL D 64 -13.40 -6.84 49.04
N THR D 65 -12.83 -5.72 49.45
CA THR D 65 -13.61 -4.52 49.73
C THR D 65 -13.31 -3.38 48.74
N CYS D 66 -14.36 -2.68 48.33
CA CYS D 66 -14.25 -1.61 47.34
C CYS D 66 -13.57 -0.36 47.88
N LYS D 67 -13.16 0.52 46.99
CA LYS D 67 -12.51 1.78 47.38
C LYS D 67 -13.45 2.64 48.24
N ASN D 68 -14.71 2.69 47.85
CA ASN D 68 -15.71 3.45 48.60
C ASN D 68 -16.16 2.71 49.87
N ARG D 69 -15.42 1.66 50.21
CA ARG D 69 -15.67 0.85 51.39
C ARG D 69 -16.90 -0.05 51.28
N LYS D 70 -17.39 -0.23 50.06
CA LYS D 70 -18.44 -1.21 49.80
C LYS D 70 -17.88 -2.62 49.98
N SER D 71 -18.76 -3.61 50.05
CA SER D 71 -18.32 -4.96 50.38
C SER D 71 -18.33 -5.92 49.20
N ASN D 72 -19.13 -5.62 48.18
CA ASN D 72 -19.30 -6.53 47.05
C ASN D 72 -18.21 -6.41 45.98
N CYS D 73 -16.97 -6.19 46.41
CA CYS D 73 -15.83 -6.18 45.50
C CYS D 73 -15.15 -7.54 45.46
N TYR D 74 -14.36 -7.77 44.42
CA TYR D 74 -13.70 -9.07 44.25
C TYR D 74 -12.38 -8.94 43.49
N LYS D 75 -11.30 -9.41 44.10
CA LYS D 75 -9.99 -9.42 43.45
C LYS D 75 -9.80 -10.70 42.65
N SER D 76 -9.49 -10.56 41.36
CA SER D 76 -9.33 -11.70 40.48
C SER D 76 -8.33 -12.72 41.03
N SER D 77 -8.49 -13.97 40.62
CA SER D 77 -7.61 -15.04 41.08
C SER D 77 -6.29 -15.02 40.34
N SER D 78 -6.32 -14.57 39.08
CA SER D 78 -5.14 -14.57 38.23
C SER D 78 -4.76 -13.15 37.79
N ALA D 79 -3.52 -13.00 37.34
CA ALA D 79 -3.06 -11.75 36.75
C ALA D 79 -3.48 -11.69 35.29
N LEU D 80 -4.28 -10.69 34.94
CA LEU D 80 -4.85 -10.60 33.60
C LEU D 80 -4.11 -9.63 32.69
N HIS D 81 -4.24 -9.84 31.39
CA HIS D 81 -3.63 -8.96 30.39
C HIS D 81 -4.48 -7.72 30.19
N ILE D 82 -3.99 -6.58 30.65
CA ILE D 82 -4.75 -5.34 30.60
C ILE D 82 -3.99 -4.21 29.92
N THR D 83 -4.73 -3.19 29.48
CA THR D 83 -4.13 -1.98 28.93
C THR D 83 -4.59 -0.77 29.73
N ASP D 84 -3.62 -0.04 30.31
CA ASP D 84 -3.93 1.16 31.07
C ASP D 84 -3.87 2.41 30.19
N CYS D 85 -4.85 3.28 30.36
CA CYS D 85 -4.91 4.53 29.61
C CYS D 85 -4.89 5.71 30.57
N HIS D 86 -3.80 6.47 30.54
CA HIS D 86 -3.66 7.62 31.42
C HIS D 86 -3.57 8.92 30.63
N LEU D 87 -4.51 9.82 30.91
CA LEU D 87 -4.51 11.13 30.27
C LEU D 87 -3.20 11.86 30.53
N LYS D 88 -2.47 12.15 29.47
CA LYS D 88 -1.20 12.85 29.57
C LYS D 88 -1.33 14.16 30.34
N GLY D 89 -0.23 14.60 30.95
CA GLY D 89 -0.22 15.80 31.77
C GLY D 89 -0.13 17.08 30.95
N ASN D 90 -0.04 16.93 29.63
CA ASN D 90 -0.03 18.06 28.72
C ASN D 90 -1.25 18.03 27.80
N SER D 91 -2.25 17.24 28.19
CA SER D 91 -3.44 17.03 27.38
C SER D 91 -4.72 17.55 28.05
N LYS D 92 -5.39 18.48 27.40
CA LYS D 92 -6.64 19.03 27.93
C LYS D 92 -7.77 18.91 26.91
N TYR D 93 -8.97 18.62 27.40
CA TYR D 93 -10.15 18.59 26.54
C TYR D 93 -10.20 19.86 25.70
N PRO D 94 -10.66 19.76 24.45
CA PRO D 94 -11.23 18.59 23.78
C PRO D 94 -10.20 17.67 23.12
N ASN D 95 -8.92 17.90 23.37
CA ASN D 95 -7.88 17.03 22.83
C ASN D 95 -7.46 15.99 23.85
N CYS D 96 -8.00 14.78 23.71
CA CYS D 96 -7.75 13.73 24.69
C CYS D 96 -6.64 12.78 24.24
N ASP D 97 -5.44 13.04 24.74
CA ASP D 97 -4.25 12.29 24.36
C ASP D 97 -3.79 11.39 25.51
N TYR D 98 -3.70 10.10 25.24
CA TYR D 98 -3.42 9.11 26.29
C TYR D 98 -2.08 8.41 26.12
N LYS D 99 -1.45 8.07 27.23
CA LYS D 99 -0.29 7.19 27.21
C LYS D 99 -0.75 5.76 27.41
N THR D 100 -0.43 4.90 26.44
CA THR D 100 -0.80 3.50 26.53
C THR D 100 0.30 2.67 27.18
N THR D 101 -0.09 1.81 28.12
CA THR D 101 0.86 0.90 28.76
C THR D 101 0.18 -0.43 29.03
N GLN D 102 0.85 -1.53 28.69
CA GLN D 102 0.29 -2.86 28.88
C GLN D 102 0.84 -3.53 30.14
N TYR D 103 -0.05 -4.17 30.89
CA TYR D 103 0.33 -4.84 32.13
C TYR D 103 -0.27 -6.23 32.21
N GLN D 104 0.14 -6.97 33.23
CA GLN D 104 -0.49 -8.23 33.59
C GLN D 104 -0.60 -8.27 35.10
N LYS D 105 -1.70 -7.73 35.62
CA LYS D 105 -1.89 -7.61 37.06
C LYS D 105 -3.26 -8.11 37.48
N HIS D 106 -3.48 -8.22 38.79
CA HIS D 106 -4.77 -8.61 39.34
C HIS D 106 -5.73 -7.43 39.30
N ILE D 107 -6.96 -7.68 38.88
CA ILE D 107 -7.98 -6.63 38.86
C ILE D 107 -9.00 -6.85 39.97
N ILE D 108 -9.66 -5.77 40.37
CA ILE D 108 -10.72 -5.84 41.36
C ILE D 108 -11.98 -5.21 40.78
N VAL D 109 -13.10 -5.92 40.90
CA VAL D 109 -14.36 -5.45 40.33
C VAL D 109 -15.54 -5.70 41.26
N ALA D 110 -16.42 -4.71 41.35
CA ALA D 110 -17.63 -4.82 42.18
C ALA D 110 -18.76 -5.45 41.37
N CYS D 111 -19.51 -6.34 42.00
CA CYS D 111 -20.56 -7.08 41.31
C CYS D 111 -21.95 -6.79 41.89
N GLU D 112 -22.94 -6.69 41.01
CA GLU D 112 -24.31 -6.42 41.43
C GLU D 112 -25.33 -7.16 40.58
N GLY D 113 -26.58 -7.19 41.06
CA GLY D 113 -27.69 -7.70 40.29
C GLY D 113 -27.75 -9.21 40.12
N ASN D 114 -28.76 -9.67 39.38
CA ASN D 114 -28.94 -11.08 39.09
C ASN D 114 -29.11 -11.30 37.59
N PRO D 115 -28.22 -12.12 36.99
CA PRO D 115 -27.13 -12.84 37.63
C PRO D 115 -26.01 -11.94 38.15
N TYR D 116 -25.13 -12.50 38.97
CA TYR D 116 -24.08 -11.74 39.65
C TYR D 116 -22.96 -11.34 38.70
N VAL D 117 -23.13 -10.18 38.06
CA VAL D 117 -22.17 -9.70 37.08
C VAL D 117 -21.44 -8.45 37.57
N PRO D 118 -20.27 -8.15 36.98
CA PRO D 118 -19.52 -6.93 37.28
C PRO D 118 -20.25 -5.69 36.76
N VAL D 119 -20.30 -4.64 37.57
CA VAL D 119 -20.97 -3.42 37.17
C VAL D 119 -20.08 -2.20 37.40
N HIS D 120 -18.82 -2.45 37.73
CA HIS D 120 -17.88 -1.38 38.05
C HIS D 120 -16.45 -1.89 38.18
N PHE D 121 -15.51 -1.15 37.62
CA PHE D 121 -14.10 -1.50 37.73
C PHE D 121 -13.48 -0.76 38.91
N ASP D 122 -12.86 -1.51 39.81
CA ASP D 122 -12.36 -0.94 41.07
C ASP D 122 -10.91 -0.53 40.98
N ALA D 123 -10.02 -1.51 40.82
CA ALA D 123 -8.58 -1.23 40.76
C ALA D 123 -7.78 -2.42 40.25
N THR D 124 -6.46 -2.27 40.20
CA THR D 124 -5.58 -3.36 39.80
C THR D 124 -4.52 -3.61 40.86
N MET E 1 3.92 -47.54 -22.69
CA MET E 1 3.61 -46.13 -22.87
C MET E 1 3.69 -45.75 -24.34
N MET E 2 2.61 -45.16 -24.85
CA MET E 2 2.55 -44.79 -26.27
C MET E 2 2.03 -43.36 -26.45
N SER E 3 2.77 -42.58 -27.23
CA SER E 3 2.46 -41.17 -27.42
C SER E 3 2.47 -40.76 -28.89
N LEU E 4 1.49 -39.96 -29.28
CA LEU E 4 1.41 -39.40 -30.62
C LEU E 4 1.29 -37.89 -30.51
N ASP E 5 2.13 -37.16 -31.25
CA ASP E 5 2.13 -35.71 -31.18
C ASP E 5 2.26 -35.06 -32.55
N ILE E 6 1.14 -34.53 -33.06
CA ILE E 6 1.12 -33.85 -34.34
C ILE E 6 0.93 -32.35 -34.18
N GLN E 7 1.84 -31.57 -34.74
CA GLN E 7 1.79 -30.11 -34.67
C GLN E 7 1.87 -29.49 -36.06
N CYS E 8 0.83 -28.75 -36.44
CA CYS E 8 0.83 -28.00 -37.71
C CYS E 8 0.94 -28.90 -38.93
N GLU E 9 -0.12 -29.68 -39.18
CA GLU E 9 -0.14 -30.58 -40.34
C GLU E 9 -1.53 -30.57 -40.96
N GLN E 10 -1.59 -30.81 -42.27
CA GLN E 10 -2.85 -30.97 -42.97
C GLN E 10 -3.18 -32.45 -43.08
N LEU E 11 -4.00 -32.94 -42.15
CA LEU E 11 -4.35 -34.35 -42.13
C LEU E 11 -5.37 -34.69 -43.22
N SER E 12 -4.92 -35.39 -44.26
CA SER E 12 -5.81 -35.86 -45.31
C SER E 12 -6.54 -37.10 -44.82
N ASP E 13 -7.66 -37.43 -45.46
CA ASP E 13 -8.42 -38.62 -45.09
C ASP E 13 -7.50 -39.84 -45.01
N ALA E 14 -6.48 -39.84 -45.88
CA ALA E 14 -5.50 -40.92 -45.88
C ALA E 14 -4.70 -40.91 -44.58
N ARG E 15 -3.97 -39.81 -44.35
CA ARG E 15 -3.15 -39.65 -43.16
C ARG E 15 -3.99 -39.76 -41.88
N TRP E 16 -5.25 -39.41 -41.98
CA TRP E 16 -6.16 -39.41 -40.82
C TRP E 16 -6.55 -40.83 -40.39
N THR E 17 -7.13 -41.60 -41.29
CA THR E 17 -7.57 -42.96 -40.97
C THR E 17 -6.44 -43.79 -40.36
N GLU E 18 -5.21 -43.49 -40.77
CA GLU E 18 -4.02 -44.12 -40.20
C GLU E 18 -4.01 -44.05 -38.68
N LEU E 19 -4.39 -42.90 -38.14
CA LEU E 19 -4.21 -42.60 -36.72
C LEU E 19 -5.31 -43.19 -35.84
N LEU E 20 -6.46 -43.51 -36.41
CA LEU E 20 -7.60 -43.98 -35.63
C LEU E 20 -7.27 -45.13 -34.68
N PRO E 21 -6.55 -46.14 -35.18
CA PRO E 21 -6.19 -47.25 -34.28
C PRO E 21 -5.26 -46.77 -33.16
N LEU E 22 -4.40 -45.81 -33.46
CA LEU E 22 -3.54 -45.22 -32.46
C LEU E 22 -4.33 -44.47 -31.39
N ILE E 23 -5.31 -43.67 -31.83
CA ILE E 23 -6.11 -42.88 -30.92
C ILE E 23 -6.92 -43.77 -29.99
N GLN E 24 -7.10 -45.03 -30.41
CA GLN E 24 -7.88 -45.99 -29.62
C GLN E 24 -7.01 -46.75 -28.62
N GLN E 25 -5.69 -46.58 -28.72
CA GLN E 25 -4.76 -47.34 -27.90
C GLN E 25 -3.82 -46.48 -27.06
N TYR E 26 -3.45 -45.32 -27.59
CA TYR E 26 -2.38 -44.51 -26.98
C TYR E 26 -2.78 -43.80 -25.69
N GLU E 27 -1.79 -43.59 -24.83
CA GLU E 27 -1.99 -42.83 -23.60
C GLU E 27 -2.06 -41.34 -23.90
N VAL E 28 -1.22 -40.89 -24.82
CA VAL E 28 -1.11 -39.47 -25.14
C VAL E 28 -1.39 -39.21 -26.61
N VAL E 29 -2.40 -38.39 -26.86
CA VAL E 29 -2.76 -38.01 -28.22
C VAL E 29 -2.87 -36.50 -28.34
N ARG E 30 -1.96 -35.91 -29.12
CA ARG E 30 -1.98 -34.47 -29.33
C ARG E 30 -2.07 -34.16 -30.82
N LEU E 31 -3.20 -33.58 -31.21
CA LEU E 31 -3.45 -33.24 -32.61
C LEU E 31 -3.71 -31.74 -32.70
N ASP E 32 -2.65 -30.95 -32.69
CA ASP E 32 -2.76 -29.50 -32.57
C ASP E 32 -2.53 -28.79 -33.89
N ASP E 33 -3.45 -27.89 -34.23
CA ASP E 33 -3.43 -27.19 -35.51
C ASP E 33 -3.24 -28.18 -36.65
N CYS E 34 -4.20 -29.11 -36.76
CA CYS E 34 -4.16 -30.19 -37.74
C CYS E 34 -5.27 -30.07 -38.78
N GLY E 35 -5.96 -28.94 -38.78
CA GLY E 35 -7.03 -28.72 -39.74
C GLY E 35 -8.23 -29.64 -39.54
N LEU E 36 -8.35 -30.22 -38.35
CA LEU E 36 -9.49 -31.07 -38.03
C LEU E 36 -10.77 -30.24 -38.03
N THR E 37 -11.88 -30.88 -38.37
CA THR E 37 -13.19 -30.23 -38.33
C THR E 37 -14.19 -31.20 -37.72
N GLU E 38 -15.46 -30.79 -37.70
CA GLU E 38 -16.53 -31.61 -37.15
C GLU E 38 -16.65 -32.94 -37.89
N VAL E 39 -16.23 -32.96 -39.16
CA VAL E 39 -16.31 -34.15 -39.99
C VAL E 39 -15.47 -35.29 -39.41
N ARG E 40 -14.63 -34.97 -38.43
CA ARG E 40 -13.69 -35.94 -37.90
C ARG E 40 -13.92 -36.24 -36.42
N CYS E 41 -14.85 -35.53 -35.80
CA CYS E 41 -15.07 -35.68 -34.36
C CYS E 41 -15.81 -36.96 -33.97
N LYS E 42 -16.55 -37.56 -34.90
CA LYS E 42 -17.20 -38.83 -34.61
C LYS E 42 -16.18 -39.96 -34.59
N ASP E 43 -15.18 -39.87 -35.47
CA ASP E 43 -14.05 -40.78 -35.43
C ASP E 43 -13.34 -40.65 -34.08
N ILE E 44 -13.09 -39.41 -33.68
CA ILE E 44 -12.42 -39.16 -32.41
C ILE E 44 -13.24 -39.68 -31.25
N SER E 45 -14.54 -39.45 -31.30
CA SER E 45 -15.44 -39.89 -30.22
C SER E 45 -15.41 -41.41 -30.10
N SER E 46 -15.60 -42.09 -31.23
CA SER E 46 -15.59 -43.55 -31.26
C SER E 46 -14.25 -44.09 -30.77
N ALA E 47 -13.16 -43.54 -31.31
CA ALA E 47 -11.82 -43.97 -30.93
C ALA E 47 -11.62 -43.85 -29.43
N VAL E 48 -11.91 -42.66 -28.90
CA VAL E 48 -11.73 -42.38 -27.49
C VAL E 48 -12.62 -43.23 -26.59
N GLN E 49 -13.86 -43.43 -27.00
CA GLN E 49 -14.78 -44.26 -26.23
C GLN E 49 -14.22 -45.65 -25.95
N ALA E 50 -13.42 -46.14 -26.89
CA ALA E 50 -12.86 -47.49 -26.79
C ALA E 50 -11.43 -47.48 -26.27
N ASN E 51 -11.00 -46.35 -25.70
CA ASN E 51 -9.63 -46.23 -25.22
C ASN E 51 -9.54 -46.06 -23.71
N PRO E 52 -9.25 -47.15 -23.00
CA PRO E 52 -9.14 -47.15 -21.55
C PRO E 52 -7.76 -46.68 -21.07
N ALA E 53 -6.83 -46.46 -21.99
CA ALA E 53 -5.48 -46.04 -21.63
C ALA E 53 -5.27 -44.54 -21.81
N LEU E 54 -6.19 -43.90 -22.51
CA LEU E 54 -6.07 -42.47 -22.84
C LEU E 54 -6.03 -41.61 -21.58
N THR E 55 -4.97 -40.84 -21.42
CA THR E 55 -4.87 -39.93 -20.28
C THR E 55 -4.73 -38.47 -20.71
N GLU E 56 -4.19 -38.23 -21.91
CA GLU E 56 -4.10 -36.88 -22.44
C GLU E 56 -4.65 -36.76 -23.84
N LEU E 57 -5.56 -35.81 -24.03
CA LEU E 57 -6.11 -35.54 -25.35
C LEU E 57 -6.09 -34.04 -25.61
N SER E 58 -5.28 -33.64 -26.59
CA SER E 58 -5.19 -32.24 -26.97
C SER E 58 -5.62 -32.05 -28.41
N LEU E 59 -6.60 -31.17 -28.62
CA LEU E 59 -7.07 -30.85 -29.97
C LEU E 59 -7.02 -29.35 -30.23
N ARG E 60 -6.05 -28.67 -29.65
CA ARG E 60 -6.00 -27.21 -29.72
C ARG E 60 -5.87 -26.69 -31.15
N THR E 61 -6.57 -25.58 -31.41
CA THR E 61 -6.52 -24.87 -32.69
C THR E 61 -7.01 -25.73 -33.87
N ASN E 62 -8.23 -26.25 -33.72
CA ASN E 62 -8.93 -26.92 -34.81
C ASN E 62 -10.35 -26.40 -34.87
N GLU E 63 -10.88 -26.25 -36.08
CA GLU E 63 -12.22 -25.71 -36.26
C GLU E 63 -13.26 -26.80 -36.04
N LEU E 64 -13.44 -27.21 -34.79
CA LEU E 64 -14.38 -28.26 -34.45
C LEU E 64 -15.82 -27.73 -34.36
N GLY E 65 -15.96 -26.48 -33.92
CA GLY E 65 -17.27 -25.87 -33.74
C GLY E 65 -18.04 -26.52 -32.62
N ASP E 66 -19.24 -26.03 -32.34
CA ASP E 66 -20.05 -26.55 -31.25
C ASP E 66 -20.40 -28.02 -31.43
N GLY E 67 -20.73 -28.41 -32.67
CA GLY E 67 -21.06 -29.79 -32.95
C GLY E 67 -19.86 -30.71 -32.74
N GLY E 68 -18.72 -30.31 -33.27
CA GLY E 68 -17.49 -31.08 -33.12
C GLY E 68 -17.11 -31.23 -31.66
N VAL E 69 -17.08 -30.12 -30.94
CA VAL E 69 -16.78 -30.16 -29.51
C VAL E 69 -17.79 -31.02 -28.76
N GLY E 70 -19.07 -30.90 -29.13
CA GLY E 70 -20.10 -31.70 -28.51
C GLY E 70 -19.85 -33.19 -28.67
N LEU E 71 -19.54 -33.60 -29.89
CA LEU E 71 -19.27 -35.01 -30.20
C LEU E 71 -18.10 -35.54 -29.39
N VAL E 72 -17.05 -34.72 -29.26
CA VAL E 72 -15.85 -35.14 -28.54
C VAL E 72 -16.12 -35.35 -27.06
N LEU E 73 -16.82 -34.41 -26.44
CA LEU E 73 -17.14 -34.53 -25.02
C LEU E 73 -18.06 -35.71 -24.76
N GLN E 74 -18.94 -36.00 -25.72
CA GLN E 74 -19.86 -37.12 -25.61
C GLN E 74 -19.08 -38.42 -25.47
N GLY E 75 -18.06 -38.58 -26.31
CA GLY E 75 -17.24 -39.79 -26.29
C GLY E 75 -16.37 -39.93 -25.06
N LEU E 76 -16.26 -38.88 -24.26
CA LEU E 76 -15.44 -38.92 -23.05
C LEU E 76 -16.25 -39.28 -21.82
N GLN E 77 -17.45 -39.82 -22.02
CA GLN E 77 -18.33 -40.12 -20.89
C GLN E 77 -18.51 -41.61 -20.60
N ASN E 78 -17.66 -42.45 -21.20
CA ASN E 78 -17.65 -43.85 -20.86
C ASN E 78 -17.08 -44.03 -19.46
N PRO E 79 -17.69 -44.92 -18.66
CA PRO E 79 -17.16 -45.20 -17.33
C PRO E 79 -15.71 -45.67 -17.42
N THR E 80 -15.25 -45.95 -18.64
CA THR E 80 -13.90 -46.43 -18.87
C THR E 80 -12.90 -45.30 -19.05
N CYS E 81 -13.39 -44.11 -19.42
CA CYS E 81 -12.49 -42.99 -19.69
C CYS E 81 -11.63 -42.63 -18.49
N LYS E 82 -10.36 -42.40 -18.76
CA LYS E 82 -9.32 -42.28 -17.74
C LYS E 82 -8.61 -40.93 -17.91
N ILE E 83 -9.19 -40.06 -18.73
CA ILE E 83 -8.52 -38.83 -19.14
C ILE E 83 -8.16 -37.90 -17.99
N GLN E 84 -6.97 -37.31 -18.07
CA GLN E 84 -6.46 -36.43 -17.03
C GLN E 84 -6.22 -35.02 -17.55
N LYS E 85 -5.85 -34.93 -18.82
CA LYS E 85 -5.53 -33.65 -19.44
C LYS E 85 -6.33 -33.49 -20.72
N LEU E 86 -7.10 -32.41 -20.80
CA LEU E 86 -7.90 -32.16 -21.97
C LEU E 86 -7.76 -30.73 -22.43
N SER E 87 -7.44 -30.55 -23.71
CA SER E 87 -7.35 -29.23 -24.30
C SER E 87 -8.26 -29.10 -25.51
N LEU E 88 -9.22 -28.18 -25.43
CA LEU E 88 -10.05 -27.84 -26.57
C LEU E 88 -9.84 -26.37 -26.86
N GLN E 89 -8.61 -25.91 -26.64
CA GLN E 89 -8.25 -24.52 -26.88
C GLN E 89 -8.50 -24.14 -28.33
N ASN E 90 -9.13 -22.97 -28.53
CA ASN E 90 -9.29 -22.41 -29.87
C ASN E 90 -9.96 -23.40 -30.81
N CYS E 91 -11.08 -23.97 -30.38
CA CYS E 91 -11.79 -24.98 -31.16
C CYS E 91 -13.16 -24.48 -31.64
N GLY E 92 -13.39 -23.18 -31.51
CA GLY E 92 -14.63 -22.57 -31.97
C GLY E 92 -15.82 -22.91 -31.08
N LEU E 93 -15.56 -23.15 -29.80
CA LEU E 93 -16.62 -23.41 -28.84
C LEU E 93 -17.33 -22.13 -28.45
N THR E 94 -18.64 -22.09 -28.68
CA THR E 94 -19.45 -20.94 -28.28
C THR E 94 -20.40 -21.36 -27.17
N GLU E 95 -21.09 -20.38 -26.59
CA GLU E 95 -22.12 -20.64 -25.60
C GLU E 95 -23.09 -21.71 -26.08
N ALA E 96 -23.35 -21.72 -27.38
CA ALA E 96 -24.33 -22.66 -27.94
C ALA E 96 -23.95 -24.12 -27.69
N GLY E 97 -22.66 -24.40 -27.62
CA GLY E 97 -22.20 -25.77 -27.43
C GLY E 97 -21.80 -26.13 -26.01
N CYS E 98 -22.08 -25.24 -25.06
CA CYS E 98 -21.66 -25.46 -23.68
C CYS E 98 -22.66 -26.24 -22.82
N GLY E 99 -23.87 -26.47 -23.37
CA GLY E 99 -24.89 -27.19 -22.65
C GLY E 99 -24.49 -28.59 -22.25
N ILE E 100 -23.49 -29.14 -22.92
CA ILE E 100 -23.00 -30.48 -22.65
C ILE E 100 -21.98 -30.51 -21.49
N LEU E 101 -21.31 -29.39 -21.26
CA LEU E 101 -20.26 -29.31 -20.25
C LEU E 101 -20.65 -29.84 -18.86
N PRO E 102 -21.83 -29.46 -18.36
CA PRO E 102 -22.18 -29.89 -16.99
C PRO E 102 -22.19 -31.41 -16.86
N GLY E 103 -22.70 -32.11 -17.87
CA GLY E 103 -22.74 -33.56 -17.86
C GLY E 103 -21.36 -34.19 -17.98
N MET E 104 -20.54 -33.65 -18.88
CA MET E 104 -19.19 -34.16 -19.10
C MET E 104 -18.32 -34.05 -17.86
N LEU E 105 -18.42 -32.92 -17.17
CA LEU E 105 -17.57 -32.66 -16.00
C LEU E 105 -17.97 -33.51 -14.80
N ARG E 106 -19.23 -33.91 -14.75
CA ARG E 106 -19.71 -34.76 -13.65
C ARG E 106 -19.15 -36.17 -13.75
N SER E 107 -19.02 -36.68 -14.97
CA SER E 107 -18.59 -38.05 -15.18
C SER E 107 -17.07 -38.19 -15.26
N LEU E 108 -16.39 -37.13 -15.71
CA LEU E 108 -14.94 -37.18 -15.89
C LEU E 108 -14.18 -36.91 -14.59
N SER E 109 -14.27 -37.83 -13.64
CA SER E 109 -13.70 -37.64 -12.32
C SER E 109 -12.19 -37.78 -12.28
N THR E 110 -11.58 -38.14 -13.41
CA THR E 110 -10.13 -38.25 -13.50
C THR E 110 -9.50 -36.98 -14.08
N LEU E 111 -10.34 -36.05 -14.52
CA LEU E 111 -9.87 -34.84 -15.19
C LEU E 111 -9.13 -33.91 -14.23
N ARG E 112 -7.90 -33.53 -14.59
CA ARG E 112 -7.09 -32.67 -13.74
C ARG E 112 -6.71 -31.36 -14.43
N GLU E 113 -6.59 -31.41 -15.75
CA GLU E 113 -6.20 -30.21 -16.51
C GLU E 113 -7.15 -29.95 -17.67
N LEU E 114 -7.74 -28.76 -17.67
CA LEU E 114 -8.72 -28.39 -18.69
C LEU E 114 -8.36 -27.06 -19.33
N HIS E 115 -8.14 -27.09 -20.64
CA HIS E 115 -7.81 -25.89 -21.40
C HIS E 115 -8.93 -25.49 -22.35
N LEU E 116 -9.57 -24.37 -22.07
CA LEU E 116 -10.64 -23.88 -22.93
C LEU E 116 -10.34 -22.47 -23.47
N ASN E 117 -9.07 -22.08 -23.44
CA ASN E 117 -8.66 -20.76 -23.92
C ASN E 117 -9.12 -20.49 -25.35
N ASP E 118 -9.34 -19.22 -25.65
CA ASP E 118 -9.62 -18.80 -27.02
C ASP E 118 -10.93 -19.36 -27.58
N ASN E 119 -11.86 -19.70 -26.69
CA ASN E 119 -13.22 -20.02 -27.11
C ASN E 119 -14.20 -18.97 -26.57
N PRO E 120 -14.98 -18.36 -27.48
CA PRO E 120 -15.89 -17.27 -27.09
C PRO E 120 -17.18 -17.81 -26.48
N MET E 121 -17.05 -18.57 -25.39
CA MET E 121 -18.19 -19.13 -24.69
C MET E 121 -19.03 -18.03 -24.02
N GLY E 122 -18.38 -16.93 -23.67
CA GLY E 122 -19.05 -15.82 -23.00
C GLY E 122 -19.52 -16.19 -21.60
N ASP E 123 -20.27 -15.28 -20.99
CA ASP E 123 -20.73 -15.46 -19.62
C ASP E 123 -21.78 -16.58 -19.53
N ALA E 124 -22.62 -16.69 -20.55
CA ALA E 124 -23.63 -17.74 -20.58
C ALA E 124 -22.98 -19.11 -20.65
N GLY E 125 -21.94 -19.24 -21.47
CA GLY E 125 -21.20 -20.49 -21.58
C GLY E 125 -20.42 -20.79 -20.32
N LEU E 126 -19.85 -19.75 -19.72
CA LEU E 126 -19.09 -19.89 -18.47
C LEU E 126 -19.96 -20.43 -17.35
N LYS E 127 -21.20 -19.95 -17.27
CA LYS E 127 -22.12 -20.41 -16.23
C LYS E 127 -22.43 -21.90 -16.36
N LEU E 128 -22.60 -22.36 -17.59
CA LEU E 128 -22.80 -23.78 -17.83
C LEU E 128 -21.54 -24.55 -17.42
N LEU E 129 -20.38 -23.99 -17.73
CA LEU E 129 -19.11 -24.59 -17.34
C LEU E 129 -19.01 -24.73 -15.83
N CYS E 130 -19.38 -23.67 -15.11
CA CYS E 130 -19.30 -23.69 -13.66
C CYS E 130 -20.31 -24.64 -13.02
N GLU E 131 -21.41 -24.90 -13.72
CA GLU E 131 -22.37 -25.90 -13.24
C GLU E 131 -21.72 -27.29 -13.24
N GLY E 132 -20.85 -27.53 -14.21
CA GLY E 132 -20.07 -28.75 -14.22
C GLY E 132 -18.96 -28.71 -13.18
N LEU E 133 -18.20 -27.61 -13.19
CA LEU E 133 -17.11 -27.43 -12.24
C LEU E 133 -17.59 -27.52 -10.80
N GLN E 134 -18.83 -27.10 -10.55
CA GLN E 134 -19.42 -27.17 -9.22
C GLN E 134 -19.66 -28.62 -8.78
N ASP E 135 -19.82 -29.52 -9.73
CA ASP E 135 -20.07 -30.92 -9.40
C ASP E 135 -18.97 -31.46 -8.50
N PRO E 136 -19.35 -32.11 -7.40
CA PRO E 136 -18.39 -32.61 -6.41
C PRO E 136 -17.33 -33.52 -7.04
N GLN E 137 -17.65 -34.15 -8.16
CA GLN E 137 -16.72 -35.08 -8.80
C GLN E 137 -15.69 -34.39 -9.68
N CYS E 138 -15.94 -33.11 -9.99
CA CYS E 138 -14.99 -32.34 -10.80
C CYS E 138 -13.91 -31.74 -9.93
N ARG E 139 -12.70 -32.30 -10.02
CA ARG E 139 -11.58 -31.82 -9.23
C ARG E 139 -10.37 -31.51 -10.09
N LEU E 140 -10.36 -30.30 -10.66
CA LEU E 140 -9.27 -29.86 -11.50
C LEU E 140 -8.09 -29.32 -10.70
N GLU E 141 -6.89 -29.56 -11.22
CA GLU E 141 -5.69 -28.91 -10.69
C GLU E 141 -5.40 -27.66 -11.50
N LYS E 142 -5.70 -27.71 -12.79
CA LYS E 142 -5.44 -26.58 -13.68
C LYS E 142 -6.63 -26.22 -14.56
N LEU E 143 -6.93 -24.94 -14.62
CA LEU E 143 -8.02 -24.42 -15.44
C LEU E 143 -7.54 -23.21 -16.22
N GLN E 144 -7.63 -23.27 -17.53
CA GLN E 144 -7.25 -22.14 -18.38
C GLN E 144 -8.44 -21.63 -19.18
N LEU E 145 -8.82 -20.39 -18.94
CA LEU E 145 -9.94 -19.78 -19.63
C LEU E 145 -9.55 -18.43 -20.21
N GLU E 146 -8.33 -18.36 -20.74
CA GLU E 146 -7.84 -17.15 -21.39
C GLU E 146 -8.66 -16.80 -22.64
N TYR E 147 -9.03 -15.53 -22.77
CA TYR E 147 -9.73 -15.03 -23.94
C TYR E 147 -10.99 -15.83 -24.26
N CYS E 148 -11.96 -15.80 -23.34
CA CYS E 148 -13.21 -16.52 -23.53
C CYS E 148 -14.44 -15.60 -23.47
N ASN E 149 -14.20 -14.30 -23.63
CA ASN E 149 -15.28 -13.32 -23.69
C ASN E 149 -16.05 -13.19 -22.36
N LEU E 150 -15.35 -13.39 -21.25
CA LEU E 150 -15.99 -13.32 -19.94
C LEU E 150 -15.95 -11.90 -19.39
N THR E 151 -16.96 -11.56 -18.58
CA THR E 151 -16.98 -10.27 -17.89
C THR E 151 -17.25 -10.46 -16.41
N ALA E 152 -17.64 -9.38 -15.73
CA ALA E 152 -17.79 -9.42 -14.28
C ALA E 152 -18.81 -10.45 -13.78
N THR E 153 -19.84 -10.71 -14.58
CA THR E 153 -20.90 -11.62 -14.15
C THR E 153 -20.40 -13.06 -14.02
N SER E 154 -19.26 -13.35 -14.64
CA SER E 154 -18.65 -14.67 -14.56
C SER E 154 -17.83 -14.86 -13.27
N CYS E 155 -17.55 -13.77 -12.59
CA CYS E 155 -16.66 -13.82 -11.43
C CYS E 155 -17.28 -14.51 -10.22
N GLU E 156 -18.56 -14.26 -9.97
CA GLU E 156 -19.24 -14.88 -8.84
C GLU E 156 -19.28 -16.40 -8.98
N PRO E 157 -19.71 -16.90 -10.16
CA PRO E 157 -19.71 -18.35 -10.40
C PRO E 157 -18.33 -18.96 -10.23
N LEU E 158 -17.31 -18.30 -10.76
CA LEU E 158 -15.93 -18.77 -10.61
C LEU E 158 -15.48 -18.75 -9.15
N ALA E 159 -15.80 -17.67 -8.45
CA ALA E 159 -15.46 -17.55 -7.04
C ALA E 159 -16.14 -18.65 -6.22
N SER E 160 -17.39 -18.93 -6.55
CA SER E 160 -18.15 -19.96 -5.85
C SER E 160 -17.49 -21.32 -6.02
N VAL E 161 -16.88 -21.55 -7.18
CA VAL E 161 -16.15 -22.79 -7.44
C VAL E 161 -14.91 -22.90 -6.57
N LEU E 162 -14.11 -21.83 -6.54
CA LEU E 162 -12.85 -21.80 -5.80
C LEU E 162 -13.04 -22.07 -4.30
N ARG E 163 -14.11 -21.53 -3.73
CA ARG E 163 -14.37 -21.66 -2.30
C ARG E 163 -14.49 -23.10 -1.82
N VAL E 164 -14.96 -23.99 -2.69
CA VAL E 164 -15.26 -25.36 -2.28
C VAL E 164 -14.31 -26.39 -2.87
N LYS E 165 -13.36 -25.94 -3.70
CA LYS E 165 -12.35 -26.84 -4.24
C LYS E 165 -11.04 -26.66 -3.47
N ALA E 166 -10.20 -27.68 -3.48
CA ALA E 166 -8.95 -27.64 -2.72
C ALA E 166 -7.76 -28.08 -3.54
N ASP E 167 -8.01 -28.54 -4.76
CA ASP E 167 -6.97 -29.12 -5.60
C ASP E 167 -6.40 -28.15 -6.64
N PHE E 168 -7.01 -26.97 -6.76
CA PHE E 168 -6.57 -26.00 -7.75
C PHE E 168 -5.11 -25.57 -7.58
N LYS E 169 -4.34 -25.72 -8.66
CA LYS E 169 -2.93 -25.36 -8.65
C LYS E 169 -2.68 -24.15 -9.55
N GLU E 170 -3.37 -24.11 -10.69
CA GLU E 170 -3.18 -23.04 -11.66
C GLU E 170 -4.49 -22.50 -12.20
N LEU E 171 -4.61 -21.18 -12.24
CA LEU E 171 -5.80 -20.53 -12.77
C LEU E 171 -5.39 -19.38 -13.70
N VAL E 172 -5.79 -19.47 -14.97
CA VAL E 172 -5.57 -18.35 -15.87
C VAL E 172 -6.90 -17.82 -16.45
N LEU E 173 -7.15 -16.54 -16.22
CA LEU E 173 -8.35 -15.89 -16.71
C LEU E 173 -7.97 -14.68 -17.54
N SER E 174 -6.74 -14.68 -18.03
CA SER E 174 -6.19 -13.55 -18.76
C SER E 174 -7.03 -13.15 -19.96
N ASN E 175 -6.98 -11.87 -20.30
CA ASN E 175 -7.64 -11.36 -21.49
C ASN E 175 -9.15 -11.55 -21.44
N ASN E 176 -9.71 -11.45 -20.25
CA ASN E 176 -11.14 -11.30 -20.06
C ASN E 176 -11.37 -10.03 -19.25
N ASP E 177 -12.28 -9.18 -19.70
CA ASP E 177 -12.53 -7.92 -19.00
C ASP E 177 -13.40 -8.16 -17.77
N LEU E 178 -12.79 -8.64 -16.69
CA LEU E 178 -13.53 -8.93 -15.46
C LEU E 178 -13.92 -7.65 -14.71
N HIS E 179 -13.18 -6.57 -14.97
CA HIS E 179 -13.42 -5.28 -14.30
C HIS E 179 -13.05 -5.30 -12.82
N GLU E 180 -12.91 -4.10 -12.24
CA GLU E 180 -12.52 -3.95 -10.84
C GLU E 180 -13.40 -4.71 -9.85
N PRO E 181 -14.74 -4.61 -9.99
CA PRO E 181 -15.61 -5.32 -9.05
C PRO E 181 -15.56 -6.85 -9.23
N GLY E 182 -15.49 -7.31 -10.47
CA GLY E 182 -15.34 -8.73 -10.74
C GLY E 182 -14.06 -9.29 -10.17
N VAL E 183 -12.97 -8.54 -10.29
CA VAL E 183 -11.70 -8.97 -9.75
C VAL E 183 -11.73 -9.04 -8.22
N ARG E 184 -12.46 -8.13 -7.59
CA ARG E 184 -12.60 -8.18 -6.13
C ARG E 184 -13.31 -9.45 -5.69
N ILE E 185 -14.36 -9.84 -6.42
CA ILE E 185 -15.11 -11.04 -6.10
C ILE E 185 -14.23 -12.27 -6.25
N LEU E 186 -13.43 -12.27 -7.32
CA LEU E 186 -12.54 -13.39 -7.58
C LEU E 186 -11.50 -13.54 -6.48
N CYS E 187 -10.89 -12.41 -6.08
CA CYS E 187 -9.89 -12.42 -5.02
C CYS E 187 -10.46 -12.97 -3.72
N GLN E 188 -11.69 -12.56 -3.40
CA GLN E 188 -12.36 -13.02 -2.19
C GLN E 188 -12.53 -14.54 -2.22
N GLY E 189 -12.89 -15.05 -3.38
CA GLY E 189 -13.02 -16.49 -3.57
C GLY E 189 -11.69 -17.21 -3.38
N LEU E 190 -10.61 -16.60 -3.85
CA LEU E 190 -9.28 -17.19 -3.70
C LEU E 190 -8.83 -17.18 -2.24
N LYS E 191 -9.05 -16.07 -1.56
CA LYS E 191 -8.73 -15.96 -0.14
C LYS E 191 -9.45 -17.04 0.67
N ASP E 192 -10.75 -17.18 0.44
CA ASP E 192 -11.57 -18.13 1.18
C ASP E 192 -11.28 -19.58 0.77
N SER E 193 -10.54 -19.76 -0.31
CA SER E 193 -10.26 -21.11 -0.80
C SER E 193 -9.13 -21.78 -0.02
N ALA E 194 -9.25 -23.09 0.17
CA ALA E 194 -8.22 -23.86 0.85
C ALA E 194 -7.17 -24.36 -0.14
N CYS E 195 -7.35 -24.01 -1.42
CA CYS E 195 -6.44 -24.47 -2.46
C CYS E 195 -5.05 -23.86 -2.30
N GLN E 196 -4.03 -24.70 -2.41
CA GLN E 196 -2.66 -24.21 -2.39
C GLN E 196 -2.27 -23.82 -3.81
N LEU E 197 -2.78 -22.67 -4.24
CA LEU E 197 -2.56 -22.17 -5.59
C LEU E 197 -1.07 -21.92 -5.86
N GLU E 198 -0.61 -22.36 -7.03
CA GLU E 198 0.80 -22.21 -7.41
C GLU E 198 1.00 -21.16 -8.51
N SER E 199 -0.02 -21.00 -9.34
CA SER E 199 0.06 -20.10 -10.48
C SER E 199 -1.23 -19.30 -10.65
N LEU E 200 -1.09 -17.98 -10.78
CA LEU E 200 -2.24 -17.13 -11.02
C LEU E 200 -1.94 -16.13 -12.12
N LYS E 201 -2.71 -16.18 -13.20
CA LYS E 201 -2.49 -15.29 -14.32
C LYS E 201 -3.76 -14.53 -14.67
N LEU E 202 -3.68 -13.20 -14.63
CA LEU E 202 -4.83 -12.34 -14.86
C LEU E 202 -4.43 -11.16 -15.74
N GLU E 203 -3.74 -11.44 -16.84
CA GLU E 203 -3.33 -10.38 -17.75
C GLU E 203 -4.55 -9.72 -18.35
N ASN E 204 -4.50 -8.41 -18.48
CA ASN E 204 -5.54 -7.66 -19.18
C ASN E 204 -6.94 -8.06 -18.74
N CYS E 205 -7.22 -7.89 -17.44
CA CYS E 205 -8.51 -8.25 -16.87
C CYS E 205 -9.27 -7.07 -16.28
N GLY E 206 -8.77 -5.85 -16.53
CA GLY E 206 -9.39 -4.67 -15.99
C GLY E 206 -9.06 -4.43 -14.53
N ILE E 207 -7.95 -5.02 -14.08
CA ILE E 207 -7.48 -4.82 -12.71
C ILE E 207 -6.96 -3.40 -12.54
N THR E 208 -7.30 -2.76 -11.44
CA THR E 208 -6.80 -1.42 -11.16
C THR E 208 -6.05 -1.39 -9.83
N ALA E 209 -5.54 -0.22 -9.47
CA ALA E 209 -4.82 -0.05 -8.21
C ALA E 209 -5.73 -0.40 -7.06
N ALA E 210 -7.03 -0.15 -7.25
CA ALA E 210 -8.03 -0.44 -6.24
C ALA E 210 -8.13 -1.92 -5.91
N ASN E 211 -7.72 -2.78 -6.85
CA ASN E 211 -7.73 -4.22 -6.65
C ASN E 211 -6.49 -4.74 -5.92
N CYS E 212 -5.48 -3.89 -5.78
CA CYS E 212 -4.15 -4.37 -5.36
C CYS E 212 -4.03 -4.72 -3.88
N LYS E 213 -4.91 -4.16 -3.04
CA LYS E 213 -4.92 -4.56 -1.63
C LYS E 213 -5.46 -5.97 -1.51
N ASP E 214 -6.45 -6.30 -2.33
CA ASP E 214 -7.02 -7.65 -2.35
C ASP E 214 -6.04 -8.67 -2.91
N LEU E 215 -5.35 -8.31 -3.99
CA LEU E 215 -4.34 -9.18 -4.57
C LEU E 215 -3.20 -9.41 -3.58
N CYS E 216 -2.87 -8.38 -2.81
CA CYS E 216 -1.90 -8.52 -1.74
C CYS E 216 -2.40 -9.54 -0.72
N ASP E 217 -3.68 -9.43 -0.35
CA ASP E 217 -4.30 -10.39 0.54
C ASP E 217 -4.27 -11.79 -0.07
N VAL E 218 -4.49 -11.88 -1.38
CA VAL E 218 -4.46 -13.18 -2.05
C VAL E 218 -3.08 -13.82 -1.94
N VAL E 219 -2.05 -13.06 -2.31
CA VAL E 219 -0.67 -13.55 -2.24
C VAL E 219 -0.32 -14.04 -0.84
N ALA E 220 -0.61 -13.20 0.15
CA ALA E 220 -0.35 -13.53 1.54
C ALA E 220 -0.98 -14.85 1.94
N SER E 221 -2.18 -15.12 1.41
CA SER E 221 -2.92 -16.31 1.78
C SER E 221 -2.44 -17.58 1.07
N LYS E 222 -1.59 -17.42 0.06
CA LYS E 222 -1.09 -18.56 -0.70
C LYS E 222 0.43 -18.68 -0.65
N ALA E 223 0.96 -19.21 0.45
CA ALA E 223 2.40 -19.42 0.59
C ALA E 223 2.97 -20.29 -0.53
N SER E 224 2.10 -20.98 -1.25
CA SER E 224 2.50 -21.87 -2.33
C SER E 224 2.62 -21.15 -3.68
N LEU E 225 2.26 -19.87 -3.72
CA LEU E 225 2.26 -19.13 -4.98
C LEU E 225 3.68 -19.01 -5.54
N GLN E 226 3.88 -19.51 -6.75
CA GLN E 226 5.18 -19.49 -7.40
C GLN E 226 5.23 -18.49 -8.56
N GLU E 227 4.07 -18.29 -9.19
CA GLU E 227 4.00 -17.43 -10.36
C GLU E 227 2.80 -16.49 -10.31
N LEU E 228 3.07 -15.20 -10.50
CA LEU E 228 2.05 -14.17 -10.47
C LEU E 228 2.15 -13.27 -11.70
N ASP E 229 1.10 -13.27 -12.51
CA ASP E 229 1.08 -12.49 -13.75
C ASP E 229 -0.06 -11.50 -13.74
N LEU E 230 0.27 -10.22 -13.56
CA LEU E 230 -0.74 -9.15 -13.54
C LEU E 230 -0.54 -8.16 -14.70
N SER E 231 0.09 -8.64 -15.76
CA SER E 231 0.45 -7.80 -16.90
C SER E 231 -0.76 -7.12 -17.55
N SER E 232 -0.49 -6.05 -18.29
CA SER E 232 -1.51 -5.39 -19.10
C SER E 232 -2.71 -4.96 -18.24
N ASN E 233 -2.42 -4.47 -17.05
CA ASN E 233 -3.42 -3.91 -16.16
C ASN E 233 -2.91 -2.58 -15.64
N LYS E 234 -3.81 -1.62 -15.47
CA LYS E 234 -3.42 -0.31 -14.99
C LYS E 234 -3.25 -0.33 -13.48
N LEU E 235 -2.11 -0.84 -13.03
CA LEU E 235 -1.83 -0.92 -11.59
C LEU E 235 -1.19 0.37 -11.09
N GLY E 236 -0.27 0.93 -11.87
CA GLY E 236 0.42 2.15 -11.48
C GLY E 236 1.34 1.92 -10.31
N ASN E 237 2.08 2.96 -9.91
CA ASN E 237 2.97 2.87 -8.76
C ASN E 237 2.23 2.59 -7.46
N ALA E 238 1.09 3.24 -7.29
CA ALA E 238 0.27 3.04 -6.10
C ALA E 238 -0.20 1.58 -5.99
N GLY E 239 -0.56 0.99 -7.13
CA GLY E 239 -0.99 -0.40 -7.15
C GLY E 239 0.14 -1.33 -6.71
N ILE E 240 1.33 -1.06 -7.23
CA ILE E 240 2.52 -1.82 -6.85
C ILE E 240 2.81 -1.66 -5.36
N ALA E 241 2.66 -0.44 -4.87
CA ALA E 241 2.90 -0.17 -3.45
C ALA E 241 1.97 -0.99 -2.57
N ALA E 242 0.71 -1.10 -2.98
CA ALA E 242 -0.26 -1.89 -2.23
C ALA E 242 0.03 -3.38 -2.33
N LEU E 243 0.74 -3.77 -3.38
CA LEU E 243 1.03 -5.18 -3.66
C LEU E 243 2.26 -5.69 -2.91
N CYS E 244 3.28 -4.86 -2.79
CA CYS E 244 4.59 -5.28 -2.28
C CYS E 244 4.65 -5.85 -0.85
N PRO E 245 3.81 -5.33 0.07
CA PRO E 245 3.83 -5.87 1.44
C PRO E 245 3.61 -7.39 1.50
N GLY E 246 2.76 -7.90 0.62
CA GLY E 246 2.51 -9.33 0.55
C GLY E 246 3.68 -10.10 -0.03
N LEU E 247 4.34 -9.50 -1.02
CA LEU E 247 5.51 -10.12 -1.64
C LEU E 247 6.68 -10.18 -0.67
N LEU E 248 6.67 -9.31 0.34
CA LEU E 248 7.78 -9.21 1.28
C LEU E 248 7.63 -10.16 2.48
N LEU E 249 6.45 -10.76 2.63
CA LEU E 249 6.23 -11.70 3.72
C LEU E 249 7.20 -12.87 3.64
N PRO E 250 7.72 -13.31 4.80
CA PRO E 250 8.68 -14.41 4.87
C PRO E 250 8.15 -15.67 4.20
N SER E 251 6.83 -15.87 4.26
CA SER E 251 6.20 -17.05 3.70
C SER E 251 6.09 -16.98 2.17
N CYS E 252 6.23 -15.79 1.60
CA CYS E 252 6.16 -15.64 0.15
C CYS E 252 7.39 -16.23 -0.53
N LYS E 253 7.17 -17.15 -1.45
CA LYS E 253 8.23 -17.82 -2.19
C LYS E 253 8.05 -17.62 -3.68
N LEU E 254 7.54 -16.45 -4.07
CA LEU E 254 7.26 -16.18 -5.47
C LEU E 254 8.51 -16.39 -6.31
N ARG E 255 8.35 -17.11 -7.41
CA ARG E 255 9.45 -17.46 -8.29
C ARG E 255 9.44 -16.57 -9.53
N THR E 256 8.25 -16.34 -10.08
CA THR E 256 8.11 -15.57 -11.30
C THR E 256 7.09 -14.45 -11.13
N LEU E 257 7.49 -13.24 -11.50
CA LEU E 257 6.63 -12.07 -11.38
C LEU E 257 6.54 -11.35 -12.71
N TRP E 258 5.36 -11.36 -13.32
CA TRP E 258 5.18 -10.78 -14.64
C TRP E 258 4.34 -9.51 -14.52
N LEU E 259 4.97 -8.37 -14.80
CA LEU E 259 4.30 -7.08 -14.69
C LEU E 259 4.46 -6.26 -15.96
N TRP E 260 4.33 -6.94 -17.10
CA TRP E 260 4.42 -6.28 -18.39
C TRP E 260 3.28 -5.27 -18.56
N GLU E 261 3.65 -4.06 -18.96
CA GLU E 261 2.67 -3.02 -19.27
C GLU E 261 1.67 -2.79 -18.14
N CYS E 262 2.16 -2.29 -17.02
CA CYS E 262 1.29 -2.03 -15.86
C CYS E 262 1.31 -0.57 -15.41
N ASP E 263 1.64 0.33 -16.33
CA ASP E 263 1.73 1.76 -16.03
C ASP E 263 2.65 2.07 -14.86
N ILE E 264 3.73 1.31 -14.75
CA ILE E 264 4.72 1.49 -13.69
C ILE E 264 5.82 2.44 -14.11
N THR E 265 6.20 3.35 -13.22
CA THR E 265 7.34 4.22 -13.48
C THR E 265 8.44 4.03 -12.43
N ALA E 266 9.36 4.99 -12.36
CA ALA E 266 10.54 4.84 -11.52
C ALA E 266 10.22 4.46 -10.08
N GLU E 267 9.30 5.19 -9.45
CA GLU E 267 8.99 4.96 -8.04
C GLU E 267 8.38 3.59 -7.79
N GLY E 268 7.62 3.09 -8.77
CA GLY E 268 7.03 1.77 -8.65
C GLY E 268 8.10 0.70 -8.79
N CYS E 269 9.07 0.97 -9.65
CA CYS E 269 10.21 0.08 -9.82
C CYS E 269 10.99 0.05 -8.50
N LYS E 270 11.03 1.19 -7.82
CA LYS E 270 11.68 1.29 -6.52
C LYS E 270 11.03 0.37 -5.49
N ASP E 271 9.70 0.35 -5.46
CA ASP E 271 8.98 -0.53 -4.54
C ASP E 271 9.37 -1.99 -4.77
N LEU E 272 9.45 -2.37 -6.05
CA LEU E 272 9.78 -3.74 -6.43
C LEU E 272 11.23 -4.10 -6.10
N CYS E 273 12.14 -3.15 -6.29
CA CYS E 273 13.54 -3.37 -5.93
C CYS E 273 13.68 -3.80 -4.47
N ARG E 274 12.80 -3.29 -3.61
CA ARG E 274 12.78 -3.70 -2.22
C ARG E 274 12.57 -5.22 -2.15
N VAL E 275 11.68 -5.71 -3.01
CA VAL E 275 11.40 -7.14 -3.10
C VAL E 275 12.57 -7.93 -3.67
N LEU E 276 13.24 -7.37 -4.68
CA LEU E 276 14.40 -8.03 -5.28
C LEU E 276 15.51 -8.26 -4.26
N ARG E 277 15.70 -7.28 -3.38
CA ARG E 277 16.77 -7.34 -2.39
C ARG E 277 16.49 -8.32 -1.25
N ALA E 278 15.22 -8.64 -1.05
CA ALA E 278 14.81 -9.41 0.12
C ALA E 278 14.34 -10.83 -0.21
N LYS E 279 14.08 -11.10 -1.48
CA LYS E 279 13.50 -12.37 -1.89
C LYS E 279 14.38 -13.15 -2.86
N GLN E 280 15.26 -13.98 -2.32
CA GLN E 280 16.15 -14.78 -3.14
C GLN E 280 15.40 -15.75 -4.02
N SER E 281 14.15 -16.02 -3.67
CA SER E 281 13.34 -16.97 -4.42
C SER E 281 12.94 -16.41 -5.80
N LEU E 282 12.86 -15.09 -5.91
CA LEU E 282 12.41 -14.46 -7.16
C LEU E 282 13.46 -14.58 -8.26
N LYS E 283 13.16 -15.41 -9.25
CA LYS E 283 14.12 -15.74 -10.30
C LYS E 283 13.84 -15.05 -11.64
N GLU E 284 12.58 -14.79 -11.94
CA GLU E 284 12.19 -14.19 -13.22
C GLU E 284 11.29 -12.98 -13.01
N LEU E 285 11.67 -11.85 -13.61
CA LEU E 285 10.90 -10.62 -13.46
C LEU E 285 10.73 -9.92 -14.80
N SER E 286 9.50 -9.59 -15.15
CA SER E 286 9.25 -8.78 -16.34
C SER E 286 8.64 -7.43 -16.02
N LEU E 287 9.32 -6.37 -16.45
CA LEU E 287 8.81 -5.01 -16.35
C LEU E 287 8.72 -4.38 -17.73
N ALA E 288 8.63 -5.22 -18.75
CA ALA E 288 8.56 -4.74 -20.13
C ALA E 288 7.39 -3.79 -20.35
N SER E 289 7.58 -2.83 -21.24
CA SER E 289 6.53 -1.87 -21.62
C SER E 289 6.07 -0.99 -20.45
N ASN E 290 6.98 -0.73 -19.52
CA ASN E 290 6.76 0.24 -18.46
C ASN E 290 7.82 1.33 -18.56
N GLU E 291 7.42 2.58 -18.39
CA GLU E 291 8.36 3.69 -18.50
C GLU E 291 9.21 3.82 -17.25
N LEU E 292 10.14 2.88 -17.08
CA LEU E 292 11.03 2.91 -15.93
C LEU E 292 12.05 4.04 -16.07
N LYS E 293 12.45 4.32 -17.32
CA LYS E 293 13.49 5.30 -17.61
C LYS E 293 14.82 4.98 -16.93
N ASP E 294 15.82 5.80 -17.20
CA ASP E 294 17.16 5.56 -16.69
C ASP E 294 17.19 5.46 -15.16
N GLU E 295 16.43 6.32 -14.48
CA GLU E 295 16.36 6.25 -13.03
C GLU E 295 15.85 4.87 -12.59
N GLY E 296 14.82 4.40 -13.27
CA GLY E 296 14.28 3.06 -12.99
C GLY E 296 15.35 2.00 -13.17
N ALA E 297 16.08 2.08 -14.28
CA ALA E 297 17.14 1.13 -14.57
C ALA E 297 18.26 1.18 -13.54
N ARG E 298 18.58 2.39 -13.09
CA ARG E 298 19.62 2.56 -12.08
C ARG E 298 19.24 1.82 -10.79
N LEU E 299 17.99 1.94 -10.39
CA LEU E 299 17.47 1.27 -9.20
C LEU E 299 17.56 -0.25 -9.31
N LEU E 300 17.13 -0.79 -10.45
CA LEU E 300 17.19 -2.23 -10.68
C LEU E 300 18.63 -2.75 -10.55
N CYS E 301 19.56 -2.06 -11.21
CA CYS E 301 20.95 -2.51 -11.24
C CYS E 301 21.57 -2.53 -9.86
N GLU E 302 21.28 -1.51 -9.06
CA GLU E 302 21.80 -1.45 -7.70
C GLU E 302 21.23 -2.58 -6.85
N SER E 303 19.96 -2.88 -7.04
CA SER E 303 19.32 -3.98 -6.32
C SER E 303 19.90 -5.32 -6.77
N LEU E 304 20.10 -5.47 -8.07
CA LEU E 304 20.65 -6.70 -8.63
C LEU E 304 22.03 -7.03 -8.05
N LEU E 305 22.72 -6.00 -7.58
CA LEU E 305 24.07 -6.18 -7.04
C LEU E 305 24.06 -6.39 -5.54
N GLU E 306 22.88 -6.44 -4.94
CA GLU E 306 22.75 -6.73 -3.52
C GLU E 306 22.82 -8.24 -3.30
N PRO E 307 23.40 -8.65 -2.16
CA PRO E 307 23.58 -10.07 -1.82
C PRO E 307 22.26 -10.83 -1.76
N GLY E 308 21.18 -10.13 -1.44
CA GLY E 308 19.88 -10.77 -1.31
C GLY E 308 19.20 -11.10 -2.64
N CYS E 309 19.70 -10.51 -3.72
CA CYS E 309 19.09 -10.71 -5.03
C CYS E 309 19.74 -11.84 -5.81
N GLN E 310 18.92 -12.79 -6.26
CA GLN E 310 19.41 -13.90 -7.07
C GLN E 310 18.64 -14.01 -8.40
N LEU E 311 18.18 -12.86 -8.90
CA LEU E 311 17.40 -12.83 -10.13
C LEU E 311 18.15 -13.47 -11.29
N GLU E 312 17.45 -14.30 -12.05
CA GLU E 312 18.07 -15.05 -13.14
C GLU E 312 17.67 -14.51 -14.52
N SER E 313 16.44 -14.04 -14.65
CA SER E 313 15.96 -13.49 -15.91
C SER E 313 15.28 -12.14 -15.67
N LEU E 314 15.64 -11.16 -16.49
CA LEU E 314 15.07 -9.83 -16.36
C LEU E 314 14.54 -9.35 -17.71
N TRP E 315 13.24 -9.12 -17.78
CA TRP E 315 12.57 -8.67 -19.00
C TRP E 315 12.27 -7.17 -18.94
N ILE E 316 13.03 -6.38 -19.68
CA ILE E 316 12.83 -4.94 -19.67
C ILE E 316 12.79 -4.35 -21.07
N LYS E 317 12.16 -5.08 -21.98
CA LYS E 317 11.91 -4.61 -23.34
C LYS E 317 10.99 -3.39 -23.31
N THR E 318 11.30 -2.40 -24.14
CA THR E 318 10.44 -1.22 -24.28
C THR E 318 10.23 -0.47 -22.95
N CYS E 319 11.32 -0.08 -22.31
CA CYS E 319 11.23 0.61 -21.02
C CYS E 319 11.81 2.03 -21.04
N SER E 320 11.93 2.61 -22.23
CA SER E 320 12.44 3.98 -22.36
C SER E 320 13.82 4.14 -21.73
N LEU E 321 14.68 3.14 -21.94
CA LEU E 321 16.04 3.21 -21.43
C LEU E 321 17.00 3.72 -22.50
N THR E 322 17.91 4.59 -22.10
CA THR E 322 18.88 5.17 -23.01
C THR E 322 20.29 4.75 -22.62
N ALA E 323 21.28 5.19 -23.40
CA ALA E 323 22.68 4.87 -23.16
C ALA E 323 23.12 5.23 -21.75
N ALA E 324 22.49 6.25 -21.17
CA ALA E 324 22.85 6.71 -19.84
C ALA E 324 22.67 5.65 -18.74
N SER E 325 21.85 4.64 -19.01
CA SER E 325 21.60 3.60 -18.02
C SER E 325 22.57 2.43 -18.17
N CYS E 326 23.25 2.39 -19.31
CA CYS E 326 24.11 1.26 -19.65
C CYS E 326 25.36 1.07 -18.77
N PRO E 327 25.91 2.16 -18.23
CA PRO E 327 27.01 1.97 -17.27
C PRO E 327 26.55 1.16 -16.05
N TYR E 328 25.29 1.29 -15.65
CA TYR E 328 24.78 0.57 -14.49
C TYR E 328 24.56 -0.92 -14.79
N PHE E 329 24.16 -1.21 -16.02
CA PHE E 329 24.06 -2.61 -16.44
C PHE E 329 25.44 -3.25 -16.57
N CYS E 330 26.43 -2.44 -16.93
CA CYS E 330 27.81 -2.91 -17.01
C CYS E 330 28.25 -3.51 -15.68
N SER E 331 28.01 -2.76 -14.60
CA SER E 331 28.38 -3.21 -13.26
C SER E 331 27.68 -4.52 -12.94
N VAL E 332 26.46 -4.66 -13.45
CA VAL E 332 25.68 -5.87 -13.20
C VAL E 332 26.27 -7.05 -13.96
N LEU E 333 26.51 -6.86 -15.26
CA LEU E 333 27.07 -7.91 -16.10
C LEU E 333 28.44 -8.34 -15.59
N THR E 334 29.13 -7.42 -14.93
CA THR E 334 30.46 -7.69 -14.40
C THR E 334 30.41 -8.40 -13.05
N LYS E 335 29.47 -8.02 -12.19
CA LYS E 335 29.46 -8.49 -10.81
C LYS E 335 28.41 -9.56 -10.49
N SER E 336 27.20 -9.40 -11.00
CA SER E 336 26.14 -10.35 -10.71
C SER E 336 26.42 -11.74 -11.27
N ARG E 337 26.36 -12.75 -10.41
CA ARG E 337 26.59 -14.13 -10.82
C ARG E 337 25.27 -14.90 -10.95
N SER E 338 24.16 -14.19 -10.89
CA SER E 338 22.85 -14.83 -10.98
C SER E 338 22.12 -14.52 -12.30
N LEU E 339 22.36 -13.34 -12.87
CA LEU E 339 21.64 -12.93 -14.08
C LEU E 339 22.15 -13.65 -15.32
N LEU E 340 21.30 -14.48 -15.92
CA LEU E 340 21.69 -15.26 -17.10
C LEU E 340 20.98 -14.79 -18.37
N GLU E 341 19.86 -14.10 -18.19
CA GLU E 341 19.07 -13.63 -19.33
C GLU E 341 18.69 -12.16 -19.14
N LEU E 342 18.91 -11.36 -20.18
CA LEU E 342 18.67 -9.93 -20.11
C LEU E 342 18.04 -9.41 -21.40
N GLN E 343 16.74 -9.13 -21.35
CA GLN E 343 15.99 -8.68 -22.52
C GLN E 343 15.82 -7.16 -22.50
N MET E 344 16.57 -6.47 -23.35
CA MET E 344 16.54 -5.00 -23.38
C MET E 344 16.14 -4.45 -24.75
N SER E 345 15.44 -5.26 -25.54
CA SER E 345 15.02 -4.83 -26.87
C SER E 345 14.11 -3.61 -26.83
N SER E 346 14.00 -2.93 -27.97
CA SER E 346 13.12 -1.77 -28.10
C SER E 346 13.40 -0.69 -27.05
N ASN E 347 14.67 -0.51 -26.72
CA ASN E 347 15.12 0.66 -25.96
C ASN E 347 16.09 1.47 -26.81
N PRO E 348 15.95 2.80 -26.80
CA PRO E 348 16.81 3.65 -27.64
C PRO E 348 18.23 3.78 -27.08
N LEU E 349 18.94 2.67 -27.05
CA LEU E 349 20.30 2.62 -26.51
C LEU E 349 21.31 3.25 -27.46
N GLY E 350 21.14 2.98 -28.75
CA GLY E 350 22.07 3.45 -29.77
C GLY E 350 23.39 2.71 -29.71
N ASP E 351 24.32 3.12 -30.58
CA ASP E 351 25.66 2.54 -30.58
C ASP E 351 26.37 2.82 -29.26
N GLU E 352 26.17 4.03 -28.73
CA GLU E 352 26.77 4.40 -27.46
C GLU E 352 26.42 3.39 -26.37
N GLY E 353 25.12 3.20 -26.14
CA GLY E 353 24.65 2.29 -25.11
C GLY E 353 25.20 0.89 -25.29
N VAL E 354 25.17 0.40 -26.51
CA VAL E 354 25.61 -0.96 -26.80
C VAL E 354 27.13 -1.09 -26.71
N GLN E 355 27.85 -0.04 -27.09
CA GLN E 355 29.29 -0.03 -26.93
C GLN E 355 29.68 -0.13 -25.45
N GLU E 356 28.94 0.55 -24.59
CA GLU E 356 29.18 0.48 -23.16
C GLU E 356 29.00 -0.95 -22.66
N LEU E 357 27.88 -1.57 -23.03
CA LEU E 357 27.60 -2.95 -22.66
C LEU E 357 28.70 -3.88 -23.15
N CYS E 358 29.19 -3.63 -24.36
CA CYS E 358 30.25 -4.44 -24.93
C CYS E 358 31.54 -4.37 -24.12
N LYS E 359 31.75 -3.26 -23.43
CA LYS E 359 32.93 -3.09 -22.59
C LYS E 359 32.94 -4.13 -21.46
N ALA E 360 31.80 -4.30 -20.81
CA ALA E 360 31.69 -5.28 -19.73
C ALA E 360 31.72 -6.72 -20.26
N LEU E 361 31.11 -6.93 -21.42
CA LEU E 361 31.02 -8.27 -22.00
C LEU E 361 32.29 -8.73 -22.69
N SER E 362 33.22 -7.81 -22.91
CA SER E 362 34.49 -8.14 -23.56
C SER E 362 35.50 -8.69 -22.57
N GLN E 363 35.00 -9.09 -21.39
CA GLN E 363 35.78 -9.77 -20.38
C GLN E 363 35.36 -11.24 -20.41
N PRO E 364 36.26 -12.16 -20.03
CA PRO E 364 35.96 -13.59 -20.13
C PRO E 364 35.32 -14.20 -18.87
N ASP E 365 35.01 -13.38 -17.88
CA ASP E 365 34.50 -13.92 -16.62
C ASP E 365 33.02 -13.63 -16.35
N THR E 366 32.30 -13.21 -17.37
CA THR E 366 30.86 -12.93 -17.23
C THR E 366 30.05 -14.23 -17.15
N VAL E 367 28.79 -14.11 -16.77
CA VAL E 367 27.92 -15.28 -16.68
C VAL E 367 26.70 -15.19 -17.59
N LEU E 368 26.44 -13.99 -18.14
CA LEU E 368 25.26 -13.79 -18.98
C LEU E 368 25.25 -14.78 -20.14
N ARG E 369 24.10 -15.45 -20.33
CA ARG E 369 23.98 -16.47 -21.36
C ARG E 369 23.12 -16.03 -22.55
N GLU E 370 22.20 -15.10 -22.31
CA GLU E 370 21.31 -14.62 -23.36
C GLU E 370 21.03 -13.13 -23.22
N LEU E 371 21.17 -12.43 -24.34
CA LEU E 371 21.04 -10.98 -24.37
C LEU E 371 20.24 -10.56 -25.60
N TRP E 372 19.13 -9.87 -25.39
CA TRP E 372 18.34 -9.37 -26.50
C TRP E 372 18.53 -7.85 -26.64
N LEU E 373 19.04 -7.44 -27.81
CA LEU E 373 19.23 -6.03 -28.10
C LEU E 373 18.56 -5.66 -29.43
N GLY E 374 17.39 -6.21 -29.68
CA GLY E 374 16.65 -5.91 -30.88
C GLY E 374 16.05 -4.52 -30.83
N ASP E 375 15.94 -3.87 -31.99
CA ASP E 375 15.32 -2.55 -32.06
C ASP E 375 15.91 -1.61 -31.01
N CYS E 376 17.24 -1.60 -30.89
CA CYS E 376 17.91 -0.66 -29.99
C CYS E 376 18.67 0.44 -30.75
N ASP E 377 18.33 0.62 -32.02
CA ASP E 377 18.97 1.62 -32.88
C ASP E 377 20.47 1.35 -33.06
N VAL E 378 20.85 0.08 -33.08
CA VAL E 378 22.23 -0.30 -33.30
C VAL E 378 22.58 -0.18 -34.80
N THR E 379 23.71 0.45 -35.10
CA THR E 379 24.12 0.62 -36.49
C THR E 379 25.37 -0.18 -36.79
N ASN E 380 25.88 -0.06 -38.01
CA ASN E 380 27.14 -0.67 -38.39
C ASN E 380 28.26 -0.31 -37.43
N SER E 381 28.23 0.92 -36.92
CA SER E 381 29.29 1.43 -36.06
C SER E 381 29.32 0.79 -34.68
N GLY E 382 28.29 0.01 -34.37
CA GLY E 382 28.23 -0.68 -33.09
C GLY E 382 28.58 -2.14 -33.23
N CYS E 383 28.74 -2.60 -34.47
CA CYS E 383 28.96 -4.02 -34.75
C CYS E 383 30.38 -4.49 -34.50
N SER E 384 31.35 -3.59 -34.62
CA SER E 384 32.74 -3.95 -34.37
C SER E 384 32.92 -4.20 -32.89
N SER E 385 32.22 -3.41 -32.07
CA SER E 385 32.25 -3.62 -30.63
C SER E 385 31.60 -4.94 -30.28
N LEU E 386 30.50 -5.26 -30.95
CA LEU E 386 29.83 -6.54 -30.77
C LEU E 386 30.73 -7.68 -31.27
N ALA E 387 31.42 -7.43 -32.37
CA ALA E 387 32.38 -8.40 -32.91
C ALA E 387 33.44 -8.77 -31.86
N ASN E 388 33.99 -7.76 -31.20
CA ASN E 388 34.95 -7.98 -30.14
C ASN E 388 34.39 -8.83 -29.01
N VAL E 389 33.13 -8.56 -28.63
CA VAL E 389 32.49 -9.34 -27.60
C VAL E 389 32.45 -10.80 -28.00
N LEU E 390 32.04 -11.07 -29.23
CA LEU E 390 31.96 -12.45 -29.71
C LEU E 390 33.31 -13.15 -29.67
N LEU E 391 34.39 -12.38 -29.75
CA LEU E 391 35.74 -12.93 -29.66
C LEU E 391 36.17 -13.22 -28.22
N ALA E 392 35.84 -12.30 -27.32
CA ALA E 392 36.38 -12.32 -25.96
C ALA E 392 35.46 -12.91 -24.90
N ASN E 393 34.15 -12.88 -25.13
CA ASN E 393 33.20 -13.35 -24.13
C ASN E 393 33.12 -14.88 -24.06
N ARG E 394 33.02 -15.41 -22.84
CA ARG E 394 33.00 -16.85 -22.64
C ARG E 394 31.73 -17.38 -21.99
N SER E 395 30.64 -16.61 -22.07
CA SER E 395 29.36 -17.08 -21.49
C SER E 395 28.17 -16.90 -22.44
N LEU E 396 28.18 -15.81 -23.20
CA LEU E 396 27.05 -15.49 -24.07
C LEU E 396 26.80 -16.56 -25.13
N ARG E 397 25.62 -17.16 -25.08
CA ARG E 397 25.24 -18.22 -26.01
C ARG E 397 24.27 -17.72 -27.07
N GLU E 398 23.44 -16.75 -26.71
CA GLU E 398 22.48 -16.19 -27.66
C GLU E 398 22.50 -14.66 -27.66
N LEU E 399 22.46 -14.09 -28.85
CA LEU E 399 22.45 -12.63 -29.02
C LEU E 399 21.41 -12.24 -30.07
N ASP E 400 20.47 -11.41 -29.69
CA ASP E 400 19.43 -10.96 -30.62
C ASP E 400 19.66 -9.51 -31.04
N LEU E 401 19.82 -9.28 -32.33
CA LEU E 401 20.04 -7.95 -32.87
C LEU E 401 19.01 -7.61 -33.94
N SER E 402 17.86 -8.26 -33.88
CA SER E 402 16.81 -8.04 -34.86
C SER E 402 16.38 -6.58 -34.94
N ASN E 403 15.86 -6.19 -36.09
CA ASN E 403 15.20 -4.90 -36.24
C ASN E 403 16.06 -3.69 -35.90
N ASN E 404 17.38 -3.80 -36.11
CA ASN E 404 18.27 -2.67 -35.92
C ASN E 404 18.58 -1.92 -37.21
N CYS E 405 19.48 -0.94 -37.13
CA CYS E 405 19.77 -0.04 -38.24
C CYS E 405 20.95 -0.51 -39.08
N MET E 406 21.60 -1.57 -38.63
CA MET E 406 22.78 -2.11 -39.30
C MET E 406 22.43 -2.72 -40.64
N GLY E 407 23.45 -2.96 -41.46
CA GLY E 407 23.28 -3.65 -42.72
C GLY E 407 24.41 -4.63 -42.94
N GLY E 408 24.58 -5.05 -44.20
CA GLY E 408 25.63 -5.97 -44.58
C GLY E 408 26.98 -5.74 -43.93
N PRO E 409 27.54 -4.53 -44.08
CA PRO E 409 28.82 -4.19 -43.46
C PRO E 409 28.87 -4.58 -41.99
N GLY E 410 27.83 -4.20 -41.23
CA GLY E 410 27.77 -4.52 -39.82
C GLY E 410 27.72 -6.02 -39.60
N VAL E 411 26.81 -6.68 -40.30
CA VAL E 411 26.65 -8.13 -40.19
C VAL E 411 27.94 -8.88 -40.54
N LEU E 412 28.61 -8.44 -41.60
CA LEU E 412 29.87 -9.06 -42.02
C LEU E 412 30.91 -9.04 -40.90
N GLN E 413 30.94 -7.95 -40.14
CA GLN E 413 31.87 -7.83 -39.02
C GLN E 413 31.58 -8.89 -37.96
N LEU E 414 30.32 -9.22 -37.78
CA LEU E 414 29.92 -10.23 -36.81
C LEU E 414 30.31 -11.63 -37.29
N LEU E 415 30.06 -11.91 -38.57
CA LEU E 415 30.37 -13.22 -39.13
C LEU E 415 31.86 -13.53 -39.04
N GLU E 416 32.69 -12.52 -39.21
CA GLU E 416 34.13 -12.68 -39.16
C GLU E 416 34.56 -13.27 -37.82
N SER E 417 34.01 -12.73 -36.73
CA SER E 417 34.31 -13.24 -35.40
C SER E 417 33.85 -14.68 -35.24
N LEU E 418 32.65 -14.98 -35.76
CA LEU E 418 32.07 -16.31 -35.63
C LEU E 418 32.87 -17.38 -36.39
N LYS E 419 33.72 -16.96 -37.32
CA LYS E 419 34.59 -17.89 -38.04
C LYS E 419 35.48 -18.67 -37.07
N GLN E 420 35.80 -18.04 -35.94
CA GLN E 420 36.63 -18.67 -34.91
C GLN E 420 35.85 -19.76 -34.18
N PRO E 421 36.38 -21.00 -34.22
CA PRO E 421 35.74 -22.17 -33.61
C PRO E 421 35.64 -22.06 -32.09
N SER E 422 36.42 -21.15 -31.50
CA SER E 422 36.44 -21.00 -30.06
C SER E 422 35.30 -20.14 -29.55
N CYS E 423 34.68 -19.37 -30.45
CA CYS E 423 33.57 -18.50 -30.09
C CYS E 423 32.46 -19.26 -29.36
N THR E 424 31.97 -18.64 -28.28
CA THR E 424 31.01 -19.28 -27.38
C THR E 424 29.58 -19.22 -27.93
N LEU E 425 29.28 -18.20 -28.73
CA LEU E 425 27.92 -17.97 -29.21
C LEU E 425 27.36 -19.15 -29.98
N GLN E 426 26.14 -19.56 -29.63
CA GLN E 426 25.46 -20.64 -30.31
C GLN E 426 24.36 -20.12 -31.24
N GLN E 427 23.79 -18.96 -30.90
CA GLN E 427 22.66 -18.44 -31.69
C GLN E 427 22.68 -16.91 -31.87
N LEU E 428 22.73 -16.48 -33.12
CA LEU E 428 22.63 -15.06 -33.46
C LEU E 428 21.31 -14.81 -34.20
N VAL E 429 20.53 -13.86 -33.70
CA VAL E 429 19.21 -13.58 -34.27
C VAL E 429 19.19 -12.24 -34.99
N LEU E 430 18.79 -12.27 -36.27
CA LEU E 430 18.88 -11.11 -37.14
C LEU E 430 17.62 -10.91 -37.99
N TYR E 431 16.46 -10.98 -37.35
CA TYR E 431 15.20 -10.76 -38.08
C TYR E 431 15.15 -9.36 -38.64
N ASP E 432 14.58 -9.24 -39.84
CA ASP E 432 14.31 -7.94 -40.46
C ASP E 432 15.56 -7.07 -40.64
N ILE E 433 16.72 -7.72 -40.76
CA ILE E 433 17.93 -7.03 -41.17
C ILE E 433 18.12 -7.32 -42.65
N TYR E 434 18.33 -6.29 -43.46
CA TYR E 434 18.49 -6.49 -44.90
C TYR E 434 19.94 -6.43 -45.37
N TRP E 435 20.44 -7.56 -45.88
CA TRP E 435 21.74 -7.61 -46.51
C TRP E 435 21.64 -8.28 -47.89
N THR E 436 22.57 -7.93 -48.78
CA THR E 436 22.51 -8.40 -50.16
C THR E 436 22.92 -9.87 -50.31
N ASN E 437 22.70 -10.41 -51.50
CA ASN E 437 23.04 -11.80 -51.79
C ASN E 437 24.52 -12.11 -51.51
N GLU E 438 25.36 -11.09 -51.67
CA GLU E 438 26.80 -11.24 -51.43
C GLU E 438 27.09 -11.59 -49.98
N VAL E 439 26.41 -10.93 -49.05
CA VAL E 439 26.59 -11.20 -47.63
C VAL E 439 26.02 -12.57 -47.27
N GLU E 440 24.89 -12.89 -47.88
CA GLU E 440 24.24 -14.19 -47.67
C GLU E 440 25.18 -15.34 -48.00
N GLU E 441 25.95 -15.18 -49.07
CA GLU E 441 26.87 -16.23 -49.49
C GLU E 441 27.96 -16.43 -48.44
N GLN E 442 28.47 -15.33 -47.91
CA GLN E 442 29.42 -15.38 -46.81
C GLN E 442 28.77 -15.97 -45.57
N LEU E 443 27.46 -15.73 -45.42
CA LEU E 443 26.71 -16.22 -44.27
C LEU E 443 26.50 -17.72 -44.30
N ARG E 444 26.15 -18.24 -45.48
CA ARG E 444 25.90 -19.66 -45.64
C ARG E 444 27.20 -20.47 -45.67
N ALA E 445 28.28 -19.84 -46.08
CA ALA E 445 29.60 -20.44 -46.05
C ALA E 445 30.01 -20.72 -44.61
N LEU E 446 29.75 -19.75 -43.73
CA LEU E 446 30.05 -19.89 -42.32
C LEU E 446 29.22 -20.99 -41.66
N GLU E 447 27.93 -21.05 -42.00
CA GLU E 447 27.03 -22.04 -41.44
C GLU E 447 27.47 -23.47 -41.75
N GLU E 448 28.08 -23.64 -42.92
CA GLU E 448 28.56 -24.96 -43.31
C GLU E 448 29.92 -25.27 -42.68
N GLU E 449 30.68 -24.22 -42.36
CA GLU E 449 31.91 -24.38 -41.61
C GLU E 449 31.59 -24.81 -40.18
N ARG E 450 30.56 -24.19 -39.60
CA ARG E 450 30.20 -24.44 -38.21
C ARG E 450 28.71 -24.77 -38.07
N PRO E 451 28.35 -26.04 -38.30
CA PRO E 451 26.96 -26.50 -38.26
C PRO E 451 26.27 -26.27 -36.91
N SER E 452 27.05 -26.21 -35.84
CA SER E 452 26.49 -26.02 -34.50
C SER E 452 26.09 -24.56 -34.25
N LEU E 453 26.42 -23.69 -35.20
CA LEU E 453 26.11 -22.27 -35.09
C LEU E 453 24.77 -21.96 -35.73
N ARG E 454 23.86 -21.39 -34.94
CA ARG E 454 22.53 -21.07 -35.43
C ARG E 454 22.38 -19.58 -35.71
N ILE E 455 22.14 -19.23 -36.96
CA ILE E 455 21.90 -17.85 -37.35
C ILE E 455 20.48 -17.73 -37.88
N ILE E 456 19.65 -16.99 -37.14
CA ILE E 456 18.22 -16.99 -37.39
C ILE E 456 17.72 -15.70 -38.04
N SER E 457 16.92 -15.87 -39.09
CA SER E 457 16.41 -14.74 -39.86
C SER E 457 15.07 -15.12 -40.51
N MET F 1 -20.30 10.60 14.29
CA MET F 1 -20.72 11.99 14.14
C MET F 1 -20.63 12.42 12.67
N MET F 2 -21.67 13.07 12.19
CA MET F 2 -21.73 13.47 10.79
C MET F 2 -22.30 14.87 10.64
N SER F 3 -21.53 15.74 9.99
CA SER F 3 -21.90 17.15 9.85
C SER F 3 -21.80 17.67 8.43
N LEU F 4 -22.87 18.32 7.99
CA LEU F 4 -22.92 18.97 6.70
C LEU F 4 -23.11 20.46 6.92
N ASP F 5 -22.27 21.29 6.29
CA ASP F 5 -22.32 22.73 6.50
C ASP F 5 -22.15 23.50 5.19
N ILE F 6 -23.26 24.06 4.70
CA ILE F 6 -23.24 24.85 3.47
C ILE F 6 -23.57 26.32 3.74
N GLN F 7 -22.74 27.21 3.19
CA GLN F 7 -22.92 28.66 3.37
C GLN F 7 -22.77 29.40 2.04
N CYS F 8 -23.79 30.15 1.64
CA CYS F 8 -23.71 31.00 0.45
C CYS F 8 -23.46 30.19 -0.82
N GLU F 9 -24.32 29.21 -1.08
CA GLU F 9 -24.24 28.42 -2.29
C GLU F 9 -25.61 28.40 -2.96
N GLN F 10 -25.62 28.50 -4.28
CA GLN F 10 -26.85 28.29 -5.03
C GLN F 10 -26.89 26.82 -5.42
N LEU F 11 -27.86 26.09 -4.90
CA LEU F 11 -27.95 24.66 -5.14
C LEU F 11 -28.94 24.31 -6.24
N SER F 12 -28.44 23.74 -7.32
CA SER F 12 -29.29 23.24 -8.39
C SER F 12 -30.10 22.07 -7.85
N ASP F 13 -31.20 21.74 -8.52
CA ASP F 13 -32.03 20.61 -8.11
C ASP F 13 -31.19 19.34 -8.00
N ALA F 14 -30.24 19.18 -8.92
CA ALA F 14 -29.34 18.04 -8.91
C ALA F 14 -28.53 18.00 -7.62
N ARG F 15 -27.85 19.10 -7.31
CA ARG F 15 -27.00 19.16 -6.13
C ARG F 15 -27.82 19.14 -4.84
N TRP F 16 -29.05 19.64 -4.90
CA TRP F 16 -29.94 19.60 -3.76
C TRP F 16 -30.35 18.16 -3.48
N THR F 17 -30.62 17.41 -4.54
CA THR F 17 -31.02 16.02 -4.43
C THR F 17 -29.89 15.17 -3.84
N GLU F 18 -28.65 15.53 -4.16
CA GLU F 18 -27.49 14.86 -3.59
C GLU F 18 -27.45 14.93 -2.07
N LEU F 19 -28.02 15.99 -1.50
CA LEU F 19 -27.93 16.24 -0.06
C LEU F 19 -29.03 15.55 0.75
N LEU F 20 -30.15 15.24 0.11
CA LEU F 20 -31.31 14.72 0.82
C LEU F 20 -31.04 13.52 1.73
N PRO F 21 -30.29 12.53 1.25
CA PRO F 21 -29.99 11.38 2.11
C PRO F 21 -29.12 11.77 3.31
N LEU F 22 -28.27 12.78 3.14
CA LEU F 22 -27.46 13.28 4.25
C LEU F 22 -28.33 13.97 5.29
N ILE F 23 -29.28 14.77 4.82
CA ILE F 23 -30.17 15.49 5.72
C ILE F 23 -30.96 14.49 6.55
N GLN F 24 -31.15 13.30 6.00
CA GLN F 24 -31.90 12.24 6.63
C GLN F 24 -31.09 11.47 7.67
N GLN F 25 -29.78 11.64 7.68
CA GLN F 25 -28.92 10.84 8.56
C GLN F 25 -28.04 11.65 9.52
N TYR F 26 -27.66 12.85 9.12
CA TYR F 26 -26.62 13.59 9.86
C TYR F 26 -27.10 14.21 11.18
N GLU F 27 -26.18 14.34 12.12
CA GLU F 27 -26.44 15.01 13.38
C GLU F 27 -26.52 16.53 13.17
N VAL F 28 -25.60 17.05 12.36
CA VAL F 28 -25.54 18.49 12.13
C VAL F 28 -25.78 18.85 10.66
N VAL F 29 -26.81 19.66 10.44
CA VAL F 29 -27.17 20.11 9.10
C VAL F 29 -27.31 21.63 9.06
N ARG F 30 -26.38 22.29 8.38
CA ARG F 30 -26.45 23.74 8.22
C ARG F 30 -26.55 24.10 6.74
N LEU F 31 -27.66 24.74 6.37
CA LEU F 31 -27.90 25.14 5.00
C LEU F 31 -28.22 26.62 4.98
N ASP F 32 -27.20 27.43 5.22
CA ASP F 32 -27.37 28.87 5.39
C ASP F 32 -27.18 29.62 4.08
N ASP F 33 -28.18 30.44 3.74
CA ASP F 33 -28.15 31.20 2.50
C ASP F 33 -27.90 30.30 1.29
N CYS F 34 -28.79 29.33 1.10
CA CYS F 34 -28.66 28.35 0.03
C CYS F 34 -29.77 28.48 -1.00
N GLY F 35 -30.51 29.58 -0.92
CA GLY F 35 -31.66 29.79 -1.81
C GLY F 35 -32.71 28.71 -1.65
N LEU F 36 -32.85 28.19 -0.43
CA LEU F 36 -33.89 27.20 -0.14
C LEU F 36 -35.26 27.84 -0.26
N THR F 37 -36.22 27.06 -0.73
CA THR F 37 -37.55 27.55 -1.02
C THR F 37 -38.60 26.71 -0.30
N GLU F 38 -39.84 27.16 -0.31
CA GLU F 38 -40.94 26.42 0.30
C GLU F 38 -41.07 25.03 -0.32
N VAL F 39 -40.88 24.95 -1.63
CA VAL F 39 -40.89 23.67 -2.33
C VAL F 39 -39.89 22.69 -1.71
N ARG F 40 -38.69 23.18 -1.42
CA ARG F 40 -37.65 22.33 -0.87
C ARG F 40 -37.86 21.99 0.60
N CYS F 41 -38.77 22.71 1.25
CA CYS F 41 -39.08 22.43 2.65
C CYS F 41 -39.87 21.13 2.82
N LYS F 42 -40.53 20.67 1.76
CA LYS F 42 -41.17 19.37 1.77
C LYS F 42 -40.10 18.28 1.85
N ASP F 43 -39.05 18.41 1.05
CA ASP F 43 -37.93 17.49 1.09
C ASP F 43 -37.30 17.50 2.48
N ILE F 44 -37.15 18.69 3.05
CA ILE F 44 -36.54 18.83 4.36
C ILE F 44 -37.40 18.13 5.41
N SER F 45 -38.69 18.45 5.42
CA SER F 45 -39.63 17.86 6.35
C SER F 45 -39.55 16.34 6.35
N SER F 46 -39.57 15.76 5.15
CA SER F 46 -39.55 14.32 5.00
C SER F 46 -38.25 13.72 5.52
N ALA F 47 -37.14 14.30 5.09
CA ALA F 47 -35.82 13.83 5.48
C ALA F 47 -35.63 13.91 6.99
N VAL F 48 -36.12 15.00 7.58
CA VAL F 48 -35.94 15.26 9.00
C VAL F 48 -36.79 14.32 9.88
N GLN F 49 -38.02 14.05 9.44
CA GLN F 49 -38.91 13.15 10.17
C GLN F 49 -38.24 11.79 10.37
N ALA F 50 -37.53 11.33 9.35
CA ALA F 50 -36.87 10.04 9.39
C ALA F 50 -35.41 10.14 9.87
N ASN F 51 -35.09 11.22 10.56
CA ASN F 51 -33.73 11.42 11.06
C ASN F 51 -33.66 11.52 12.57
N PRO F 52 -33.43 10.38 13.24
CA PRO F 52 -33.36 10.31 14.71
C PRO F 52 -32.01 10.75 15.28
N ALA F 53 -31.04 11.08 14.43
CA ALA F 53 -29.73 11.50 14.91
C ALA F 53 -29.56 13.02 14.91
N LEU F 54 -30.46 13.70 14.20
CA LEU F 54 -30.40 15.15 14.04
C LEU F 54 -30.46 15.91 15.37
N THR F 55 -29.41 16.69 15.66
CA THR F 55 -29.39 17.52 16.86
C THR F 55 -29.29 19.01 16.56
N GLU F 56 -28.82 19.34 15.35
CA GLU F 56 -28.74 20.75 14.95
C GLU F 56 -29.21 20.99 13.52
N LEU F 57 -30.21 21.83 13.38
CA LEU F 57 -30.69 22.24 12.06
C LEU F 57 -30.66 23.75 11.92
N SER F 58 -29.90 24.24 10.95
CA SER F 58 -29.82 25.67 10.69
C SER F 58 -30.21 25.96 9.24
N LEU F 59 -31.20 26.81 9.05
CA LEU F 59 -31.67 27.16 7.71
C LEU F 59 -31.65 28.68 7.52
N ARG F 60 -30.68 29.33 8.14
CA ARG F 60 -30.58 30.79 8.11
C ARG F 60 -30.59 31.38 6.70
N THR F 61 -31.29 32.50 6.56
CA THR F 61 -31.29 33.30 5.34
C THR F 61 -31.75 32.54 4.09
N ASN F 62 -32.97 32.02 4.15
CA ASN F 62 -33.62 31.37 3.01
C ASN F 62 -35.07 31.83 2.89
N GLU F 63 -35.55 31.92 1.66
CA GLU F 63 -36.94 32.30 1.42
C GLU F 63 -37.90 31.13 1.64
N LEU F 64 -38.09 30.76 2.90
CA LEU F 64 -38.96 29.63 3.22
C LEU F 64 -40.41 30.08 3.29
N GLY F 65 -40.63 31.27 3.85
CA GLY F 65 -41.96 31.79 4.03
C GLY F 65 -42.68 31.05 5.14
N ASP F 66 -43.89 31.50 5.46
CA ASP F 66 -44.70 30.85 6.49
C ASP F 66 -44.92 29.37 6.16
N GLY F 67 -45.21 29.10 4.90
CA GLY F 67 -45.46 27.74 4.45
C GLY F 67 -44.23 26.87 4.61
N GLY F 68 -43.09 27.38 4.17
CA GLY F 68 -41.83 26.67 4.30
C GLY F 68 -41.50 26.38 5.75
N VAL F 69 -41.61 27.41 6.60
CA VAL F 69 -41.34 27.25 8.02
C VAL F 69 -42.28 26.21 8.63
N GLY F 70 -43.55 26.26 8.22
CA GLY F 70 -44.54 25.34 8.75
C GLY F 70 -44.21 23.89 8.48
N LEU F 71 -43.76 23.61 7.26
CA LEU F 71 -43.39 22.25 6.85
C LEU F 71 -42.19 21.73 7.62
N VAL F 72 -41.17 22.59 7.78
CA VAL F 72 -39.99 22.22 8.53
C VAL F 72 -40.34 21.87 9.97
N LEU F 73 -41.16 22.71 10.61
CA LEU F 73 -41.57 22.48 11.99
C LEU F 73 -42.40 21.20 12.12
N GLN F 74 -43.23 20.92 11.13
CA GLN F 74 -43.97 19.67 11.10
C GLN F 74 -43.03 18.46 11.09
N GLY F 75 -41.89 18.62 10.42
CA GLY F 75 -40.92 17.55 10.32
C GLY F 75 -40.35 17.15 11.67
N LEU F 76 -40.12 18.14 12.52
CA LEU F 76 -39.49 17.93 13.82
C LEU F 76 -40.44 17.33 14.85
N GLN F 77 -41.63 16.93 14.42
CA GLN F 77 -42.66 16.43 15.33
C GLN F 77 -42.54 14.94 15.65
N ASN F 78 -41.82 14.20 14.81
CA ASN F 78 -41.57 12.78 15.10
C ASN F 78 -41.12 12.61 16.54
N PRO F 79 -41.83 11.77 17.30
CA PRO F 79 -41.53 11.56 18.72
C PRO F 79 -40.07 11.22 19.00
N THR F 80 -39.34 10.77 17.98
CA THR F 80 -37.94 10.39 18.16
C THR F 80 -36.99 11.58 17.99
N CYS F 81 -37.52 12.72 17.56
CA CYS F 81 -36.70 13.88 17.30
C CYS F 81 -35.98 14.35 18.56
N LYS F 82 -34.67 14.52 18.47
CA LYS F 82 -33.87 14.99 19.60
C LYS F 82 -33.14 16.28 19.26
N ILE F 83 -33.76 17.10 18.41
CA ILE F 83 -33.19 18.37 17.99
C ILE F 83 -32.76 19.19 19.20
N GLN F 84 -31.61 19.85 19.09
CA GLN F 84 -31.03 20.61 20.19
C GLN F 84 -30.92 22.09 19.82
N LYS F 85 -30.49 22.36 18.59
CA LYS F 85 -30.31 23.72 18.12
C LYS F 85 -31.13 23.92 16.85
N LEU F 86 -31.90 25.00 16.82
CA LEU F 86 -32.71 25.29 15.66
C LEU F 86 -32.59 26.76 15.27
N SER F 87 -32.19 27.01 14.03
CA SER F 87 -32.15 28.36 13.52
C SER F 87 -33.05 28.52 12.31
N LEU F 88 -33.99 29.45 12.41
CA LEU F 88 -34.83 29.80 11.28
C LEU F 88 -34.68 31.30 11.03
N GLN F 89 -33.46 31.79 11.23
CA GLN F 89 -33.19 33.22 11.07
C GLN F 89 -33.40 33.67 9.64
N ASN F 90 -34.06 34.81 9.49
CA ASN F 90 -34.19 35.45 8.20
C ASN F 90 -34.79 34.50 7.17
N CYS F 91 -35.89 33.86 7.55
CA CYS F 91 -36.54 32.87 6.71
C CYS F 91 -37.93 33.32 6.24
N GLY F 92 -38.24 34.60 6.45
CA GLY F 92 -39.51 35.16 5.97
C GLY F 92 -40.70 34.70 6.78
N LEU F 93 -40.47 34.45 8.07
CA LEU F 93 -41.54 34.06 8.99
C LEU F 93 -42.32 35.28 9.46
N THR F 94 -43.62 35.28 9.19
CA THR F 94 -44.49 36.36 9.66
C THR F 94 -45.40 35.84 10.76
N GLU F 95 -46.23 36.71 11.30
CA GLU F 95 -47.16 36.33 12.36
C GLU F 95 -48.14 35.27 11.90
N ALA F 96 -48.50 35.32 10.61
CA ALA F 96 -49.43 34.36 10.04
C ALA F 96 -48.93 32.93 10.16
N GLY F 97 -47.61 32.78 10.28
CA GLY F 97 -47.01 31.47 10.36
C GLY F 97 -46.66 31.06 11.79
N CYS F 98 -46.98 31.93 12.75
CA CYS F 98 -46.62 31.67 14.13
C CYS F 98 -47.68 30.86 14.87
N GLY F 99 -48.88 30.77 14.31
CA GLY F 99 -49.95 30.00 14.90
C GLY F 99 -49.51 28.58 15.20
N ILE F 100 -48.54 28.11 14.43
CA ILE F 100 -48.02 26.76 14.55
C ILE F 100 -47.06 26.60 15.73
N LEU F 101 -46.50 27.72 16.20
CA LEU F 101 -45.43 27.71 17.20
C LEU F 101 -45.79 27.04 18.53
N PRO F 102 -46.96 27.36 19.10
CA PRO F 102 -47.31 26.75 20.40
C PRO F 102 -47.21 25.23 20.37
N GLY F 103 -47.85 24.60 19.39
CA GLY F 103 -47.84 23.16 19.29
C GLY F 103 -46.45 22.57 19.08
N MET F 104 -45.69 23.18 18.18
CA MET F 104 -44.38 22.65 17.81
C MET F 104 -43.37 22.68 18.96
N LEU F 105 -43.43 23.71 19.78
CA LEU F 105 -42.46 23.88 20.87
C LEU F 105 -42.78 23.01 22.08
N ARG F 106 -44.06 22.69 22.26
CA ARG F 106 -44.50 21.90 23.41
C ARG F 106 -43.79 20.55 23.46
N SER F 107 -43.70 19.87 22.32
CA SER F 107 -43.16 18.51 22.29
C SER F 107 -41.64 18.46 22.11
N LEU F 108 -41.04 19.59 21.75
CA LEU F 108 -39.59 19.63 21.55
C LEU F 108 -38.83 19.87 22.84
N SER F 109 -38.87 18.88 23.73
CA SER F 109 -38.27 18.99 25.06
C SER F 109 -36.75 18.94 25.03
N THR F 110 -36.16 18.61 23.88
CA THR F 110 -34.71 18.56 23.77
C THR F 110 -34.12 19.86 23.24
N LEU F 111 -34.98 20.76 22.77
CA LEU F 111 -34.53 22.02 22.15
C LEU F 111 -33.91 22.97 23.17
N ARG F 112 -32.69 23.42 22.90
CA ARG F 112 -31.96 24.30 23.81
C ARG F 112 -31.65 25.67 23.19
N GLU F 113 -31.52 25.72 21.87
CA GLU F 113 -31.16 26.97 21.20
C GLU F 113 -32.09 27.27 20.05
N LEU F 114 -32.69 28.46 20.08
CA LEU F 114 -33.66 28.86 19.07
C LEU F 114 -33.34 30.24 18.52
N HIS F 115 -33.10 30.29 17.22
CA HIS F 115 -32.82 31.54 16.53
C HIS F 115 -33.96 31.89 15.59
N LEU F 116 -34.64 32.99 15.89
CA LEU F 116 -35.72 33.46 15.02
C LEU F 116 -35.46 34.91 14.60
N ASN F 117 -34.19 35.30 14.65
CA ASN F 117 -33.77 36.65 14.23
C ASN F 117 -34.28 37.01 12.84
N ASP F 118 -34.48 38.29 12.61
CA ASP F 118 -34.76 38.81 11.28
C ASP F 118 -36.06 38.26 10.68
N ASN F 119 -37.01 37.94 11.54
CA ASN F 119 -38.34 37.56 11.07
C ASN F 119 -39.39 38.52 11.61
N PRO F 120 -40.18 39.12 10.72
CA PRO F 120 -41.19 40.10 11.13
C PRO F 120 -42.40 39.40 11.73
N MET F 121 -42.21 38.72 12.85
CA MET F 121 -43.28 38.00 13.50
C MET F 121 -44.22 38.97 14.20
N GLY F 122 -43.69 40.11 14.60
CA GLY F 122 -44.47 41.13 15.27
C GLY F 122 -44.88 40.70 16.67
N ASP F 123 -45.60 41.58 17.36
CA ASP F 123 -46.04 41.30 18.73
C ASP F 123 -47.02 40.14 18.79
N ALA F 124 -47.87 40.03 17.77
CA ALA F 124 -48.81 38.92 17.72
C ALA F 124 -48.06 37.59 17.59
N GLY F 125 -47.08 37.55 16.70
CA GLY F 125 -46.28 36.36 16.51
C GLY F 125 -45.51 36.00 17.76
N LEU F 126 -45.04 37.02 18.47
CA LEU F 126 -44.29 36.85 19.70
C LEU F 126 -45.14 36.22 20.81
N LYS F 127 -46.36 36.71 20.97
CA LYS F 127 -47.27 36.14 21.98
C LYS F 127 -47.47 34.66 21.69
N LEU F 128 -47.59 34.33 20.41
CA LEU F 128 -47.73 32.93 20.01
C LEU F 128 -46.49 32.14 20.37
N LEU F 129 -45.31 32.71 20.11
CA LEU F 129 -44.06 32.08 20.52
C LEU F 129 -44.08 31.79 22.01
N CYS F 130 -44.43 32.80 22.81
CA CYS F 130 -44.43 32.67 24.26
C CYS F 130 -45.42 31.63 24.77
N GLU F 131 -46.46 31.34 23.99
CA GLU F 131 -47.40 30.28 24.37
C GLU F 131 -46.71 28.93 24.36
N GLY F 132 -45.83 28.72 23.38
CA GLY F 132 -45.04 27.51 23.32
C GLY F 132 -43.95 27.51 24.38
N LEU F 133 -43.34 28.68 24.59
CA LEU F 133 -42.28 28.83 25.57
C LEU F 133 -42.76 28.51 26.99
N GLN F 134 -43.98 28.97 27.31
CA GLN F 134 -44.54 28.76 28.64
C GLN F 134 -44.66 27.29 29.03
N ASP F 135 -44.76 26.40 28.04
CA ASP F 135 -44.88 24.97 28.33
C ASP F 135 -43.70 24.53 29.18
N PRO F 136 -43.98 23.78 30.25
CA PRO F 136 -42.94 23.33 31.19
C PRO F 136 -41.83 22.54 30.50
N GLN F 137 -42.15 21.89 29.40
CA GLN F 137 -41.18 21.06 28.70
C GLN F 137 -40.29 21.86 27.76
N CYS F 138 -40.70 23.08 27.46
CA CYS F 138 -39.89 23.95 26.62
C CYS F 138 -38.85 24.66 27.47
N ARG F 139 -37.62 24.15 27.43
CA ARG F 139 -36.56 24.67 28.29
C ARG F 139 -35.33 25.10 27.49
N LEU F 140 -35.42 26.27 26.89
CA LEU F 140 -34.32 26.83 26.12
C LEU F 140 -33.20 27.31 27.02
N GLU F 141 -31.97 27.28 26.49
CA GLU F 141 -30.84 27.93 27.14
C GLU F 141 -30.54 29.23 26.42
N LYS F 142 -30.80 29.26 25.11
CA LYS F 142 -30.49 30.44 24.31
C LYS F 142 -31.64 30.81 23.38
N LEU F 143 -32.00 32.08 23.39
CA LEU F 143 -33.08 32.60 22.57
C LEU F 143 -32.63 33.86 21.84
N GLN F 144 -32.76 33.84 20.52
CA GLN F 144 -32.38 35.01 19.73
C GLN F 144 -33.56 35.52 18.91
N LEU F 145 -33.93 36.76 19.17
CA LEU F 145 -35.10 37.37 18.54
C LEU F 145 -34.79 38.78 18.05
N GLU F 146 -33.55 38.98 17.63
CA GLU F 146 -33.11 40.27 17.10
C GLU F 146 -33.90 40.70 15.86
N TYR F 147 -34.34 41.95 15.85
CA TYR F 147 -35.00 42.53 14.68
C TYR F 147 -36.20 41.69 14.24
N CYS F 148 -37.17 41.53 15.15
CA CYS F 148 -38.37 40.75 14.88
C CYS F 148 -39.65 41.61 14.95
N ASN F 149 -39.50 42.91 14.79
CA ASN F 149 -40.64 43.83 14.81
C ASN F 149 -41.40 43.79 16.13
N LEU F 150 -40.69 43.55 17.23
CA LEU F 150 -41.30 43.54 18.55
C LEU F 150 -41.36 44.94 19.16
N THR F 151 -42.38 45.20 19.98
CA THR F 151 -42.49 46.47 20.67
C THR F 151 -42.77 46.24 22.15
N ALA F 152 -43.10 47.31 22.88
CA ALA F 152 -43.34 47.22 24.31
C ALA F 152 -44.34 46.13 24.68
N THR F 153 -45.29 45.89 23.78
CA THR F 153 -46.32 44.87 24.00
C THR F 153 -45.76 43.46 24.20
N SER F 154 -44.59 43.20 23.61
CA SER F 154 -44.00 41.87 23.67
C SER F 154 -43.27 41.60 25.00
N CYS F 155 -42.95 42.66 25.73
CA CYS F 155 -42.10 42.54 26.91
C CYS F 155 -42.72 41.79 28.08
N GLU F 156 -44.00 42.03 28.36
CA GLU F 156 -44.66 41.37 29.47
C GLU F 156 -44.72 39.85 29.25
N PRO F 157 -45.22 39.41 28.08
CA PRO F 157 -45.20 37.97 27.76
C PRO F 157 -43.80 37.36 27.92
N LEU F 158 -42.78 38.05 27.43
CA LEU F 158 -41.40 37.56 27.57
C LEU F 158 -40.97 37.49 29.03
N ALA F 159 -41.22 38.57 29.77
CA ALA F 159 -40.90 38.62 31.19
C ALA F 159 -41.57 37.48 31.94
N SER F 160 -42.79 37.13 31.52
CA SER F 160 -43.54 36.06 32.15
C SER F 160 -42.85 34.71 31.98
N VAL F 161 -42.25 34.51 30.80
CA VAL F 161 -41.51 33.28 30.51
C VAL F 161 -40.21 33.24 31.30
N LEU F 162 -39.47 34.36 31.28
CA LEU F 162 -38.18 34.45 31.94
C LEU F 162 -38.27 34.16 33.44
N ARG F 163 -39.38 34.56 34.06
CA ARG F 163 -39.59 34.38 35.49
C ARG F 163 -39.52 32.93 35.92
N VAL F 164 -39.94 32.02 35.05
CA VAL F 164 -40.10 30.63 35.44
C VAL F 164 -39.12 29.68 34.77
N LYS F 165 -38.18 30.23 34.00
CA LYS F 165 -37.21 29.41 33.26
C LYS F 165 -35.79 29.53 33.83
N ALA F 166 -35.36 28.49 34.52
CA ALA F 166 -34.07 28.49 35.21
C ALA F 166 -32.88 28.28 34.29
N ASP F 167 -33.11 27.69 33.12
CA ASP F 167 -32.02 27.25 32.26
C ASP F 167 -31.51 28.30 31.26
N PHE F 168 -32.12 29.48 31.23
CA PHE F 168 -31.71 30.52 30.29
C PHE F 168 -30.26 30.99 30.49
N LYS F 169 -29.51 31.00 29.39
CA LYS F 169 -28.11 31.45 29.44
C LYS F 169 -27.90 32.70 28.58
N GLU F 170 -28.62 32.78 27.46
CA GLU F 170 -28.41 33.87 26.52
C GLU F 170 -29.72 34.41 25.96
N LEU F 171 -29.87 35.73 26.01
CA LEU F 171 -31.02 36.40 25.45
C LEU F 171 -30.61 37.55 24.54
N VAL F 172 -31.10 37.54 23.31
CA VAL F 172 -30.82 38.61 22.36
C VAL F 172 -32.12 39.22 21.84
N LEU F 173 -32.35 40.49 22.15
CA LEU F 173 -33.57 41.19 21.73
C LEU F 173 -33.25 42.47 20.98
N SER F 174 -32.00 42.58 20.53
CA SER F 174 -31.53 43.78 19.83
C SER F 174 -32.41 44.18 18.66
N ASN F 175 -32.33 45.45 18.30
CA ASN F 175 -33.03 45.97 17.13
C ASN F 175 -34.53 45.73 17.17
N ASN F 176 -35.09 45.83 18.37
CA ASN F 176 -36.53 45.87 18.56
C ASN F 176 -36.83 47.05 19.47
N ASP F 177 -37.79 47.88 19.07
CA ASP F 177 -38.11 49.06 19.87
C ASP F 177 -39.03 48.69 21.04
N LEU F 178 -38.41 48.32 22.15
CA LEU F 178 -39.14 47.90 23.34
C LEU F 178 -39.55 49.10 24.17
N HIS F 179 -38.83 50.20 23.98
CA HIS F 179 -39.08 51.44 24.73
C HIS F 179 -38.88 51.27 26.22
N GLU F 180 -38.83 52.38 26.93
CA GLU F 180 -38.52 52.40 28.36
C GLU F 180 -39.36 51.45 29.23
N PRO F 181 -40.69 51.53 29.13
CA PRO F 181 -41.52 50.65 29.98
C PRO F 181 -41.34 49.18 29.60
N GLY F 182 -41.13 48.90 28.33
CA GLY F 182 -40.89 47.54 27.88
C GLY F 182 -39.61 46.99 28.50
N VAL F 183 -38.53 47.74 28.37
CA VAL F 183 -37.25 47.33 28.93
C VAL F 183 -37.37 47.15 30.44
N ARG F 184 -38.10 48.04 31.09
CA ARG F 184 -38.32 47.96 32.52
C ARG F 184 -38.99 46.63 32.89
N ILE F 185 -40.06 46.30 32.18
CA ILE F 185 -40.78 45.06 32.41
C ILE F 185 -39.89 43.83 32.18
N LEU F 186 -39.07 43.89 31.14
CA LEU F 186 -38.16 42.79 30.82
C LEU F 186 -37.11 42.60 31.94
N CYS F 187 -36.50 43.69 32.36
CA CYS F 187 -35.49 43.64 33.42
C CYS F 187 -36.04 43.03 34.71
N GLN F 188 -37.29 43.39 35.04
CA GLN F 188 -37.93 42.89 36.26
C GLN F 188 -38.09 41.37 36.18
N GLY F 189 -38.39 40.86 34.98
CA GLY F 189 -38.49 39.43 34.78
C GLY F 189 -37.14 38.75 34.95
N LEU F 190 -36.10 39.36 34.39
CA LEU F 190 -34.76 38.81 34.51
C LEU F 190 -34.30 38.82 35.96
N LYS F 191 -34.59 39.91 36.67
CA LYS F 191 -34.27 40.01 38.09
C LYS F 191 -34.92 38.88 38.89
N ASP F 192 -36.19 38.61 38.62
CA ASP F 192 -36.94 37.60 39.33
C ASP F 192 -36.51 36.19 38.95
N SER F 193 -35.97 36.04 37.75
CA SER F 193 -35.57 34.73 37.26
C SER F 193 -34.42 34.15 38.07
N ALA F 194 -34.44 32.83 38.25
CA ALA F 194 -33.34 32.14 38.89
C ALA F 194 -32.25 31.83 37.88
N CYS F 195 -32.50 32.14 36.61
CA CYS F 195 -31.56 31.81 35.54
C CYS F 195 -30.21 32.48 35.77
N GLN F 196 -29.14 31.71 35.62
CA GLN F 196 -27.80 32.25 35.66
C GLN F 196 -27.42 32.75 34.27
N LEU F 197 -28.01 33.89 33.89
CA LEU F 197 -27.82 34.46 32.56
C LEU F 197 -26.36 34.86 32.32
N GLU F 198 -25.85 34.52 31.14
CA GLU F 198 -24.45 34.73 30.82
C GLU F 198 -24.28 35.79 29.74
N SER F 199 -25.29 35.97 28.91
CA SER F 199 -25.21 36.91 27.81
C SER F 199 -26.53 37.63 27.58
N LEU F 200 -26.46 38.96 27.56
CA LEU F 200 -27.63 39.80 27.35
C LEU F 200 -27.31 40.88 26.33
N LYS F 201 -28.11 40.93 25.26
CA LYS F 201 -27.88 41.87 24.19
C LYS F 201 -29.16 42.63 23.83
N LEU F 202 -29.12 43.94 24.07
CA LEU F 202 -30.27 44.80 23.81
C LEU F 202 -29.85 46.03 23.03
N GLU F 203 -29.12 45.82 21.94
CA GLU F 203 -28.72 46.92 21.06
C GLU F 203 -29.94 47.58 20.45
N ASN F 204 -29.91 48.90 20.35
CA ASN F 204 -30.98 49.65 19.68
C ASN F 204 -32.36 49.15 20.09
N CYS F 205 -32.65 49.21 21.39
CA CYS F 205 -33.93 48.74 21.92
C CYS F 205 -34.75 49.87 22.52
N GLY F 206 -34.29 51.11 22.34
CA GLY F 206 -34.96 52.26 22.92
C GLY F 206 -34.70 52.36 24.42
N ILE F 207 -33.57 51.82 24.86
CA ILE F 207 -33.19 51.91 26.26
C ILE F 207 -32.82 53.34 26.62
N THR F 208 -33.30 53.81 27.77
CA THR F 208 -33.03 55.18 28.21
C THR F 208 -32.18 55.20 29.48
N ALA F 209 -31.76 56.41 29.86
CA ALA F 209 -30.98 56.59 31.08
C ALA F 209 -31.73 56.05 32.29
N ALA F 210 -33.04 56.28 32.33
CA ALA F 210 -33.87 55.77 33.41
C ALA F 210 -33.81 54.24 33.48
N ASN F 211 -33.74 53.59 32.32
CA ASN F 211 -33.67 52.13 32.26
C ASN F 211 -32.40 51.58 32.87
N CYS F 212 -31.36 52.39 32.95
CA CYS F 212 -30.06 51.91 33.42
C CYS F 212 -30.09 51.59 34.90
N LYS F 213 -31.07 52.13 35.61
CA LYS F 213 -31.31 51.74 36.99
C LYS F 213 -31.76 50.28 37.02
N ASP F 214 -32.73 49.97 36.16
CA ASP F 214 -33.21 48.59 36.01
C ASP F 214 -32.08 47.66 35.59
N LEU F 215 -31.28 48.10 34.61
CA LEU F 215 -30.20 47.27 34.09
C LEU F 215 -29.13 47.01 35.14
N CYS F 216 -28.82 48.04 35.92
CA CYS F 216 -27.91 47.88 37.06
C CYS F 216 -28.40 46.75 37.97
N ASP F 217 -29.71 46.68 38.16
CA ASP F 217 -30.31 45.64 39.00
C ASP F 217 -30.13 44.26 38.38
N VAL F 218 -30.29 44.17 37.06
CA VAL F 218 -30.11 42.89 36.39
C VAL F 218 -28.68 42.41 36.56
N VAL F 219 -27.72 43.30 36.30
CA VAL F 219 -26.30 42.98 36.42
C VAL F 219 -25.95 42.49 37.82
N ALA F 220 -26.38 43.24 38.83
CA ALA F 220 -26.15 42.87 40.21
C ALA F 220 -26.66 41.46 40.52
N SER F 221 -27.85 41.15 40.03
CA SER F 221 -28.50 39.87 40.32
C SER F 221 -27.91 38.69 39.54
N LYS F 222 -27.10 38.98 38.53
CA LYS F 222 -26.54 37.93 37.67
C LYS F 222 -25.02 37.86 37.74
N ALA F 223 -24.50 37.24 38.79
CA ALA F 223 -23.06 37.05 38.94
C ALA F 223 -22.46 36.31 37.74
N SER F 224 -23.31 35.62 37.00
CA SER F 224 -22.85 34.82 35.88
C SER F 224 -22.71 35.64 34.59
N LEU F 225 -23.12 36.89 34.63
CA LEU F 225 -23.13 37.71 33.41
C LEU F 225 -21.73 37.93 32.86
N GLN F 226 -21.50 37.42 31.66
CA GLN F 226 -20.19 37.51 31.02
C GLN F 226 -20.17 38.62 29.98
N GLU F 227 -21.29 38.81 29.30
CA GLU F 227 -21.34 39.70 28.16
C GLU F 227 -22.57 40.62 28.21
N LEU F 228 -22.34 41.92 28.08
CA LEU F 228 -23.42 42.89 28.14
C LEU F 228 -23.33 43.89 26.99
N ASP F 229 -24.38 43.93 26.18
CA ASP F 229 -24.39 44.76 24.98
C ASP F 229 -25.60 45.69 24.99
N LEU F 230 -25.35 46.98 25.23
CA LEU F 230 -26.40 47.97 25.29
C LEU F 230 -26.19 49.07 24.24
N SER F 231 -25.55 48.70 23.14
CA SER F 231 -25.16 49.65 22.10
C SER F 231 -26.35 50.30 21.42
N SER F 232 -26.11 51.44 20.78
CA SER F 232 -27.14 52.11 20.00
C SER F 232 -28.38 52.41 20.83
N ASN F 233 -28.17 52.84 22.07
CA ASN F 233 -29.23 53.34 22.91
C ASN F 233 -28.80 54.69 23.48
N LYS F 234 -29.75 55.61 23.64
CA LYS F 234 -29.43 56.93 24.17
C LYS F 234 -29.28 56.88 25.69
N LEU F 235 -28.24 56.21 26.15
CA LEU F 235 -27.99 56.06 27.57
C LEU F 235 -27.44 57.37 28.14
N GLY F 236 -26.54 57.99 27.40
CA GLY F 236 -25.89 59.20 27.84
C GLY F 236 -25.01 58.97 29.05
N ASN F 237 -24.40 60.03 29.54
CA ASN F 237 -23.55 59.96 30.72
C ASN F 237 -24.32 59.57 31.96
N ALA F 238 -25.60 59.93 32.03
CA ALA F 238 -26.42 59.61 33.19
C ALA F 238 -26.74 58.12 33.25
N GLY F 239 -27.03 57.54 32.10
CA GLY F 239 -27.27 56.10 32.02
C GLY F 239 -26.04 55.36 32.49
N ILE F 240 -24.89 55.73 31.93
CA ILE F 240 -23.63 55.10 32.27
C ILE F 240 -23.35 55.14 33.76
N ALA F 241 -23.54 56.30 34.38
CA ALA F 241 -23.32 56.44 35.81
C ALA F 241 -24.20 55.50 36.61
N ALA F 242 -25.43 55.33 36.14
CA ALA F 242 -26.41 54.49 36.82
C ALA F 242 -26.07 52.99 36.71
N LEU F 243 -25.25 52.65 35.72
CA LEU F 243 -24.84 51.27 35.50
C LEU F 243 -23.66 50.85 36.36
N CYS F 244 -22.74 51.77 36.60
CA CYS F 244 -21.48 51.49 37.26
C CYS F 244 -21.57 50.77 38.61
N PRO F 245 -22.53 51.16 39.46
CA PRO F 245 -22.64 50.49 40.76
C PRO F 245 -22.68 48.97 40.62
N GLY F 246 -23.53 48.46 39.73
CA GLY F 246 -23.61 47.03 39.49
C GLY F 246 -22.31 46.46 38.92
N LEU F 247 -21.64 47.24 38.09
CA LEU F 247 -20.40 46.80 37.48
C LEU F 247 -19.26 46.68 38.49
N LEU F 248 -19.36 47.44 39.58
CA LEU F 248 -18.28 47.50 40.56
C LEU F 248 -18.42 46.46 41.68
N LEU F 249 -19.59 45.84 41.79
CA LEU F 249 -19.79 44.80 42.79
C LEU F 249 -18.70 43.73 42.67
N PRO F 250 -18.19 43.26 43.82
CA PRO F 250 -17.19 42.17 43.83
C PRO F 250 -17.67 40.95 43.06
N SER F 251 -18.98 40.70 43.05
CA SER F 251 -19.53 39.52 42.40
C SER F 251 -19.63 39.66 40.88
N CYS F 252 -19.54 40.89 40.38
CA CYS F 252 -19.61 41.11 38.93
C CYS F 252 -18.28 40.78 38.26
N LYS F 253 -18.33 39.85 37.30
CA LYS F 253 -17.13 39.49 36.55
C LYS F 253 -17.36 39.60 35.06
N LEU F 254 -18.05 40.66 34.66
CA LEU F 254 -18.36 40.91 33.26
C LEU F 254 -17.07 40.92 32.44
N ARG F 255 -17.05 40.15 31.35
CA ARG F 255 -15.86 40.07 30.52
C ARG F 255 -15.92 41.02 29.34
N THR F 256 -17.12 41.24 28.81
CA THR F 256 -17.30 42.00 27.58
C THR F 256 -18.40 43.05 27.74
N LEU F 257 -18.02 44.32 27.61
CA LEU F 257 -18.97 45.40 27.74
C LEU F 257 -19.06 46.17 26.41
N TRP F 258 -20.24 46.14 25.80
CA TRP F 258 -20.42 46.77 24.50
C TRP F 258 -21.32 48.01 24.59
N LEU F 259 -20.72 49.18 24.44
CA LEU F 259 -21.46 50.43 24.54
C LEU F 259 -21.25 51.32 23.32
N TRP F 260 -21.25 50.69 22.15
CA TRP F 260 -21.12 51.41 20.90
C TRP F 260 -22.28 52.39 20.70
N GLU F 261 -21.94 53.63 20.35
CA GLU F 261 -22.94 54.65 20.01
C GLU F 261 -24.01 54.85 21.08
N CYS F 262 -23.62 55.33 22.25
CA CYS F 262 -24.54 55.44 23.38
C CYS F 262 -24.69 56.86 23.93
N ASP F 263 -24.28 57.84 23.14
CA ASP F 263 -24.36 59.24 23.57
C ASP F 263 -23.46 59.50 24.77
N ILE F 264 -22.34 58.80 24.83
CA ILE F 264 -21.38 58.98 25.93
C ILE F 264 -20.34 60.02 25.58
N THR F 265 -20.01 60.87 26.54
CA THR F 265 -18.92 61.83 26.39
C THR F 265 -17.93 61.71 27.55
N ALA F 266 -17.00 62.66 27.63
CA ALA F 266 -15.92 62.59 28.62
C ALA F 266 -16.39 62.32 30.06
N GLU F 267 -17.56 62.86 30.41
CA GLU F 267 -18.09 62.68 31.77
C GLU F 267 -18.44 61.21 32.06
N GLY F 268 -19.31 60.64 31.22
CA GLY F 268 -19.70 59.24 31.36
C GLY F 268 -18.49 58.34 31.22
N CYS F 269 -17.49 58.83 30.51
CA CYS F 269 -16.23 58.12 30.35
C CYS F 269 -15.52 58.03 31.70
N LYS F 270 -15.53 59.15 32.43
CA LYS F 270 -14.91 59.23 33.75
C LYS F 270 -15.57 58.21 34.69
N ASP F 271 -16.88 58.09 34.59
CA ASP F 271 -17.64 57.12 35.37
C ASP F 271 -17.15 55.70 35.08
N LEU F 272 -17.00 55.38 33.80
CA LEU F 272 -16.57 54.05 33.38
C LEU F 272 -15.14 53.74 33.80
N CYS F 273 -14.32 54.77 33.95
CA CYS F 273 -12.94 54.55 34.33
C CYS F 273 -12.83 54.00 35.76
N ARG F 274 -13.84 54.27 36.57
CA ARG F 274 -13.87 53.75 37.92
C ARG F 274 -14.05 52.23 37.92
N VAL F 275 -14.64 51.72 36.84
CA VAL F 275 -14.80 50.27 36.67
C VAL F 275 -13.53 49.66 36.08
N LEU F 276 -13.01 50.31 35.04
CA LEU F 276 -11.81 49.84 34.35
C LEU F 276 -10.61 49.65 35.27
N ARG F 277 -10.41 50.58 36.20
CA ARG F 277 -9.23 50.55 37.05
C ARG F 277 -9.38 49.57 38.21
N ALA F 278 -10.55 48.96 38.34
CA ALA F 278 -10.84 48.12 39.50
C ALA F 278 -11.35 46.73 39.14
N LYS F 279 -11.76 46.53 37.89
CA LYS F 279 -12.31 45.24 37.49
C LYS F 279 -11.40 44.50 36.52
N GLN F 280 -10.56 43.63 37.07
CA GLN F 280 -9.59 42.89 36.27
C GLN F 280 -10.27 41.87 35.36
N SER F 281 -11.54 41.59 35.62
CA SER F 281 -12.29 40.62 34.83
C SER F 281 -12.72 41.19 33.47
N LEU F 282 -12.84 42.52 33.39
CA LEU F 282 -13.24 43.16 32.14
C LEU F 282 -12.14 43.06 31.10
N LYS F 283 -12.36 42.25 30.06
CA LYS F 283 -11.35 42.02 29.03
C LYS F 283 -11.62 42.77 27.72
N GLU F 284 -12.89 43.00 27.41
CA GLU F 284 -13.27 43.64 26.15
C GLU F 284 -14.24 44.80 26.37
N LEU F 285 -13.92 45.93 25.76
CA LEU F 285 -14.73 47.13 25.92
C LEU F 285 -14.83 47.89 24.61
N SER F 286 -16.06 48.22 24.22
CA SER F 286 -16.26 49.06 23.04
C SER F 286 -16.96 50.37 23.41
N LEU F 287 -16.32 51.48 23.09
CA LEU F 287 -16.93 52.79 23.26
C LEU F 287 -16.98 53.50 21.91
N ALA F 288 -16.93 52.71 20.84
CA ALA F 288 -16.95 53.25 19.48
C ALA F 288 -18.14 54.17 19.27
N SER F 289 -17.99 55.13 18.36
CA SER F 289 -19.05 56.08 18.02
C SER F 289 -19.61 56.83 19.22
N ASN F 290 -18.74 57.18 20.17
CA ASN F 290 -19.09 58.10 21.24
C ASN F 290 -18.10 59.25 21.24
N GLU F 291 -18.59 60.47 21.42
CA GLU F 291 -17.69 61.64 21.40
C GLU F 291 -16.90 61.77 22.69
N LEU F 292 -15.95 60.86 22.88
CA LEU F 292 -15.10 60.85 24.06
C LEU F 292 -14.11 62.02 23.99
N LYS F 293 -13.64 62.29 22.78
CA LYS F 293 -12.67 63.35 22.55
C LYS F 293 -11.38 63.11 23.31
N ASP F 294 -10.37 63.94 23.04
CA ASP F 294 -9.05 63.76 23.62
C ASP F 294 -9.06 63.65 25.14
N GLU F 295 -9.94 64.39 25.80
CA GLU F 295 -10.03 64.29 27.26
C GLU F 295 -10.52 62.90 27.66
N GLY F 296 -11.57 62.44 27.01
CA GLY F 296 -12.08 61.09 27.25
C GLY F 296 -10.98 60.06 27.08
N ALA F 297 -10.17 60.22 26.03
CA ALA F 297 -9.04 59.33 25.79
C ALA F 297 -8.05 59.37 26.96
N ARG F 298 -7.74 60.56 27.44
CA ARG F 298 -6.82 60.73 28.57
C ARG F 298 -7.32 59.95 29.79
N LEU F 299 -8.60 60.07 30.11
CA LEU F 299 -9.17 59.34 31.24
C LEU F 299 -9.03 57.83 31.09
N LEU F 300 -9.29 57.31 29.89
CA LEU F 300 -9.17 55.87 29.64
C LEU F 300 -7.73 55.41 29.79
N CYS F 301 -6.80 56.18 29.22
CA CYS F 301 -5.39 55.80 29.24
C CYS F 301 -4.83 55.76 30.68
N GLU F 302 -5.27 56.69 31.52
CA GLU F 302 -4.87 56.66 32.93
C GLU F 302 -5.32 55.37 33.59
N SER F 303 -6.60 55.05 33.44
CA SER F 303 -7.18 53.85 34.03
C SER F 303 -6.48 52.58 33.54
N LEU F 304 -6.15 52.56 32.25
CA LEU F 304 -5.49 51.40 31.65
C LEU F 304 -4.13 51.15 32.29
N LEU F 305 -3.52 52.20 32.82
CA LEU F 305 -2.19 52.09 33.43
C LEU F 305 -2.27 51.70 34.91
N GLU F 306 -3.48 51.69 35.46
CA GLU F 306 -3.69 51.28 36.84
C GLU F 306 -3.56 49.76 36.98
N PRO F 307 -3.04 49.29 38.13
CA PRO F 307 -2.79 47.87 38.40
C PRO F 307 -4.07 47.04 38.36
N GLY F 308 -5.22 47.67 38.53
CA GLY F 308 -6.48 46.96 38.54
C GLY F 308 -7.10 46.74 37.17
N CYS F 309 -6.44 47.23 36.13
CA CYS F 309 -6.95 47.08 34.76
C CYS F 309 -6.19 46.02 33.98
N GLN F 310 -6.93 45.03 33.48
CA GLN F 310 -6.35 43.95 32.67
C GLN F 310 -7.07 43.84 31.33
N LEU F 311 -7.49 44.99 30.79
CA LEU F 311 -8.22 45.03 29.54
C LEU F 311 -7.38 44.48 28.39
N GLU F 312 -7.97 43.62 27.56
CA GLU F 312 -7.26 43.04 26.42
C GLU F 312 -7.61 43.73 25.11
N SER F 313 -8.88 44.09 24.95
CA SER F 313 -9.35 44.70 23.70
C SER F 313 -10.13 45.98 23.98
N LEU F 314 -9.81 47.03 23.23
CA LEU F 314 -10.46 48.31 23.37
C LEU F 314 -10.89 48.84 22.00
N TRP F 315 -12.19 49.00 21.80
CA TRP F 315 -12.72 49.52 20.55
C TRP F 315 -13.19 50.97 20.71
N ILE F 316 -12.45 51.88 20.12
CA ILE F 316 -12.76 53.31 20.16
C ILE F 316 -12.74 53.91 18.77
N LYS F 317 -13.32 53.19 17.82
CA LYS F 317 -13.53 53.71 16.48
C LYS F 317 -14.50 54.90 16.53
N THR F 318 -14.17 55.94 15.79
CA THR F 318 -15.05 57.10 15.65
C THR F 318 -15.38 57.74 16.99
N CYS F 319 -14.35 58.17 17.72
CA CYS F 319 -14.54 58.76 19.03
C CYS F 319 -13.97 60.18 19.12
N SER F 320 -13.77 60.80 17.97
CA SER F 320 -13.28 62.18 17.90
C SER F 320 -11.91 62.36 18.56
N LEU F 321 -11.06 61.36 18.42
CA LEU F 321 -9.70 61.44 18.91
C LEU F 321 -8.80 62.16 17.90
N THR F 322 -7.84 62.94 18.39
CA THR F 322 -6.88 63.59 17.52
C THR F 322 -5.46 63.29 17.99
N ALA F 323 -4.47 63.78 17.23
CA ALA F 323 -3.07 63.52 17.54
C ALA F 323 -2.71 63.87 18.97
N ALA F 324 -3.43 64.84 19.54
CA ALA F 324 -3.18 65.26 20.92
C ALA F 324 -3.37 64.13 21.92
N SER F 325 -4.24 63.17 21.60
CA SER F 325 -4.51 62.06 22.51
C SER F 325 -3.49 60.94 22.37
N CYS F 326 -2.80 60.90 21.24
CA CYS F 326 -1.87 59.82 20.95
C CYS F 326 -0.73 59.65 21.96
N PRO F 327 -0.19 60.76 22.49
CA PRO F 327 0.87 60.62 23.51
C PRO F 327 0.40 59.76 24.68
N TYR F 328 -0.90 59.79 24.98
CA TYR F 328 -1.44 59.01 26.08
C TYR F 328 -1.54 57.52 25.76
N PHE F 329 -1.82 57.21 24.49
CA PHE F 329 -1.85 55.83 24.05
C PHE F 329 -0.44 55.27 23.95
N CYS F 330 0.51 56.15 23.66
CA CYS F 330 1.92 55.77 23.64
C CYS F 330 2.35 55.21 25.00
N SER F 331 2.00 55.92 26.06
CA SER F 331 2.31 55.47 27.41
C SER F 331 1.68 54.09 27.65
N VAL F 332 0.43 53.95 27.23
CA VAL F 332 -0.26 52.68 27.36
C VAL F 332 0.45 51.57 26.59
N LEU F 333 0.81 51.88 25.35
CA LEU F 333 1.47 50.91 24.49
C LEU F 333 2.84 50.52 25.00
N THR F 334 3.45 51.40 25.79
CA THR F 334 4.79 51.14 26.33
C THR F 334 4.73 50.32 27.61
N LYS F 335 3.76 50.62 28.47
CA LYS F 335 3.72 50.03 29.80
C LYS F 335 2.70 48.89 29.98
N SER F 336 1.53 49.00 29.35
CA SER F 336 0.51 47.97 29.51
C SER F 336 0.96 46.61 29.02
N ARG F 337 0.66 45.57 29.79
CA ARG F 337 1.02 44.21 29.39
C ARG F 337 -0.23 43.39 29.08
N SER F 338 -1.40 44.01 29.21
CA SER F 338 -2.66 43.32 28.95
C SER F 338 -3.27 43.67 27.59
N LEU F 339 -3.13 44.93 27.17
CA LEU F 339 -3.78 45.40 25.95
C LEU F 339 -3.16 44.78 24.70
N LEU F 340 -3.94 43.95 24.01
CA LEU F 340 -3.44 43.24 22.83
C LEU F 340 -4.08 43.71 21.53
N GLU F 341 -5.24 44.35 21.65
CA GLU F 341 -5.98 44.84 20.50
C GLU F 341 -6.45 46.27 20.71
N LEU F 342 -6.19 47.13 19.72
CA LEU F 342 -6.58 48.54 19.81
C LEU F 342 -7.19 49.00 18.49
N GLN F 343 -8.47 49.36 18.55
CA GLN F 343 -9.22 49.79 17.37
C GLN F 343 -9.43 51.29 17.46
N MET F 344 -8.70 52.05 16.65
CA MET F 344 -8.78 53.50 16.66
C MET F 344 -9.18 54.08 15.30
N SER F 345 -9.80 53.26 14.46
CA SER F 345 -10.23 53.71 13.14
C SER F 345 -11.16 54.91 13.21
N SER F 346 -11.27 55.64 12.09
CA SER F 346 -12.15 56.80 11.99
C SER F 346 -11.92 57.86 13.07
N ASN F 347 -10.67 58.01 13.49
CA ASN F 347 -10.27 59.14 14.32
C ASN F 347 -9.22 59.94 13.57
N PRO F 348 -9.40 61.27 13.48
CA PRO F 348 -8.47 62.12 12.73
C PRO F 348 -7.12 62.25 13.43
N LEU F 349 -6.25 61.25 13.26
CA LEU F 349 -4.96 61.23 13.94
C LEU F 349 -3.86 61.84 13.08
N GLY F 350 -3.98 61.67 11.77
CA GLY F 350 -3.02 62.22 10.82
C GLY F 350 -1.66 61.60 10.96
N ASP F 351 -0.70 62.14 10.22
CA ASP F 351 0.68 61.65 10.28
C ASP F 351 1.31 61.91 11.64
N GLU F 352 1.00 63.05 12.24
CA GLU F 352 1.53 63.38 13.56
C GLU F 352 1.14 62.32 14.58
N GLY F 353 -0.15 61.97 14.57
CA GLY F 353 -0.67 60.99 15.51
C GLY F 353 -0.08 59.60 15.38
N VAL F 354 0.02 59.10 14.15
CA VAL F 354 0.54 57.77 13.93
C VAL F 354 2.06 57.72 14.10
N GLN F 355 2.73 58.83 13.82
CA GLN F 355 4.17 58.91 14.04
C GLN F 355 4.51 58.73 15.52
N GLU F 356 3.62 59.24 16.39
CA GLU F 356 3.81 59.12 17.83
C GLU F 356 3.57 57.69 18.29
N LEU F 357 2.50 57.07 17.79
CA LEU F 357 2.23 55.67 18.06
C LEU F 357 3.38 54.81 17.55
N CYS F 358 3.94 55.20 16.40
CA CYS F 358 5.06 54.47 15.82
C CYS F 358 6.28 54.51 16.73
N LYS F 359 6.43 55.61 17.47
CA LYS F 359 7.57 55.74 18.38
C LYS F 359 7.46 54.72 19.50
N ALA F 360 6.28 54.61 20.10
CA ALA F 360 6.05 53.62 21.14
C ALA F 360 6.13 52.20 20.59
N LEU F 361 5.67 52.01 19.36
CA LEU F 361 5.66 50.69 18.74
C LEU F 361 7.03 50.25 18.23
N SER F 362 7.96 51.20 18.10
CA SER F 362 9.28 50.88 17.56
C SER F 362 10.21 50.23 18.57
N GLN F 363 9.72 50.03 19.78
CA GLN F 363 10.43 49.26 20.80
C GLN F 363 10.08 47.78 20.63
N PRO F 364 11.07 46.89 20.83
CA PRO F 364 10.85 45.45 20.64
C PRO F 364 10.22 44.77 21.87
N ASP F 365 9.66 45.56 22.78
CA ASP F 365 9.12 45.02 24.03
C ASP F 365 7.61 45.19 24.17
N THR F 366 6.95 45.71 23.15
CA THR F 366 5.50 45.89 23.23
C THR F 366 4.78 44.54 23.16
N VAL F 367 3.52 44.52 23.57
CA VAL F 367 2.73 43.29 23.54
C VAL F 367 1.56 43.38 22.55
N LEU F 368 1.25 44.60 22.11
CA LEU F 368 0.12 44.80 21.21
C LEU F 368 0.19 43.87 20.01
N ARG F 369 -0.88 43.09 19.80
CA ARG F 369 -0.94 42.12 18.71
C ARG F 369 -1.70 42.66 17.50
N GLU F 370 -2.72 43.48 17.74
CA GLU F 370 -3.55 43.98 16.65
C GLU F 370 -3.86 45.47 16.77
N LEU F 371 -3.75 46.18 15.65
CA LEU F 371 -3.98 47.61 15.61
C LEU F 371 -4.77 48.01 14.37
N TRP F 372 -5.85 48.75 14.58
CA TRP F 372 -6.68 49.25 13.49
C TRP F 372 -6.58 50.77 13.39
N LEU F 373 -6.02 51.25 12.28
CA LEU F 373 -5.87 52.68 12.03
C LEU F 373 -6.56 53.08 10.73
N GLY F 374 -7.69 52.44 10.44
CA GLY F 374 -8.43 52.72 9.22
C GLY F 374 -9.06 54.10 9.24
N ASP F 375 -8.93 54.82 8.13
CA ASP F 375 -9.54 56.14 8.01
C ASP F 375 -9.08 57.03 9.17
N CYS F 376 -7.77 57.06 9.39
CA CYS F 376 -7.17 57.94 10.40
C CYS F 376 -6.30 58.99 9.75
N ASP F 377 -6.63 59.34 8.50
CA ASP F 377 -5.88 60.33 7.74
C ASP F 377 -4.39 59.98 7.67
N VAL F 378 -4.10 58.70 7.54
CA VAL F 378 -2.74 58.25 7.30
C VAL F 378 -2.39 58.49 5.84
N THR F 379 -1.23 59.09 5.60
CA THR F 379 -0.79 59.38 4.24
C THR F 379 0.45 58.56 3.90
N ASN F 380 1.03 58.82 2.74
CA ASN F 380 2.28 58.16 2.36
C ASN F 380 3.40 58.51 3.33
N SER F 381 3.26 59.65 4.00
CA SER F 381 4.25 60.12 4.97
C SER F 381 4.25 59.22 6.20
N GLY F 382 3.06 58.85 6.66
CA GLY F 382 2.93 57.97 7.80
C GLY F 382 3.45 56.58 7.53
N CYS F 383 3.26 56.12 6.30
CA CYS F 383 3.67 54.78 5.91
C CYS F 383 5.18 54.54 6.07
N SER F 384 5.97 55.59 5.87
CA SER F 384 7.42 55.46 6.02
C SER F 384 7.77 55.30 7.48
N SER F 385 6.95 55.86 8.36
CA SER F 385 7.09 55.65 9.79
C SER F 385 6.65 54.23 10.16
N LEU F 386 5.47 53.84 9.68
CA LEU F 386 4.95 52.51 9.90
C LEU F 386 5.91 51.44 9.35
N ALA F 387 6.58 51.76 8.25
CA ALA F 387 7.54 50.83 7.65
C ALA F 387 8.69 50.52 8.60
N ASN F 388 9.15 51.52 9.33
CA ASN F 388 10.23 51.31 10.30
C ASN F 388 9.71 50.52 11.50
N VAL F 389 8.44 50.70 11.82
CA VAL F 389 7.84 49.94 12.90
C VAL F 389 7.78 48.45 12.55
N LEU F 390 7.44 48.15 11.30
CA LEU F 390 7.35 46.76 10.88
C LEU F 390 8.71 46.05 10.98
N LEU F 391 9.79 46.83 10.98
CA LEU F 391 11.13 46.28 11.12
C LEU F 391 11.55 46.12 12.59
N ALA F 392 11.14 47.06 13.43
CA ALA F 392 11.60 47.10 14.82
C ALA F 392 10.66 46.41 15.80
N ASN F 393 9.36 46.42 15.52
CA ASN F 393 8.38 45.86 16.44
C ASN F 393 8.35 44.33 16.40
N ARG F 394 8.06 43.71 17.54
CA ARG F 394 8.11 42.25 17.65
C ARG F 394 6.84 41.63 18.22
N SER F 395 5.74 42.37 18.21
CA SER F 395 4.49 41.85 18.76
C SER F 395 3.30 42.02 17.83
N LEU F 396 3.33 43.09 17.03
CA LEU F 396 2.22 43.41 16.14
C LEU F 396 2.07 42.35 15.04
N ARG F 397 0.93 41.69 15.02
CA ARG F 397 0.65 40.65 14.03
C ARG F 397 -0.31 41.11 12.94
N GLU F 398 -1.17 42.07 13.26
CA GLU F 398 -2.09 42.60 12.27
C GLU F 398 -2.20 44.12 12.32
N LEU F 399 -2.16 44.74 11.14
CA LEU F 399 -2.30 46.18 11.01
C LEU F 399 -3.32 46.50 9.94
N ASP F 400 -4.31 47.32 10.28
CA ASP F 400 -5.33 47.73 9.33
C ASP F 400 -5.19 49.21 8.96
N LEU F 401 -4.96 49.47 7.69
CA LEU F 401 -4.78 50.84 7.20
C LEU F 401 -5.79 51.16 6.10
N SER F 402 -6.91 50.43 6.11
CA SER F 402 -7.97 50.62 5.14
C SER F 402 -8.46 52.05 5.10
N ASN F 403 -8.94 52.48 3.93
CA ASN F 403 -9.60 53.77 3.79
C ASN F 403 -8.78 54.98 4.26
N ASN F 404 -7.47 54.94 4.07
CA ASN F 404 -6.63 56.09 4.37
C ASN F 404 -6.25 56.90 3.11
N CYS F 405 -5.57 58.03 3.32
CA CYS F 405 -5.17 58.91 2.22
C CYS F 405 -4.04 58.33 1.37
N MET F 406 -3.30 57.39 1.95
CA MET F 406 -2.13 56.81 1.32
C MET F 406 -2.42 56.19 -0.05
N GLY F 407 -1.36 55.94 -0.82
CA GLY F 407 -1.48 55.29 -2.11
C GLY F 407 -0.31 54.36 -2.38
N GLY F 408 0.00 54.18 -3.67
CA GLY F 408 1.07 53.29 -4.09
C GLY F 408 2.42 53.51 -3.41
N PRO F 409 2.88 54.77 -3.36
CA PRO F 409 4.15 55.09 -2.70
C PRO F 409 4.19 54.65 -1.25
N GLY F 410 3.12 54.93 -0.51
CA GLY F 410 3.02 54.53 0.88
C GLY F 410 3.07 53.02 1.00
N VAL F 411 2.25 52.34 0.22
CA VAL F 411 2.20 50.89 0.23
C VAL F 411 3.56 50.29 -0.10
N LEU F 412 4.23 50.85 -1.11
CA LEU F 412 5.54 50.37 -1.50
C LEU F 412 6.53 50.32 -0.34
N GLN F 413 6.46 51.31 0.55
CA GLN F 413 7.37 51.36 1.68
C GLN F 413 7.07 50.29 2.72
N LEU F 414 5.80 49.96 2.87
CA LEU F 414 5.39 48.88 3.76
C LEU F 414 5.87 47.54 3.21
N LEU F 415 5.70 47.37 1.90
CA LEU F 415 6.14 46.14 1.23
C LEU F 415 7.64 45.94 1.33
N GLU F 416 8.39 47.05 1.32
CA GLU F 416 9.84 46.99 1.38
C GLU F 416 10.32 46.40 2.70
N SER F 417 9.65 46.75 3.79
CA SER F 417 9.97 46.17 5.09
C SER F 417 9.57 44.70 5.14
N LEU F 418 8.43 44.39 4.52
CA LEU F 418 7.90 43.03 4.56
C LEU F 418 8.71 42.04 3.73
N LYS F 419 9.63 42.54 2.92
CA LYS F 419 10.55 41.66 2.18
C LYS F 419 11.33 40.81 3.17
N GLN F 420 11.64 41.39 4.33
CA GLN F 420 12.39 40.70 5.38
C GLN F 420 11.54 39.62 6.03
N PRO F 421 11.95 38.35 5.88
CA PRO F 421 11.23 37.19 6.41
C PRO F 421 11.16 37.20 7.94
N SER F 422 11.95 38.06 8.58
CA SER F 422 12.00 38.13 10.03
C SER F 422 10.96 39.11 10.59
N CYS F 423 10.26 39.81 9.72
CA CYS F 423 9.21 40.73 10.14
C CYS F 423 8.08 40.00 10.87
N THR F 424 7.60 40.61 11.94
CA THR F 424 6.61 40.00 12.81
C THR F 424 5.19 39.99 12.23
N LEU F 425 4.89 40.97 11.39
CA LEU F 425 3.53 41.17 10.89
C LEU F 425 3.02 40.01 10.04
N GLN F 426 1.80 39.56 10.35
CA GLN F 426 1.18 38.43 9.67
C GLN F 426 0.12 38.88 8.67
N GLN F 427 -0.57 39.97 8.98
CA GLN F 427 -1.70 40.41 8.17
C GLN F 427 -1.76 41.92 8.01
N LEU F 428 -1.79 42.39 6.77
CA LEU F 428 -1.92 43.80 6.46
C LEU F 428 -3.22 44.04 5.69
N VAL F 429 -4.06 44.94 6.19
CA VAL F 429 -5.35 45.18 5.56
C VAL F 429 -5.38 46.53 4.84
N LEU F 430 -5.68 46.49 3.55
CA LEU F 430 -5.59 47.70 2.72
C LEU F 430 -6.84 47.92 1.88
N TYR F 431 -8.02 47.69 2.47
CA TYR F 431 -9.28 47.91 1.78
C TYR F 431 -9.38 49.34 1.24
N ASP F 432 -9.82 49.46 -0.01
CA ASP F 432 -10.13 50.75 -0.62
C ASP F 432 -8.92 51.64 -0.91
N ILE F 433 -7.72 51.09 -0.73
CA ILE F 433 -6.52 51.81 -1.12
C ILE F 433 -6.29 51.54 -2.60
N TYR F 434 -6.08 52.59 -3.38
CA TYR F 434 -5.86 52.43 -4.81
C TYR F 434 -4.39 52.59 -5.20
N TRP F 435 -3.81 51.52 -5.74
CA TRP F 435 -2.47 51.58 -6.32
C TRP F 435 -2.52 51.02 -7.74
N THR F 436 -1.65 51.52 -8.60
CA THR F 436 -1.66 51.11 -10.00
C THR F 436 -1.09 49.70 -10.19
N ASN F 437 -1.20 49.20 -11.41
CA ASN F 437 -0.79 47.84 -11.73
C ASN F 437 0.70 47.58 -11.48
N GLU F 438 1.51 48.63 -11.56
CA GLU F 438 2.95 48.49 -11.34
C GLU F 438 3.25 48.10 -9.89
N VAL F 439 2.48 48.66 -8.96
CA VAL F 439 2.62 48.33 -7.55
C VAL F 439 2.04 46.95 -7.27
N GLU F 440 0.92 46.65 -7.91
CA GLU F 440 0.27 45.35 -7.76
C GLU F 440 1.27 44.24 -8.08
N GLU F 441 2.07 44.45 -9.13
CA GLU F 441 3.07 43.47 -9.52
C GLU F 441 4.11 43.25 -8.43
N GLN F 442 4.51 44.34 -7.77
CA GLN F 442 5.41 44.27 -6.62
C GLN F 442 4.75 43.47 -5.49
N LEU F 443 3.48 43.77 -5.24
CA LEU F 443 2.73 43.08 -4.20
C LEU F 443 2.68 41.58 -4.47
N ARG F 444 2.36 41.21 -5.70
CA ARG F 444 2.31 39.81 -6.10
C ARG F 444 3.64 39.11 -5.79
N ALA F 445 4.73 39.72 -6.24
CA ALA F 445 6.06 39.16 -6.04
C ALA F 445 6.30 38.84 -4.58
N LEU F 446 5.96 39.79 -3.71
CA LEU F 446 6.13 39.63 -2.27
C LEU F 446 5.29 38.45 -1.76
N GLU F 447 4.06 38.36 -2.23
CA GLU F 447 3.16 37.29 -1.80
C GLU F 447 3.73 35.92 -2.15
N GLU F 448 4.37 35.83 -3.31
CA GLU F 448 4.94 34.57 -3.78
C GLU F 448 6.19 34.20 -2.99
N GLU F 449 6.95 35.21 -2.56
CA GLU F 449 8.15 35.00 -1.75
C GLU F 449 7.80 34.74 -0.29
N ARG F 450 6.70 35.32 0.17
CA ARG F 450 6.27 35.17 1.57
C ARG F 450 4.77 34.89 1.66
N PRO F 451 4.37 33.65 1.34
CA PRO F 451 2.95 33.29 1.31
C PRO F 451 2.28 33.23 2.69
N SER F 452 3.07 33.20 3.76
CA SER F 452 2.53 33.24 5.10
C SER F 452 1.96 34.62 5.42
N LEU F 453 2.45 35.62 4.70
CA LEU F 453 1.96 36.99 4.85
C LEU F 453 0.60 37.11 4.17
N ARG F 454 -0.37 37.69 4.88
CA ARG F 454 -1.71 37.89 4.33
C ARG F 454 -1.98 39.38 4.11
N ILE F 455 -2.10 39.79 2.85
CA ILE F 455 -2.46 41.16 2.53
C ILE F 455 -3.89 41.18 2.01
N ILE F 456 -4.80 41.68 2.85
CA ILE F 456 -6.22 41.64 2.55
C ILE F 456 -6.69 42.91 1.83
N SER F 457 -7.40 42.71 0.72
CA SER F 457 -7.84 43.81 -0.12
C SER F 457 -9.17 43.47 -0.78
N MET G 1 5.17 -30.86 -37.93
CA MET G 1 5.96 -31.72 -37.05
C MET G 1 5.12 -32.89 -36.57
N MET G 2 5.65 -34.10 -36.71
CA MET G 2 4.93 -35.31 -36.33
C MET G 2 5.86 -36.22 -35.55
N SER G 3 5.43 -36.63 -34.35
CA SER G 3 6.29 -37.42 -33.48
C SER G 3 5.59 -38.68 -32.99
N LEU G 4 6.34 -39.78 -32.98
CA LEU G 4 5.84 -41.06 -32.50
C LEU G 4 6.76 -41.59 -31.42
N ASP G 5 6.21 -41.90 -30.26
CA ASP G 5 7.03 -42.33 -29.13
C ASP G 5 6.43 -43.56 -28.44
N ILE G 6 7.05 -44.71 -28.65
CA ILE G 6 6.58 -45.96 -28.06
C ILE G 6 7.62 -46.52 -27.08
N GLN G 7 7.16 -46.88 -25.89
CA GLN G 7 8.08 -47.27 -24.82
C GLN G 7 7.53 -48.47 -24.03
N CYS G 8 8.32 -49.55 -24.00
CA CYS G 8 7.94 -50.77 -23.29
C CYS G 8 6.62 -51.34 -23.80
N GLU G 9 6.57 -51.60 -25.10
CA GLU G 9 5.37 -52.17 -25.71
C GLU G 9 5.70 -53.39 -26.56
N GLN G 10 4.85 -54.40 -26.47
CA GLN G 10 4.88 -55.51 -27.41
C GLN G 10 4.07 -55.11 -28.63
N LEU G 11 4.64 -55.27 -29.82
CA LEU G 11 3.95 -54.89 -31.05
C LEU G 11 3.64 -56.12 -31.90
N SER G 12 2.35 -56.43 -32.02
CA SER G 12 1.93 -57.54 -32.86
C SER G 12 2.19 -57.20 -34.31
N ASP G 13 2.13 -58.21 -35.17
CA ASP G 13 2.35 -58.00 -36.60
C ASP G 13 1.36 -56.97 -37.13
N ALA G 14 0.12 -57.03 -36.65
CA ALA G 14 -0.93 -56.10 -37.06
C ALA G 14 -0.58 -54.67 -36.67
N ARG G 15 -0.32 -54.46 -35.38
CA ARG G 15 0.06 -53.14 -34.88
C ARG G 15 1.32 -52.62 -35.58
N TRP G 16 2.28 -53.51 -35.79
CA TRP G 16 3.53 -53.14 -36.45
C TRP G 16 3.28 -52.62 -37.87
N THR G 17 2.38 -53.29 -38.60
CA THR G 17 2.06 -52.87 -39.96
C THR G 17 1.35 -51.52 -39.95
N GLU G 18 0.57 -51.28 -38.90
CA GLU G 18 -0.12 -50.00 -38.73
C GLU G 18 0.85 -48.83 -38.57
N LEU G 19 2.03 -49.11 -38.02
CA LEU G 19 3.01 -48.05 -37.74
C LEU G 19 3.95 -47.76 -38.91
N LEU G 20 4.18 -48.75 -39.75
CA LEU G 20 5.11 -48.58 -40.87
C LEU G 20 4.86 -47.32 -41.69
N PRO G 21 3.59 -47.06 -42.06
CA PRO G 21 3.29 -45.83 -42.81
C PRO G 21 3.75 -44.59 -42.06
N LEU G 22 3.60 -44.60 -40.73
CA LEU G 22 3.96 -43.45 -39.91
C LEU G 22 5.48 -43.28 -39.80
N ILE G 23 6.19 -44.39 -39.65
CA ILE G 23 7.65 -44.39 -39.56
C ILE G 23 8.26 -43.79 -40.82
N GLN G 24 7.48 -43.82 -41.90
CA GLN G 24 7.96 -43.38 -43.20
C GLN G 24 7.75 -41.88 -43.42
N GLN G 25 7.00 -41.24 -42.52
CA GLN G 25 6.65 -39.84 -42.70
C GLN G 25 7.12 -38.92 -41.56
N TYR G 26 7.17 -39.45 -40.35
CA TYR G 26 7.38 -38.60 -39.17
C TYR G 26 8.79 -38.05 -39.02
N GLU G 27 8.89 -36.89 -38.37
CA GLU G 27 10.18 -36.28 -38.06
C GLU G 27 10.86 -37.02 -36.92
N VAL G 28 10.05 -37.51 -35.98
CA VAL G 28 10.57 -38.14 -34.77
C VAL G 28 9.99 -39.53 -34.58
N VAL G 29 10.86 -40.53 -34.52
CA VAL G 29 10.43 -41.91 -34.33
C VAL G 29 11.19 -42.58 -33.19
N ARG G 30 10.50 -42.85 -32.09
CA ARG G 30 11.10 -43.54 -30.96
C ARG G 30 10.41 -44.87 -30.72
N LEU G 31 11.19 -45.94 -30.79
CA LEU G 31 10.68 -47.29 -30.56
C LEU G 31 11.58 -47.98 -29.55
N ASP G 32 11.45 -47.57 -28.30
CA ASP G 32 12.36 -48.00 -27.26
C ASP G 32 11.82 -49.19 -26.47
N ASP G 33 12.61 -50.26 -26.40
CA ASP G 33 12.21 -51.47 -25.70
C ASP G 33 10.87 -51.99 -26.23
N CYS G 34 10.82 -52.18 -27.55
CA CYS G 34 9.59 -52.64 -28.19
C CYS G 34 9.71 -54.04 -28.77
N GLY G 35 10.65 -54.82 -28.25
CA GLY G 35 10.84 -56.19 -28.67
C GLY G 35 11.11 -56.35 -30.16
N LEU G 36 11.68 -55.32 -30.77
CA LEU G 36 12.04 -55.38 -32.18
C LEU G 36 13.25 -56.29 -32.37
N THR G 37 13.28 -57.00 -33.49
CA THR G 37 14.40 -57.90 -33.80
C THR G 37 14.91 -57.73 -35.22
N GLU G 38 15.94 -58.51 -35.55
CA GLU G 38 16.57 -58.49 -36.86
C GLU G 38 15.54 -58.52 -37.99
N VAL G 39 14.47 -59.29 -37.79
CA VAL G 39 13.46 -59.46 -38.82
C VAL G 39 12.91 -58.11 -39.30
N ARG G 40 12.35 -57.35 -38.36
CA ARG G 40 11.67 -56.09 -38.70
C ARG G 40 12.61 -54.97 -39.15
N CYS G 41 13.91 -55.22 -39.10
CA CYS G 41 14.88 -54.21 -39.53
C CYS G 41 14.76 -53.90 -41.02
N LYS G 42 14.31 -54.87 -41.80
CA LYS G 42 14.08 -54.63 -43.20
C LYS G 42 12.96 -53.59 -43.34
N ASP G 43 11.90 -53.78 -42.56
CA ASP G 43 10.79 -52.84 -42.51
C ASP G 43 11.29 -51.44 -42.14
N ILE G 44 12.02 -51.36 -41.03
CA ILE G 44 12.57 -50.08 -40.58
C ILE G 44 13.42 -49.44 -41.66
N SER G 45 14.38 -50.20 -42.18
CA SER G 45 15.27 -49.69 -43.22
C SER G 45 14.48 -49.14 -44.40
N SER G 46 13.46 -49.88 -44.84
CA SER G 46 12.64 -49.45 -45.97
C SER G 46 11.92 -48.15 -45.66
N ALA G 47 11.16 -48.14 -44.57
CA ALA G 47 10.41 -46.96 -44.16
C ALA G 47 11.30 -45.73 -44.06
N VAL G 48 12.44 -45.88 -43.40
CA VAL G 48 13.35 -44.78 -43.17
C VAL G 48 14.02 -44.30 -44.45
N GLN G 49 14.27 -45.22 -45.37
CA GLN G 49 14.94 -44.89 -46.63
C GLN G 49 14.07 -43.97 -47.47
N ALA G 50 12.75 -44.03 -47.25
CA ALA G 50 11.81 -43.22 -48.00
C ALA G 50 11.28 -42.05 -47.17
N ASN G 51 11.94 -41.75 -46.06
CA ASN G 51 11.50 -40.69 -45.17
C ASN G 51 12.45 -39.49 -45.19
N PRO G 52 12.08 -38.44 -45.93
CA PRO G 52 12.90 -37.23 -46.07
C PRO G 52 12.68 -36.23 -44.93
N ALA G 53 11.73 -36.51 -44.04
CA ALA G 53 11.45 -35.60 -42.93
C ALA G 53 12.03 -36.10 -41.60
N LEU G 54 12.54 -37.33 -41.59
CA LEU G 54 13.06 -37.93 -40.36
C LEU G 54 14.29 -37.20 -39.82
N THR G 55 14.21 -36.76 -38.57
CA THR G 55 15.33 -36.07 -37.94
C THR G 55 15.83 -36.78 -36.69
N GLU G 56 14.94 -37.56 -36.06
CA GLU G 56 15.33 -38.33 -34.89
C GLU G 56 14.79 -39.75 -34.96
N LEU G 57 15.69 -40.72 -34.83
CA LEU G 57 15.32 -42.12 -34.78
C LEU G 57 15.97 -42.77 -33.56
N SER G 58 15.14 -43.32 -32.68
CA SER G 58 15.65 -44.04 -31.53
C SER G 58 15.13 -45.46 -31.52
N LEU G 59 16.04 -46.42 -31.48
CA LEU G 59 15.68 -47.83 -31.42
C LEU G 59 16.28 -48.47 -30.17
N ARG G 60 16.40 -47.66 -29.13
CA ARG G 60 17.00 -48.07 -27.86
C ARG G 60 16.42 -49.38 -27.33
N THR G 61 17.31 -50.26 -26.86
CA THR G 61 16.91 -51.49 -26.18
C THR G 61 16.07 -52.44 -27.03
N ASN G 62 16.65 -52.87 -28.15
CA ASN G 62 16.04 -53.88 -28.99
C ASN G 62 17.15 -54.79 -29.53
N GLU G 63 16.93 -56.11 -29.46
CA GLU G 63 17.93 -57.05 -29.96
C GLU G 63 17.94 -57.09 -31.48
N LEU G 64 18.50 -56.04 -32.08
CA LEU G 64 18.56 -55.95 -33.54
C LEU G 64 19.71 -56.77 -34.08
N GLY G 65 20.81 -56.80 -33.35
CA GLY G 65 22.00 -57.55 -33.75
C GLY G 65 22.83 -56.81 -34.78
N ASP G 66 23.99 -57.39 -35.10
CA ASP G 66 24.90 -56.80 -36.08
C ASP G 66 24.22 -56.60 -37.42
N GLY G 67 23.58 -57.65 -37.93
CA GLY G 67 22.92 -57.60 -39.22
C GLY G 67 21.78 -56.60 -39.23
N GLY G 68 20.94 -56.67 -38.20
CA GLY G 68 19.81 -55.77 -38.09
C GLY G 68 20.21 -54.30 -38.09
N VAL G 69 21.16 -53.95 -37.23
CA VAL G 69 21.65 -52.58 -37.19
C VAL G 69 22.22 -52.17 -38.55
N GLY G 70 22.96 -53.08 -39.17
CA GLY G 70 23.51 -52.83 -40.49
C GLY G 70 22.47 -52.39 -41.51
N LEU G 71 21.32 -53.06 -41.50
CA LEU G 71 20.24 -52.75 -42.43
C LEU G 71 19.66 -51.36 -42.16
N VAL G 72 19.44 -51.05 -40.88
CA VAL G 72 18.91 -49.76 -40.48
C VAL G 72 19.81 -48.65 -41.00
N LEU G 73 21.12 -48.82 -40.83
CA LEU G 73 22.09 -47.83 -41.30
C LEU G 73 22.09 -47.69 -42.82
N GLN G 74 21.91 -48.79 -43.54
CA GLN G 74 21.80 -48.72 -44.99
C GLN G 74 20.67 -47.80 -45.38
N GLY G 75 19.51 -48.01 -44.77
CA GLY G 75 18.34 -47.20 -45.05
C GLY G 75 18.60 -45.71 -44.88
N LEU G 76 19.50 -45.36 -43.98
CA LEU G 76 19.80 -43.97 -43.69
C LEU G 76 20.72 -43.33 -44.74
N GLN G 77 21.19 -44.15 -45.68
CA GLN G 77 22.17 -43.72 -46.67
C GLN G 77 21.61 -42.81 -47.77
N ASN G 78 20.34 -43.00 -48.11
CA ASN G 78 19.70 -42.23 -49.18
C ASN G 78 20.10 -40.76 -49.13
N PRO G 79 20.28 -40.16 -50.32
CA PRO G 79 20.69 -38.75 -50.46
C PRO G 79 19.66 -37.75 -49.95
N THR G 80 18.51 -38.23 -49.47
CA THR G 80 17.47 -37.34 -48.97
C THR G 80 17.42 -37.32 -47.45
N CYS G 81 18.21 -38.19 -46.82
CA CYS G 81 18.20 -38.32 -45.36
C CYS G 81 18.80 -37.10 -44.68
N LYS G 82 18.07 -36.57 -43.70
CA LYS G 82 18.58 -35.45 -42.91
C LYS G 82 18.48 -35.77 -41.43
N ILE G 83 18.71 -37.03 -41.09
CA ILE G 83 18.65 -37.47 -39.70
C ILE G 83 19.65 -36.68 -38.84
N GLN G 84 19.21 -36.34 -37.63
CA GLN G 84 19.99 -35.46 -36.76
C GLN G 84 20.36 -36.17 -35.46
N LYS G 85 19.43 -37.01 -34.99
CA LYS G 85 19.64 -37.75 -33.76
C LYS G 85 19.41 -39.22 -34.03
N LEU G 86 20.39 -40.04 -33.65
CA LEU G 86 20.28 -41.48 -33.85
C LEU G 86 20.70 -42.21 -32.60
N SER G 87 19.81 -43.04 -32.08
CA SER G 87 20.13 -43.85 -30.92
C SER G 87 19.97 -45.34 -31.19
N LEU G 88 21.09 -46.06 -31.16
CA LEU G 88 21.06 -47.51 -31.27
C LEU G 88 21.59 -48.13 -29.98
N GLN G 89 21.30 -47.46 -28.87
CA GLN G 89 21.73 -47.90 -27.55
C GLN G 89 21.19 -49.29 -27.21
N ASN G 90 22.10 -50.17 -26.76
CA ASN G 90 21.71 -51.50 -26.32
C ASN G 90 20.93 -52.24 -27.39
N CYS G 91 21.50 -52.31 -28.58
CA CYS G 91 20.88 -52.99 -29.72
C CYS G 91 21.62 -54.24 -30.17
N GLY G 92 22.58 -54.69 -29.37
CA GLY G 92 23.33 -55.89 -29.68
C GLY G 92 24.34 -55.71 -30.78
N LEU G 93 24.88 -54.50 -30.91
CA LEU G 93 25.94 -54.22 -31.87
C LEU G 93 27.29 -54.67 -31.32
N THR G 94 27.94 -55.61 -32.01
CA THR G 94 29.26 -56.09 -31.61
C THR G 94 30.34 -55.58 -32.54
N GLU G 95 31.59 -55.85 -32.20
CA GLU G 95 32.73 -55.48 -33.04
C GLU G 95 32.55 -55.94 -34.48
N ALA G 96 32.11 -57.18 -34.64
CA ALA G 96 31.94 -57.79 -35.95
C ALA G 96 31.09 -56.95 -36.90
N GLY G 97 30.18 -56.15 -36.34
CA GLY G 97 29.24 -55.40 -37.14
C GLY G 97 29.55 -53.92 -37.24
N CYS G 98 30.74 -53.52 -36.83
CA CYS G 98 31.15 -52.12 -36.88
C CYS G 98 31.92 -51.79 -38.15
N GLY G 99 32.06 -52.79 -39.02
CA GLY G 99 32.78 -52.62 -40.27
C GLY G 99 32.13 -51.62 -41.20
N ILE G 100 30.82 -51.45 -41.06
CA ILE G 100 30.07 -50.52 -41.90
C ILE G 100 30.15 -49.09 -41.38
N LEU G 101 30.65 -48.92 -40.16
CA LEU G 101 30.60 -47.61 -39.51
C LEU G 101 31.30 -46.49 -40.27
N PRO G 102 32.52 -46.74 -40.78
CA PRO G 102 33.21 -45.67 -41.52
C PRO G 102 32.36 -45.17 -42.68
N GLY G 103 31.67 -46.10 -43.35
CA GLY G 103 30.82 -45.74 -44.48
C GLY G 103 29.61 -44.91 -44.13
N MET G 104 28.85 -45.36 -43.12
CA MET G 104 27.60 -44.69 -42.74
C MET G 104 27.82 -43.28 -42.23
N LEU G 105 28.93 -43.07 -41.52
CA LEU G 105 29.17 -41.77 -40.90
C LEU G 105 29.67 -40.72 -41.88
N ARG G 106 30.58 -41.10 -42.76
CA ARG G 106 31.14 -40.14 -43.70
C ARG G 106 30.09 -39.69 -44.73
N SER G 107 28.93 -40.31 -44.71
CA SER G 107 27.84 -39.93 -45.60
C SER G 107 26.75 -39.14 -44.87
N LEU G 108 26.46 -39.55 -43.63
CA LEU G 108 25.44 -38.88 -42.82
C LEU G 108 25.94 -37.55 -42.27
N SER G 109 25.96 -36.53 -43.11
CA SER G 109 26.56 -35.24 -42.75
C SER G 109 25.65 -34.36 -41.89
N THR G 110 24.38 -34.73 -41.78
CA THR G 110 23.45 -33.98 -40.94
C THR G 110 23.40 -34.51 -39.51
N LEU G 111 24.03 -35.67 -39.26
CA LEU G 111 24.01 -36.30 -37.94
C LEU G 111 24.74 -35.45 -36.89
N ARG G 112 24.09 -35.24 -35.76
CA ARG G 112 24.65 -34.39 -34.70
C ARG G 112 24.73 -35.11 -33.37
N GLU G 113 23.89 -36.12 -33.18
CA GLU G 113 23.86 -36.85 -31.92
C GLU G 113 23.79 -38.36 -32.13
N LEU G 114 24.74 -39.08 -31.53
CA LEU G 114 24.84 -40.51 -31.74
C LEU G 114 24.92 -41.26 -30.40
N HIS G 115 23.95 -42.12 -30.15
CA HIS G 115 23.96 -42.96 -28.95
C HIS G 115 24.23 -44.41 -29.30
N LEU G 116 25.34 -44.95 -28.77
CA LEU G 116 25.71 -46.33 -29.01
C LEU G 116 26.05 -47.04 -27.69
N ASN G 117 25.50 -46.53 -26.60
CA ASN G 117 25.71 -47.11 -25.28
C ASN G 117 25.32 -48.58 -25.23
N ASP G 118 25.97 -49.31 -24.33
CA ASP G 118 25.59 -50.69 -24.02
C ASP G 118 25.71 -51.66 -25.21
N ASN G 119 26.54 -51.32 -26.17
CA ASN G 119 26.91 -52.27 -27.22
C ASN G 119 28.38 -52.63 -27.11
N PRO G 120 28.68 -53.95 -27.03
CA PRO G 120 30.07 -54.41 -26.86
C PRO G 120 30.86 -54.27 -28.16
N MET G 121 31.03 -53.03 -28.61
CA MET G 121 31.76 -52.74 -29.84
C MET G 121 33.23 -53.10 -29.70
N GLY G 122 33.78 -52.87 -28.51
CA GLY G 122 35.19 -53.12 -28.27
C GLY G 122 36.08 -52.07 -28.89
N ASP G 123 37.39 -52.22 -28.68
CA ASP G 123 38.35 -51.25 -29.21
C ASP G 123 38.42 -51.26 -30.73
N ALA G 124 38.30 -52.45 -31.33
CA ALA G 124 38.31 -52.54 -32.78
C ALA G 124 37.06 -51.89 -33.38
N GLY G 125 35.92 -52.09 -32.72
CA GLY G 125 34.68 -51.45 -33.13
C GLY G 125 34.78 -49.94 -33.03
N LEU G 126 35.36 -49.47 -31.92
CA LEU G 126 35.57 -48.04 -31.70
C LEU G 126 36.48 -47.43 -32.75
N LYS G 127 37.54 -48.14 -33.09
CA LYS G 127 38.48 -47.70 -34.12
C LYS G 127 37.76 -47.49 -35.45
N LEU G 128 36.85 -48.40 -35.75
CA LEU G 128 36.04 -48.31 -36.96
C LEU G 128 35.09 -47.11 -36.90
N LEU G 129 34.55 -46.84 -35.72
CA LEU G 129 33.68 -45.67 -35.53
C LEU G 129 34.43 -44.36 -35.79
N CYS G 130 35.66 -44.28 -35.32
CA CYS G 130 36.47 -43.07 -35.45
C CYS G 130 36.93 -42.79 -36.88
N GLU G 131 37.04 -43.84 -37.69
CA GLU G 131 37.40 -43.66 -39.09
C GLU G 131 36.28 -42.92 -39.82
N GLY G 132 35.05 -43.14 -39.36
CA GLY G 132 33.91 -42.40 -39.86
C GLY G 132 33.85 -41.00 -39.28
N LEU G 133 34.07 -40.89 -37.97
CA LEU G 133 34.03 -39.60 -37.29
C LEU G 133 35.09 -38.63 -37.82
N GLN G 134 36.25 -39.18 -38.15
CA GLN G 134 37.38 -38.37 -38.62
C GLN G 134 37.10 -37.71 -39.97
N ASP G 135 36.14 -38.24 -40.71
CA ASP G 135 35.80 -37.68 -42.02
C ASP G 135 35.29 -36.25 -41.87
N PRO G 136 35.70 -35.36 -42.77
CA PRO G 136 35.30 -33.95 -42.78
C PRO G 136 33.79 -33.74 -42.88
N GLN G 137 33.08 -34.73 -43.43
CA GLN G 137 31.63 -34.63 -43.58
C GLN G 137 30.89 -34.85 -42.27
N CYS G 138 31.48 -35.65 -41.39
CA CYS G 138 30.85 -35.95 -40.10
C CYS G 138 31.14 -34.87 -39.06
N ARG G 139 30.09 -34.28 -38.52
CA ARG G 139 30.25 -33.22 -37.53
C ARG G 139 29.36 -33.46 -36.31
N LEU G 140 29.59 -34.58 -35.63
CA LEU G 140 28.87 -34.88 -34.41
C LEU G 140 29.09 -33.81 -33.35
N GLU G 141 28.04 -33.52 -32.59
CA GLU G 141 28.17 -32.67 -31.42
C GLU G 141 28.12 -33.51 -30.15
N LYS G 142 27.36 -34.61 -30.20
CA LYS G 142 27.14 -35.40 -29.01
C LYS G 142 27.35 -36.89 -29.25
N LEU G 143 28.21 -37.50 -28.45
CA LEU G 143 28.58 -38.90 -28.61
C LEU G 143 28.52 -39.66 -27.29
N GLN G 144 27.70 -40.71 -27.25
CA GLN G 144 27.55 -41.51 -26.04
C GLN G 144 28.01 -42.94 -26.29
N LEU G 145 29.10 -43.34 -25.64
CA LEU G 145 29.67 -44.68 -25.77
C LEU G 145 29.84 -45.34 -24.42
N GLU G 146 28.85 -45.17 -23.55
CA GLU G 146 28.90 -45.78 -22.22
C GLU G 146 28.83 -47.29 -22.32
N TYR G 147 29.69 -47.97 -21.57
CA TYR G 147 29.65 -49.42 -21.45
C TYR G 147 29.67 -50.10 -22.83
N CYS G 148 30.76 -49.86 -23.56
CA CYS G 148 30.92 -50.42 -24.89
C CYS G 148 32.15 -51.32 -24.98
N ASN G 149 32.66 -51.74 -23.82
CA ASN G 149 33.83 -52.60 -23.77
C ASN G 149 35.07 -51.95 -24.40
N LEU G 150 35.28 -50.68 -24.08
CA LEU G 150 36.44 -49.94 -24.57
C LEU G 150 37.55 -49.94 -23.53
N THR G 151 38.80 -49.92 -23.98
CA THR G 151 39.93 -49.83 -23.07
C THR G 151 40.78 -48.59 -23.40
N ALA G 152 42.00 -48.54 -22.88
CA ALA G 152 42.91 -47.44 -23.16
C ALA G 152 43.21 -47.36 -24.66
N THR G 153 43.03 -48.50 -25.33
CA THR G 153 43.26 -48.60 -26.78
C THR G 153 42.34 -47.67 -27.58
N SER G 154 41.20 -47.31 -27.01
CA SER G 154 40.23 -46.47 -27.70
C SER G 154 40.52 -44.98 -27.56
N CYS G 155 41.40 -44.62 -26.64
CA CYS G 155 41.58 -43.21 -26.29
C CYS G 155 42.32 -42.38 -27.33
N GLU G 156 43.28 -42.96 -28.01
CA GLU G 156 44.02 -42.24 -29.05
C GLU G 156 43.13 -41.92 -30.25
N PRO G 157 42.37 -42.92 -30.75
CA PRO G 157 41.49 -42.64 -31.89
C PRO G 157 40.49 -41.53 -31.54
N LEU G 158 39.92 -41.61 -30.34
CA LEU G 158 38.96 -40.60 -29.89
C LEU G 158 39.62 -39.24 -29.74
N ALA G 159 40.84 -39.22 -29.19
CA ALA G 159 41.57 -37.97 -29.03
C ALA G 159 41.84 -37.32 -30.39
N SER G 160 42.22 -38.12 -31.38
CA SER G 160 42.55 -37.58 -32.70
C SER G 160 41.30 -37.05 -33.40
N VAL G 161 40.16 -37.66 -33.09
CA VAL G 161 38.87 -37.17 -33.56
C VAL G 161 38.54 -35.82 -32.94
N LEU G 162 38.62 -35.76 -31.60
CA LEU G 162 38.35 -34.52 -30.87
C LEU G 162 39.28 -33.40 -31.33
N ARG G 163 40.52 -33.78 -31.63
CA ARG G 163 41.54 -32.84 -32.06
C ARG G 163 41.04 -31.91 -33.16
N VAL G 164 40.33 -32.48 -34.13
CA VAL G 164 39.93 -31.73 -35.32
C VAL G 164 38.43 -31.43 -35.38
N LYS G 165 37.70 -31.76 -34.33
CA LYS G 165 36.25 -31.50 -34.29
C LYS G 165 35.90 -30.42 -33.29
N ALA G 166 35.58 -29.23 -33.79
CA ALA G 166 35.27 -28.09 -32.95
C ALA G 166 33.79 -28.03 -32.56
N ASP G 167 33.03 -29.04 -32.98
CA ASP G 167 31.58 -29.03 -32.77
C ASP G 167 31.14 -29.80 -31.53
N PHE G 168 32.04 -30.60 -30.97
CA PHE G 168 31.68 -31.45 -29.85
C PHE G 168 31.15 -30.69 -28.64
N LYS G 169 30.03 -31.16 -28.10
CA LYS G 169 29.37 -30.56 -26.95
C LYS G 169 29.30 -31.55 -25.80
N GLU G 170 29.11 -32.81 -26.12
CA GLU G 170 28.89 -33.84 -25.10
C GLU G 170 29.69 -35.11 -25.39
N LEU G 171 30.33 -35.63 -24.35
CA LEU G 171 31.09 -36.88 -24.47
C LEU G 171 30.88 -37.78 -23.25
N VAL G 172 30.27 -38.94 -23.49
CA VAL G 172 29.99 -39.88 -22.42
C VAL G 172 30.71 -41.21 -22.67
N LEU G 173 31.67 -41.52 -21.81
CA LEU G 173 32.46 -42.74 -21.94
C LEU G 173 32.47 -43.56 -20.66
N SER G 174 31.49 -43.31 -19.80
CA SER G 174 31.37 -44.05 -18.54
C SER G 174 31.37 -45.56 -18.71
N ASN G 175 31.81 -46.26 -17.67
CA ASN G 175 31.76 -47.72 -17.65
C ASN G 175 32.61 -48.37 -18.73
N ASN G 176 33.69 -47.71 -19.10
CA ASN G 176 34.73 -48.32 -19.91
C ASN G 176 36.03 -48.18 -19.16
N ASP G 177 36.77 -49.27 -19.04
CA ASP G 177 38.03 -49.25 -18.30
C ASP G 177 39.14 -48.65 -19.15
N LEU G 178 39.21 -47.32 -19.15
CA LEU G 178 40.18 -46.59 -19.98
C LEU G 178 41.57 -46.59 -19.36
N HIS G 179 41.63 -46.82 -18.05
CA HIS G 179 42.91 -46.83 -17.32
C HIS G 179 43.51 -45.44 -17.24
N GLU G 180 44.53 -45.30 -16.39
CA GLU G 180 45.23 -44.04 -16.20
C GLU G 180 45.75 -43.45 -17.52
N PRO G 181 46.50 -44.26 -18.29
CA PRO G 181 47.05 -43.77 -19.56
C PRO G 181 45.94 -43.39 -20.56
N GLY G 182 44.85 -44.14 -20.56
CA GLY G 182 43.74 -43.85 -21.43
C GLY G 182 43.15 -42.48 -21.13
N VAL G 183 42.82 -42.27 -19.86
CA VAL G 183 42.30 -40.98 -19.42
C VAL G 183 43.25 -39.85 -19.80
N ARG G 184 44.55 -40.09 -19.59
CA ARG G 184 45.56 -39.09 -19.92
C ARG G 184 45.46 -38.71 -21.40
N ILE G 185 45.48 -39.71 -22.26
CA ILE G 185 45.43 -39.47 -23.70
C ILE G 185 44.17 -38.72 -24.08
N LEU G 186 43.04 -39.15 -23.50
CA LEU G 186 41.76 -38.52 -23.77
C LEU G 186 41.78 -37.05 -23.37
N CYS G 187 42.35 -36.77 -22.20
CA CYS G 187 42.42 -35.41 -21.69
C CYS G 187 43.26 -34.49 -22.59
N GLN G 188 44.36 -35.03 -23.11
CA GLN G 188 45.19 -34.29 -24.05
C GLN G 188 44.38 -33.91 -25.29
N GLY G 189 43.56 -34.84 -25.76
CA GLY G 189 42.71 -34.59 -26.90
C GLY G 189 41.73 -33.45 -26.64
N LEU G 190 41.03 -33.52 -25.53
CA LEU G 190 40.07 -32.49 -25.16
C LEU G 190 40.75 -31.12 -25.03
N LYS G 191 41.89 -31.09 -24.35
CA LYS G 191 42.64 -29.86 -24.17
C LYS G 191 43.01 -29.23 -25.51
N ASP G 192 43.47 -30.05 -26.45
CA ASP G 192 43.94 -29.55 -27.74
C ASP G 192 42.80 -29.19 -28.68
N SER G 193 41.62 -29.72 -28.40
CA SER G 193 40.46 -29.44 -29.24
C SER G 193 39.97 -28.01 -29.04
N ALA G 194 39.38 -27.44 -30.08
CA ALA G 194 38.77 -26.12 -29.98
C ALA G 194 37.32 -26.24 -29.57
N CYS G 195 36.88 -27.48 -29.34
CA CYS G 195 35.48 -27.74 -29.03
C CYS G 195 35.06 -27.12 -27.71
N GLN G 196 33.89 -26.48 -27.71
CA GLN G 196 33.35 -25.91 -26.49
C GLN G 196 32.52 -26.98 -25.79
N LEU G 197 33.20 -27.91 -25.14
CA LEU G 197 32.53 -29.03 -24.48
C LEU G 197 31.64 -28.53 -23.34
N GLU G 198 30.45 -29.10 -23.25
CA GLU G 198 29.47 -28.70 -22.25
C GLU G 198 29.25 -29.80 -21.22
N SER G 199 29.39 -31.05 -21.64
CA SER G 199 29.15 -32.19 -20.77
C SER G 199 30.17 -33.31 -20.95
N LEU G 200 30.80 -33.70 -19.85
CA LEU G 200 31.79 -34.77 -19.87
C LEU G 200 31.50 -35.77 -18.76
N LYS G 201 31.25 -37.02 -19.14
CA LYS G 201 30.94 -38.06 -18.18
C LYS G 201 31.90 -39.23 -18.29
N LEU G 202 32.63 -39.48 -17.21
CA LEU G 202 33.63 -40.53 -17.20
C LEU G 202 33.47 -41.40 -15.95
N GLU G 203 32.22 -41.70 -15.62
CA GLU G 203 31.90 -42.53 -14.46
C GLU G 203 32.50 -43.92 -14.63
N ASN G 204 33.18 -44.39 -13.58
CA ASN G 204 33.72 -45.75 -13.58
C ASN G 204 34.62 -46.03 -14.78
N CYS G 205 35.67 -45.24 -14.95
CA CYS G 205 36.56 -45.34 -16.10
C CYS G 205 38.00 -45.63 -15.72
N GLY G 206 38.22 -45.97 -14.45
CA GLY G 206 39.57 -46.22 -13.97
C GLY G 206 40.39 -44.96 -13.82
N ILE G 207 39.71 -43.85 -13.51
CA ILE G 207 40.41 -42.59 -13.29
C ILE G 207 41.10 -42.62 -11.93
N THR G 208 42.36 -42.20 -11.89
CA THR G 208 43.15 -42.20 -10.66
C THR G 208 43.37 -40.78 -10.17
N ALA G 209 43.89 -40.65 -8.95
CA ALA G 209 44.21 -39.34 -8.40
C ALA G 209 45.11 -38.55 -9.35
N ALA G 210 46.06 -39.24 -9.98
CA ALA G 210 46.98 -38.61 -10.92
C ALA G 210 46.28 -38.03 -12.15
N ASN G 211 45.20 -38.67 -12.57
CA ASN G 211 44.45 -38.20 -13.74
C ASN G 211 43.79 -36.85 -13.48
N CYS G 212 43.63 -36.51 -12.20
CA CYS G 212 42.93 -35.28 -11.82
C CYS G 212 43.67 -34.02 -12.20
N LYS G 213 44.98 -34.11 -12.36
CA LYS G 213 45.76 -33.02 -12.91
C LYS G 213 45.37 -32.81 -14.36
N ASP G 214 45.33 -33.91 -15.11
CA ASP G 214 44.89 -33.88 -16.51
C ASP G 214 43.47 -33.31 -16.62
N LEU G 215 42.60 -33.77 -15.74
CA LEU G 215 41.19 -33.37 -15.79
C LEU G 215 40.99 -31.91 -15.40
N CYS G 216 41.80 -31.44 -14.46
CA CYS G 216 41.80 -30.03 -14.07
C CYS G 216 42.15 -29.17 -15.29
N ASP G 217 43.14 -29.61 -16.06
CA ASP G 217 43.51 -28.90 -17.30
C ASP G 217 42.37 -28.89 -18.31
N VAL G 218 41.60 -29.97 -18.33
CA VAL G 218 40.43 -30.04 -19.21
C VAL G 218 39.36 -29.05 -18.77
N VAL G 219 39.02 -29.07 -17.49
CA VAL G 219 38.05 -28.12 -16.95
C VAL G 219 38.49 -26.70 -17.24
N ALA G 220 39.72 -26.38 -16.90
CA ALA G 220 40.27 -25.04 -17.12
C ALA G 220 40.12 -24.59 -18.57
N SER G 221 40.35 -25.50 -19.51
CA SER G 221 40.34 -25.16 -20.93
C SER G 221 38.95 -25.07 -21.55
N LYS G 222 37.92 -25.54 -20.83
CA LYS G 222 36.57 -25.53 -21.35
C LYS G 222 35.64 -24.67 -20.49
N ALA G 223 35.64 -23.37 -20.73
CA ALA G 223 34.80 -22.45 -19.97
C ALA G 223 33.33 -22.78 -20.21
N SER G 224 33.07 -23.60 -21.22
CA SER G 224 31.72 -23.99 -21.59
C SER G 224 31.20 -25.18 -20.78
N LEU G 225 32.06 -25.77 -19.96
CA LEU G 225 31.68 -26.97 -19.21
C LEU G 225 30.56 -26.70 -18.20
N GLN G 226 29.46 -27.44 -18.34
CA GLN G 226 28.30 -27.29 -17.47
C GLN G 226 28.14 -28.49 -16.54
N GLU G 227 28.49 -29.66 -17.06
CA GLU G 227 28.26 -30.91 -16.33
C GLU G 227 29.50 -31.80 -16.36
N LEU G 228 29.92 -32.23 -15.18
CA LEU G 228 31.07 -33.13 -15.05
C LEU G 228 30.74 -34.29 -14.12
N ASP G 229 30.90 -35.51 -14.63
CA ASP G 229 30.63 -36.73 -13.86
C ASP G 229 31.90 -37.56 -13.75
N LEU G 230 32.48 -37.61 -12.56
CA LEU G 230 33.68 -38.42 -12.34
C LEU G 230 33.42 -39.50 -11.30
N SER G 231 32.15 -39.87 -11.17
CA SER G 231 31.71 -40.83 -10.16
C SER G 231 32.36 -42.20 -10.33
N SER G 232 32.41 -42.94 -9.23
CA SER G 232 32.87 -44.32 -9.25
C SER G 232 34.32 -44.44 -9.72
N ASN G 233 35.15 -43.50 -9.28
CA ASN G 233 36.59 -43.54 -9.54
C ASN G 233 37.36 -43.28 -8.25
N LYS G 234 38.50 -43.94 -8.10
CA LYS G 234 39.31 -43.79 -6.89
C LYS G 234 40.15 -42.52 -6.92
N LEU G 235 39.47 -41.37 -6.90
CA LEU G 235 40.15 -40.07 -6.94
C LEU G 235 40.77 -39.74 -5.59
N GLY G 236 40.04 -40.05 -4.52
CA GLY G 236 40.50 -39.76 -3.17
C GLY G 236 40.58 -38.27 -2.90
N ASN G 237 41.00 -37.91 -1.68
CA ASN G 237 41.16 -36.51 -1.31
C ASN G 237 42.20 -35.79 -2.16
N ALA G 238 43.30 -36.48 -2.46
CA ALA G 238 44.35 -35.88 -3.27
C ALA G 238 43.83 -35.62 -4.67
N GLY G 239 43.08 -36.58 -5.20
CA GLY G 239 42.48 -36.43 -6.52
C GLY G 239 41.65 -35.17 -6.65
N ILE G 240 40.64 -35.04 -5.78
CA ILE G 240 39.74 -33.88 -5.87
C ILE G 240 40.47 -32.57 -5.58
N ALA G 241 41.55 -32.65 -4.80
CA ALA G 241 42.38 -31.48 -4.52
C ALA G 241 43.02 -30.96 -5.80
N ALA G 242 43.37 -31.89 -6.69
CA ALA G 242 43.96 -31.52 -7.97
C ALA G 242 42.93 -30.92 -8.92
N LEU G 243 41.65 -31.22 -8.66
CA LEU G 243 40.57 -30.73 -9.52
C LEU G 243 40.17 -29.30 -9.16
N CYS G 244 40.28 -28.95 -7.88
CA CYS G 244 39.71 -27.71 -7.35
C CYS G 244 40.19 -26.42 -8.02
N PRO G 245 41.52 -26.30 -8.28
CA PRO G 245 41.99 -25.08 -8.94
C PRO G 245 41.21 -24.79 -10.22
N GLY G 246 40.93 -25.82 -11.02
CA GLY G 246 40.18 -25.65 -12.24
C GLY G 246 38.76 -25.19 -11.98
N LEU G 247 38.13 -25.76 -10.97
CA LEU G 247 36.76 -25.41 -10.62
C LEU G 247 36.64 -24.00 -10.05
N LEU G 248 37.74 -23.48 -9.50
CA LEU G 248 37.72 -22.18 -8.85
C LEU G 248 37.90 -20.99 -9.80
N LEU G 249 38.34 -21.27 -11.02
CA LEU G 249 38.54 -20.23 -12.01
C LEU G 249 37.27 -19.41 -12.24
N PRO G 250 37.42 -18.09 -12.40
CA PRO G 250 36.25 -17.22 -12.67
C PRO G 250 35.55 -17.62 -13.96
N SER G 251 36.32 -18.15 -14.92
CA SER G 251 35.75 -18.59 -16.19
C SER G 251 34.95 -19.88 -16.05
N CYS G 252 35.18 -20.62 -14.96
CA CYS G 252 34.43 -21.85 -14.73
C CYS G 252 32.97 -21.56 -14.41
N LYS G 253 32.08 -22.24 -15.11
CA LYS G 253 30.65 -22.01 -14.93
C LYS G 253 29.92 -23.32 -14.71
N LEU G 254 30.65 -24.30 -14.17
CA LEU G 254 30.12 -25.64 -13.99
C LEU G 254 28.82 -25.59 -13.18
N ARG G 255 27.80 -26.28 -13.67
CA ARG G 255 26.51 -26.30 -12.99
C ARG G 255 26.31 -27.57 -12.19
N THR G 256 26.73 -28.71 -12.76
CA THR G 256 26.47 -30.00 -12.16
C THR G 256 27.77 -30.79 -11.95
N LEU G 257 27.98 -31.27 -10.73
CA LEU G 257 29.20 -32.01 -10.42
C LEU G 257 28.86 -33.32 -9.71
N TRP G 258 29.10 -34.44 -10.37
CA TRP G 258 28.81 -35.75 -9.81
C TRP G 258 30.09 -36.41 -9.30
N LEU G 259 30.18 -36.60 -7.99
CA LEU G 259 31.35 -37.24 -7.38
C LEU G 259 30.91 -38.40 -6.50
N TRP G 260 29.93 -39.16 -7.00
CA TRP G 260 29.43 -40.34 -6.30
C TRP G 260 30.50 -41.42 -6.20
N GLU G 261 30.74 -41.89 -4.98
CA GLU G 261 31.68 -42.97 -4.72
C GLU G 261 33.08 -42.71 -5.30
N CYS G 262 33.77 -41.73 -4.74
CA CYS G 262 35.08 -41.34 -5.25
C CYS G 262 36.18 -41.45 -4.20
N ASP G 263 35.93 -42.23 -3.16
CA ASP G 263 36.88 -42.39 -2.04
C ASP G 263 37.20 -41.07 -1.35
N ILE G 264 36.25 -40.16 -1.29
CA ILE G 264 36.43 -38.87 -0.63
C ILE G 264 36.09 -38.97 0.85
N THR G 265 36.90 -38.34 1.69
CA THR G 265 36.60 -38.23 3.11
C THR G 265 36.56 -36.77 3.54
N ALA G 266 36.59 -36.53 4.84
CA ALA G 266 36.41 -35.18 5.38
C ALA G 266 37.40 -34.16 4.80
N GLU G 267 38.65 -34.56 4.66
CA GLU G 267 39.67 -33.66 4.11
C GLU G 267 39.38 -33.25 2.68
N GLY G 268 39.06 -34.22 1.83
CA GLY G 268 38.71 -33.94 0.44
C GLY G 268 37.46 -33.11 0.34
N CYS G 269 36.54 -33.36 1.26
CA CYS G 269 35.31 -32.59 1.37
C CYS G 269 35.67 -31.12 1.65
N LYS G 270 36.62 -30.91 2.54
CA LYS G 270 37.10 -29.58 2.87
C LYS G 270 37.62 -28.82 1.65
N ASP G 271 38.36 -29.52 0.80
CA ASP G 271 38.89 -28.90 -0.41
C ASP G 271 37.71 -28.47 -1.29
N LEU G 272 36.74 -29.36 -1.39
CA LEU G 272 35.57 -29.13 -2.25
C LEU G 272 34.77 -27.93 -1.74
N CYS G 273 34.79 -27.72 -0.44
CA CYS G 273 34.02 -26.65 0.19
C CYS G 273 34.52 -25.26 -0.18
N ARG G 274 35.80 -25.16 -0.51
CA ARG G 274 36.36 -23.90 -0.99
C ARG G 274 35.73 -23.55 -2.32
N VAL G 275 35.50 -24.56 -3.15
CA VAL G 275 34.81 -24.36 -4.42
C VAL G 275 33.36 -23.94 -4.17
N LEU G 276 32.71 -24.61 -3.23
CA LEU G 276 31.31 -24.32 -2.90
C LEU G 276 31.05 -22.87 -2.53
N ARG G 277 31.89 -22.31 -1.66
CA ARG G 277 31.63 -20.98 -1.12
C ARG G 277 32.06 -19.87 -2.08
N ALA G 278 32.58 -20.24 -3.24
CA ALA G 278 33.14 -19.25 -4.16
C ALA G 278 32.51 -19.31 -5.55
N LYS G 279 31.73 -20.34 -5.81
CA LYS G 279 31.22 -20.60 -7.16
C LYS G 279 29.70 -20.70 -7.17
N GLN G 280 29.05 -19.58 -7.51
CA GLN G 280 27.58 -19.51 -7.52
C GLN G 280 26.94 -20.35 -8.61
N SER G 281 27.71 -20.63 -9.66
CA SER G 281 27.17 -21.36 -10.81
C SER G 281 26.83 -22.81 -10.47
N LEU G 282 27.51 -23.37 -9.48
CA LEU G 282 27.29 -24.77 -9.09
C LEU G 282 25.93 -24.96 -8.41
N LYS G 283 25.02 -25.65 -9.07
CA LYS G 283 23.66 -25.82 -8.58
C LYS G 283 23.37 -27.24 -8.05
N GLU G 284 24.11 -28.22 -8.53
CA GLU G 284 23.88 -29.60 -8.13
C GLU G 284 25.18 -30.32 -7.86
N LEU G 285 25.24 -31.01 -6.73
CA LEU G 285 26.44 -31.72 -6.32
C LEU G 285 26.06 -33.03 -5.65
N SER G 286 26.64 -34.12 -6.13
CA SER G 286 26.50 -35.40 -5.45
C SER G 286 27.82 -35.84 -4.85
N LEU G 287 27.79 -36.14 -3.56
CA LEU G 287 28.93 -36.75 -2.89
C LEU G 287 28.49 -38.07 -2.25
N ALA G 288 27.44 -38.64 -2.81
CA ALA G 288 26.91 -39.92 -2.34
C ALA G 288 27.99 -41.00 -2.25
N SER G 289 27.82 -41.90 -1.30
CA SER G 289 28.72 -43.04 -1.17
C SER G 289 30.17 -42.59 -1.00
N ASN G 290 30.36 -41.53 -0.23
CA ASN G 290 31.68 -41.13 0.23
C ASN G 290 31.64 -41.04 1.75
N GLU G 291 32.71 -41.49 2.40
CA GLU G 291 32.75 -41.56 3.85
C GLU G 291 33.07 -40.19 4.46
N LEU G 292 32.11 -39.28 4.38
CA LEU G 292 32.30 -37.91 4.86
C LEU G 292 32.19 -37.83 6.37
N LYS G 293 31.29 -38.63 6.93
CA LYS G 293 31.04 -38.62 8.36
C LYS G 293 30.56 -37.25 8.84
N ASP G 294 30.22 -37.16 10.12
CA ASP G 294 29.69 -35.92 10.68
C ASP G 294 30.60 -34.73 10.41
N GLU G 295 31.91 -34.94 10.51
CA GLU G 295 32.87 -33.89 10.22
C GLU G 295 32.69 -33.35 8.81
N GLY G 296 32.54 -34.26 7.84
CA GLY G 296 32.29 -33.87 6.47
C GLY G 296 31.00 -33.08 6.33
N ALA G 297 29.98 -33.49 7.08
CA ALA G 297 28.68 -32.83 7.05
C ALA G 297 28.74 -31.42 7.62
N ARG G 298 29.50 -31.23 8.70
CA ARG G 298 29.68 -29.90 9.27
C ARG G 298 30.30 -28.95 8.26
N LEU G 299 31.36 -29.40 7.61
CA LEU G 299 32.04 -28.60 6.60
C LEU G 299 31.06 -28.18 5.49
N LEU G 300 30.28 -29.14 4.99
CA LEU G 300 29.31 -28.84 3.94
C LEU G 300 28.30 -27.81 4.41
N CYS G 301 27.72 -28.04 5.58
CA CYS G 301 26.69 -27.15 6.12
C CYS G 301 27.20 -25.74 6.34
N GLU G 302 28.45 -25.63 6.79
CA GLU G 302 29.07 -24.33 7.01
C GLU G 302 29.25 -23.59 5.69
N SER G 303 29.67 -24.33 4.66
CA SER G 303 29.87 -23.74 3.33
C SER G 303 28.55 -23.34 2.67
N LEU G 304 27.52 -24.15 2.85
CA LEU G 304 26.21 -23.86 2.31
C LEU G 304 25.67 -22.53 2.84
N LEU G 305 26.14 -22.13 4.02
CA LEU G 305 25.68 -20.90 4.64
C LEU G 305 26.49 -19.68 4.19
N GLU G 306 27.47 -19.90 3.32
CA GLU G 306 28.25 -18.81 2.76
C GLU G 306 27.47 -18.14 1.64
N PRO G 307 27.56 -16.81 1.55
CA PRO G 307 26.80 -16.05 0.55
C PRO G 307 27.19 -16.43 -0.88
N GLY G 308 28.39 -16.95 -1.06
CA GLY G 308 28.86 -17.35 -2.38
C GLY G 308 28.36 -18.72 -2.82
N CYS G 309 27.68 -19.42 -1.93
CA CYS G 309 27.15 -20.73 -2.24
C CYS G 309 25.66 -20.66 -2.59
N GLN G 310 25.34 -21.04 -3.83
CA GLN G 310 23.96 -21.04 -4.28
C GLN G 310 23.53 -22.43 -4.72
N LEU G 311 24.09 -23.45 -4.08
CA LEU G 311 23.72 -24.83 -4.39
C LEU G 311 22.23 -25.05 -4.15
N GLU G 312 21.58 -25.73 -5.08
CA GLU G 312 20.14 -25.97 -4.98
C GLU G 312 19.85 -27.41 -4.58
N SER G 313 20.80 -28.29 -4.90
CA SER G 313 20.61 -29.72 -4.71
C SER G 313 21.88 -30.35 -4.17
N LEU G 314 21.73 -31.07 -3.05
CA LEU G 314 22.85 -31.74 -2.40
C LEU G 314 22.51 -33.22 -2.20
N TRP G 315 23.35 -34.08 -2.77
CA TRP G 315 23.15 -35.52 -2.62
C TRP G 315 24.23 -36.09 -1.71
N ILE G 316 23.83 -36.50 -0.51
CA ILE G 316 24.76 -37.06 0.47
C ILE G 316 24.22 -38.38 1.01
N LYS G 317 23.78 -39.22 0.09
CA LYS G 317 23.30 -40.56 0.38
C LYS G 317 24.47 -41.46 0.74
N THR G 318 24.30 -42.28 1.77
CA THR G 318 25.35 -43.24 2.16
C THR G 318 26.67 -42.56 2.47
N CYS G 319 26.64 -41.53 3.32
CA CYS G 319 27.86 -40.80 3.65
C CYS G 319 28.27 -40.97 5.11
N SER G 320 27.70 -41.99 5.75
CA SER G 320 28.01 -42.33 7.14
C SER G 320 27.73 -41.19 8.11
N LEU G 321 26.64 -40.46 7.87
CA LEU G 321 26.24 -39.39 8.76
C LEU G 321 25.39 -39.94 9.90
N THR G 322 25.55 -39.39 11.10
CA THR G 322 24.75 -39.80 12.25
C THR G 322 23.86 -38.67 12.73
N ALA G 323 23.14 -38.91 13.82
CA ALA G 323 22.27 -37.89 14.39
C ALA G 323 23.05 -36.63 14.78
N ALA G 324 24.32 -36.81 15.12
CA ALA G 324 25.16 -35.70 15.59
C ALA G 324 25.37 -34.62 14.54
N SER G 325 25.08 -34.94 13.28
CA SER G 325 25.27 -33.98 12.20
C SER G 325 24.00 -33.17 11.94
N CYS G 326 22.88 -33.66 12.44
CA CYS G 326 21.58 -33.05 12.15
C CYS G 326 21.38 -31.61 12.63
N PRO G 327 21.96 -31.23 13.77
CA PRO G 327 21.85 -29.83 14.19
C PRO G 327 22.38 -28.88 13.13
N TYR G 328 23.40 -29.32 12.39
CA TYR G 328 24.01 -28.47 11.37
C TYR G 328 23.11 -28.33 10.15
N PHE G 329 22.35 -29.38 9.86
CA PHE G 329 21.40 -29.34 8.76
C PHE G 329 20.20 -28.50 9.15
N CYS G 330 19.92 -28.42 10.45
CA CYS G 330 18.88 -27.53 10.95
C CYS G 330 19.23 -26.09 10.61
N SER G 331 20.48 -25.71 10.88
CA SER G 331 20.96 -24.38 10.54
C SER G 331 20.74 -24.09 9.05
N VAL G 332 21.18 -25.01 8.21
CA VAL G 332 21.01 -24.85 6.77
C VAL G 332 19.54 -24.69 6.40
N LEU G 333 18.71 -25.62 6.89
CA LEU G 333 17.28 -25.59 6.62
C LEU G 333 16.65 -24.28 7.04
N THR G 334 17.17 -23.70 8.12
CA THR G 334 16.61 -22.47 8.67
C THR G 334 17.19 -21.22 8.02
N LYS G 335 18.38 -21.32 7.46
CA LYS G 335 19.09 -20.12 7.00
C LYS G 335 19.37 -20.07 5.50
N SER G 336 19.70 -21.20 4.90
CA SER G 336 19.95 -21.24 3.46
C SER G 336 18.68 -20.97 2.67
N ARG G 337 18.79 -20.10 1.66
CA ARG G 337 17.66 -19.74 0.84
C ARG G 337 17.74 -20.34 -0.56
N SER G 338 18.82 -21.06 -0.83
CA SER G 338 19.03 -21.64 -2.15
C SER G 338 18.81 -23.15 -2.19
N LEU G 339 19.19 -23.85 -1.12
CA LEU G 339 19.08 -25.30 -1.09
C LEU G 339 17.63 -25.75 -1.14
N LEU G 340 17.26 -26.43 -2.23
CA LEU G 340 15.88 -26.84 -2.44
C LEU G 340 15.71 -28.36 -2.32
N GLU G 341 16.81 -29.09 -2.52
CA GLU G 341 16.77 -30.54 -2.51
C GLU G 341 17.90 -31.10 -1.65
N LEU G 342 17.54 -31.96 -0.71
CA LEU G 342 18.52 -32.54 0.20
C LEU G 342 18.31 -34.06 0.28
N GLN G 343 19.25 -34.80 -0.29
CA GLN G 343 19.18 -36.26 -0.35
C GLN G 343 20.06 -36.87 0.73
N MET G 344 19.43 -37.38 1.81
CA MET G 344 20.19 -37.89 2.95
C MET G 344 19.92 -39.36 3.26
N SER G 345 19.48 -40.11 2.27
CA SER G 345 19.14 -41.51 2.48
C SER G 345 20.35 -42.36 2.86
N SER G 346 20.08 -43.50 3.50
CA SER G 346 21.12 -44.46 3.83
C SER G 346 22.17 -43.92 4.80
N ASN G 347 21.76 -43.00 5.65
CA ASN G 347 22.58 -42.59 6.79
C ASN G 347 21.87 -42.96 8.08
N PRO G 348 22.60 -43.52 9.04
CA PRO G 348 22.02 -43.96 10.30
C PRO G 348 21.68 -42.77 11.22
N LEU G 349 20.77 -41.93 10.77
CA LEU G 349 20.37 -40.75 11.54
C LEU G 349 19.44 -41.15 12.68
N GLY G 350 18.61 -42.15 12.43
CA GLY G 350 17.68 -42.65 13.43
C GLY G 350 16.62 -41.65 13.82
N ASP G 351 15.71 -42.07 14.69
CA ASP G 351 14.64 -41.20 15.17
C ASP G 351 15.20 -39.93 15.82
N GLU G 352 16.38 -40.05 16.43
CA GLU G 352 16.99 -38.92 17.11
C GLU G 352 17.41 -37.84 16.12
N GLY G 353 17.96 -38.26 14.99
CA GLY G 353 18.35 -37.33 13.95
C GLY G 353 17.13 -36.65 13.34
N VAL G 354 16.11 -37.45 13.07
CA VAL G 354 14.88 -36.95 12.46
C VAL G 354 14.16 -35.94 13.35
N GLN G 355 14.12 -36.20 14.64
CA GLN G 355 13.53 -35.25 15.59
C GLN G 355 14.27 -33.92 15.52
N GLU G 356 15.60 -34.00 15.41
CA GLU G 356 16.41 -32.81 15.29
C GLU G 356 16.00 -32.04 14.04
N LEU G 357 16.01 -32.73 12.90
CA LEU G 357 15.62 -32.10 11.64
C LEU G 357 14.23 -31.47 11.73
N CYS G 358 13.35 -32.11 12.48
CA CYS G 358 11.98 -31.63 12.59
C CYS G 358 11.90 -30.30 13.33
N LYS G 359 12.86 -30.04 14.21
CA LYS G 359 12.94 -28.77 14.90
C LYS G 359 12.97 -27.65 13.87
N ALA G 360 13.78 -27.84 12.84
CA ALA G 360 13.91 -26.85 11.77
C ALA G 360 12.69 -26.89 10.85
N LEU G 361 12.31 -28.09 10.42
CA LEU G 361 11.19 -28.26 9.50
C LEU G 361 9.84 -27.78 10.05
N SER G 362 9.76 -27.58 11.36
CA SER G 362 8.52 -27.14 11.98
C SER G 362 8.25 -25.64 11.76
N GLN G 363 9.30 -24.92 11.37
CA GLN G 363 9.18 -23.49 11.10
C GLN G 363 8.50 -23.28 9.75
N PRO G 364 7.64 -22.24 9.66
CA PRO G 364 6.83 -21.99 8.46
C PRO G 364 7.54 -21.22 7.34
N ASP G 365 8.82 -20.90 7.53
CA ASP G 365 9.52 -20.09 6.52
C ASP G 365 10.75 -20.75 5.90
N THR G 366 10.73 -22.08 5.82
CA THR G 366 11.82 -22.81 5.16
C THR G 366 11.63 -22.75 3.65
N VAL G 367 12.63 -23.18 2.89
CA VAL G 367 12.53 -23.18 1.44
C VAL G 367 12.69 -24.58 0.83
N LEU G 368 13.32 -25.48 1.57
CA LEU G 368 13.54 -26.84 1.09
C LEU G 368 12.26 -27.40 0.49
N ARG G 369 12.38 -27.98 -0.69
CA ARG G 369 11.22 -28.50 -1.41
C ARG G 369 11.21 -30.02 -1.44
N GLU G 370 12.39 -30.63 -1.42
CA GLU G 370 12.48 -32.09 -1.49
C GLU G 370 13.50 -32.69 -0.52
N LEU G 371 13.05 -33.67 0.26
CA LEU G 371 13.87 -34.27 1.29
C LEU G 371 13.81 -35.80 1.23
N TRP G 372 14.97 -36.44 1.14
CA TRP G 372 15.04 -37.88 1.12
C TRP G 372 15.61 -38.39 2.43
N LEU G 373 14.82 -39.16 3.17
CA LEU G 373 15.27 -39.74 4.42
C LEU G 373 15.10 -41.25 4.42
N GLY G 374 15.26 -41.86 3.25
CA GLY G 374 15.11 -43.29 3.12
C GLY G 374 16.24 -44.05 3.79
N ASP G 375 15.92 -45.22 4.33
CA ASP G 375 16.91 -46.06 4.97
C ASP G 375 17.76 -45.28 5.98
N CYS G 376 17.10 -44.54 6.85
CA CYS G 376 17.78 -43.75 7.88
C CYS G 376 17.42 -44.24 9.28
N ASP G 377 17.04 -45.51 9.37
CA ASP G 377 16.67 -46.12 10.66
C ASP G 377 15.52 -45.39 11.33
N VAL G 378 14.62 -44.82 10.53
CA VAL G 378 13.45 -44.15 11.06
C VAL G 378 12.40 -45.19 11.43
N THR G 379 11.80 -45.05 12.61
CA THR G 379 10.75 -45.97 13.03
C THR G 379 9.40 -45.26 13.10
N ASN G 380 8.42 -45.93 13.71
CA ASN G 380 7.10 -45.34 13.89
C ASN G 380 7.16 -44.02 14.66
N SER G 381 8.08 -43.94 15.62
CA SER G 381 8.27 -42.73 16.40
C SER G 381 8.71 -41.57 15.52
N GLY G 382 9.72 -41.81 14.69
CA GLY G 382 10.22 -40.79 13.78
C GLY G 382 9.12 -40.29 12.85
N CYS G 383 8.23 -41.20 12.46
CA CYS G 383 7.10 -40.84 11.60
C CYS G 383 6.17 -39.84 12.25
N SER G 384 5.96 -39.98 13.54
CA SER G 384 5.05 -39.09 14.26
C SER G 384 5.61 -37.66 14.31
N SER G 385 6.93 -37.56 14.40
CA SER G 385 7.58 -36.25 14.35
C SER G 385 7.38 -35.64 12.98
N LEU G 386 7.65 -36.42 11.94
CA LEU G 386 7.47 -35.96 10.58
C LEU G 386 6.02 -35.62 10.28
N ALA G 387 5.09 -36.43 10.78
CA ALA G 387 3.68 -36.18 10.55
C ALA G 387 3.29 -34.78 11.03
N ASN G 388 3.83 -34.37 12.18
CA ASN G 388 3.53 -33.07 12.73
C ASN G 388 4.11 -31.95 11.87
N VAL G 389 5.33 -32.17 11.39
CA VAL G 389 5.99 -31.25 10.47
C VAL G 389 5.12 -30.97 9.24
N LEU G 390 4.45 -32.00 8.74
CA LEU G 390 3.60 -31.84 7.57
C LEU G 390 2.49 -30.81 7.81
N LEU G 391 2.10 -30.67 9.08
CA LEU G 391 1.05 -29.72 9.45
C LEU G 391 1.56 -28.27 9.51
N ALA G 392 2.86 -28.09 9.66
CA ALA G 392 3.43 -26.76 9.88
C ALA G 392 4.33 -26.25 8.75
N ASN G 393 5.10 -27.14 8.13
CA ASN G 393 6.04 -26.74 7.08
C ASN G 393 5.34 -26.25 5.82
N ARG G 394 5.84 -25.17 5.23
CA ARG G 394 5.18 -24.55 4.08
C ARG G 394 6.03 -24.54 2.80
N SER G 395 7.08 -25.33 2.76
CA SER G 395 7.90 -25.42 1.54
C SER G 395 8.12 -26.86 1.06
N LEU G 396 8.03 -27.81 1.98
CA LEU G 396 8.33 -29.20 1.63
C LEU G 396 7.26 -29.79 0.72
N ARG G 397 7.66 -30.13 -0.51
CA ARG G 397 6.72 -30.65 -1.50
C ARG G 397 6.83 -32.15 -1.66
N GLU G 398 8.03 -32.68 -1.48
CA GLU G 398 8.25 -34.12 -1.56
C GLU G 398 9.07 -34.65 -0.41
N LEU G 399 8.72 -35.84 0.07
CA LEU G 399 9.43 -36.49 1.16
C LEU G 399 9.56 -37.98 0.87
N ASP G 400 10.77 -38.53 1.04
CA ASP G 400 11.02 -39.94 0.79
C ASP G 400 11.37 -40.67 2.08
N LEU G 401 10.55 -41.65 2.45
CA LEU G 401 10.80 -42.43 3.66
C LEU G 401 10.96 -43.91 3.35
N SER G 402 11.22 -44.22 2.09
CA SER G 402 11.44 -45.60 1.64
C SER G 402 12.47 -46.32 2.51
N ASN G 403 12.33 -47.65 2.58
CA ASN G 403 13.33 -48.51 3.20
C ASN G 403 13.66 -48.18 4.66
N ASN G 404 12.65 -47.76 5.42
CA ASN G 404 12.84 -47.51 6.84
C ASN G 404 12.17 -48.59 7.70
N CYS G 405 12.36 -48.48 9.01
CA CYS G 405 11.89 -49.51 9.95
C CYS G 405 10.52 -49.20 10.53
N MET G 406 9.69 -48.53 9.74
CA MET G 406 8.35 -48.16 10.19
C MET G 406 7.31 -49.10 9.59
N GLY G 407 6.10 -49.05 10.15
CA GLY G 407 5.00 -49.85 9.65
C GLY G 407 3.75 -49.02 9.49
N GLY G 408 2.59 -49.69 9.56
CA GLY G 408 1.31 -49.03 9.45
C GLY G 408 1.06 -47.90 10.44
N PRO G 409 1.40 -48.10 11.72
CA PRO G 409 1.21 -47.05 12.73
C PRO G 409 1.89 -45.74 12.33
N GLY G 410 3.13 -45.83 11.86
CA GLY G 410 3.86 -44.66 11.40
C GLY G 410 3.22 -44.05 10.16
N VAL G 411 2.86 -44.91 9.22
CA VAL G 411 2.25 -44.47 7.97
C VAL G 411 0.91 -43.79 8.22
N LEU G 412 0.10 -44.37 9.10
CA LEU G 412 -1.20 -43.81 9.44
C LEU G 412 -1.06 -42.41 10.03
N GLN G 413 -0.01 -42.20 10.82
CA GLN G 413 0.30 -40.88 11.34
C GLN G 413 0.48 -39.88 10.20
N LEU G 414 1.28 -40.26 9.20
CA LEU G 414 1.53 -39.39 8.06
C LEU G 414 0.24 -39.10 7.29
N LEU G 415 -0.53 -40.16 7.03
CA LEU G 415 -1.77 -40.03 6.26
C LEU G 415 -2.78 -39.10 6.93
N GLU G 416 -2.84 -39.14 8.26
CA GLU G 416 -3.78 -38.28 8.99
C GLU G 416 -3.49 -36.82 8.74
N SER G 417 -2.21 -36.44 8.77
CA SER G 417 -1.82 -35.07 8.47
C SER G 417 -2.27 -34.69 7.07
N LEU G 418 -2.06 -35.60 6.11
CA LEU G 418 -2.38 -35.34 4.71
C LEU G 418 -3.88 -35.23 4.42
N LYS G 419 -4.72 -35.50 5.42
CA LYS G 419 -6.16 -35.27 5.27
C LYS G 419 -6.50 -33.78 5.25
N GLN G 420 -5.59 -32.95 5.80
CA GLN G 420 -5.76 -31.50 5.73
C GLN G 420 -5.30 -31.03 4.35
N PRO G 421 -6.26 -30.58 3.51
CA PRO G 421 -5.97 -30.25 2.11
C PRO G 421 -4.99 -29.09 1.98
N SER G 422 -4.90 -28.27 3.02
CA SER G 422 -4.03 -27.09 2.97
C SER G 422 -2.56 -27.46 3.23
N CYS G 423 -2.30 -28.73 3.55
CA CYS G 423 -0.94 -29.20 3.71
C CYS G 423 -0.13 -28.98 2.44
N THR G 424 1.15 -28.66 2.61
CA THR G 424 2.02 -28.31 1.48
C THR G 424 2.49 -29.51 0.66
N LEU G 425 2.63 -30.67 1.30
CA LEU G 425 3.24 -31.85 0.65
C LEU G 425 2.46 -32.32 -0.57
N GLN G 426 3.17 -32.51 -1.69
CA GLN G 426 2.55 -32.96 -2.93
C GLN G 426 2.88 -34.40 -3.29
N GLN G 427 3.93 -34.94 -2.67
CA GLN G 427 4.37 -36.29 -3.02
C GLN G 427 5.08 -36.97 -1.86
N LEU G 428 4.59 -38.16 -1.51
CA LEU G 428 5.17 -38.95 -0.44
C LEU G 428 5.62 -40.29 -1.00
N VAL G 429 6.90 -40.61 -0.78
CA VAL G 429 7.48 -41.83 -1.32
C VAL G 429 7.69 -42.84 -0.21
N LEU G 430 7.14 -44.04 -0.37
CA LEU G 430 7.15 -45.05 0.68
C LEU G 430 7.49 -46.44 0.15
N TYR G 431 8.55 -46.53 -0.65
CA TYR G 431 8.99 -47.81 -1.19
C TYR G 431 9.40 -48.79 -0.10
N ASP G 432 9.00 -50.05 -0.27
CA ASP G 432 9.45 -51.14 0.59
C ASP G 432 9.03 -51.01 2.06
N ILE G 433 7.93 -50.30 2.30
CA ILE G 433 7.38 -50.23 3.65
C ILE G 433 6.22 -51.22 3.74
N TYR G 434 6.32 -52.15 4.69
CA TYR G 434 5.28 -53.14 4.86
C TYR G 434 4.19 -52.64 5.79
N TRP G 435 2.99 -52.43 5.25
CA TRP G 435 1.84 -52.06 6.05
C TRP G 435 0.71 -53.07 5.82
N THR G 436 -0.16 -53.21 6.81
CA THR G 436 -1.26 -54.15 6.69
C THR G 436 -2.24 -53.73 5.60
N ASN G 437 -3.03 -54.69 5.13
CA ASN G 437 -3.99 -54.42 4.07
C ASN G 437 -5.01 -53.36 4.51
N GLU G 438 -5.15 -53.18 5.81
CA GLU G 438 -6.08 -52.18 6.35
C GLU G 438 -5.57 -50.77 6.11
N VAL G 439 -4.24 -50.61 6.11
CA VAL G 439 -3.64 -49.32 5.82
C VAL G 439 -3.73 -49.03 4.32
N GLU G 440 -3.62 -50.08 3.52
CA GLU G 440 -3.73 -49.96 2.07
C GLU G 440 -5.06 -49.34 1.65
N GLU G 441 -6.13 -49.67 2.39
CA GLU G 441 -7.45 -49.13 2.10
C GLU G 441 -7.54 -47.65 2.45
N GLN G 442 -6.96 -47.29 3.59
CA GLN G 442 -6.88 -45.89 4.00
C GLN G 442 -6.06 -45.13 2.97
N LEU G 443 -4.93 -45.72 2.59
CA LEU G 443 -4.03 -45.10 1.62
C LEU G 443 -4.76 -44.81 0.32
N ARG G 444 -5.38 -45.84 -0.26
CA ARG G 444 -6.16 -45.67 -1.47
C ARG G 444 -7.29 -44.65 -1.28
N ALA G 445 -7.88 -44.66 -0.09
CA ALA G 445 -8.95 -43.70 0.21
C ALA G 445 -8.41 -42.28 0.12
N LEU G 446 -7.32 -42.02 0.83
CA LEU G 446 -6.71 -40.69 0.87
C LEU G 446 -6.38 -40.19 -0.54
N GLU G 447 -6.06 -41.11 -1.44
CA GLU G 447 -5.71 -40.74 -2.80
C GLU G 447 -6.92 -40.21 -3.57
N GLU G 448 -8.09 -40.78 -3.31
CA GLU G 448 -9.31 -40.28 -3.92
C GLU G 448 -9.75 -38.97 -3.28
N GLU G 449 -9.47 -38.84 -1.98
CA GLU G 449 -9.80 -37.63 -1.24
C GLU G 449 -8.89 -36.47 -1.63
N ARG G 450 -7.61 -36.79 -1.87
CA ARG G 450 -6.60 -35.81 -2.21
C ARG G 450 -6.03 -36.13 -3.58
N PRO G 451 -6.81 -35.86 -4.64
CA PRO G 451 -6.41 -36.26 -5.99
C PRO G 451 -5.13 -35.56 -6.46
N SER G 452 -4.80 -34.42 -5.84
CA SER G 452 -3.59 -33.70 -6.21
C SER G 452 -2.37 -34.16 -5.40
N LEU G 453 -2.61 -35.01 -4.41
CA LEU G 453 -1.52 -35.61 -3.63
C LEU G 453 -1.11 -36.93 -4.26
N ARG G 454 0.19 -37.14 -4.42
CA ARG G 454 0.66 -38.41 -4.98
C ARG G 454 1.48 -39.23 -3.98
N ILE G 455 1.07 -40.48 -3.78
CA ILE G 455 1.81 -41.39 -2.91
C ILE G 455 2.42 -42.53 -3.73
N ILE G 456 3.73 -42.69 -3.62
CA ILE G 456 4.44 -43.68 -4.43
C ILE G 456 4.95 -44.84 -3.59
N SER G 457 4.79 -46.05 -4.11
CA SER G 457 5.29 -47.26 -3.47
C SER G 457 5.37 -48.41 -4.45
N MET H 1 -19.27 28.25 0.20
CA MET H 1 -18.51 27.47 1.17
C MET H 1 -19.28 26.21 1.57
N MET H 2 -18.60 25.06 1.50
CA MET H 2 -19.22 23.78 1.78
C MET H 2 -18.27 22.86 2.54
N SER H 3 -18.74 22.33 3.66
CA SER H 3 -17.91 21.49 4.52
C SER H 3 -18.58 20.17 4.87
N LEU H 4 -17.79 19.11 4.82
CA LEU H 4 -18.24 17.78 5.19
C LEU H 4 -17.30 17.23 6.24
N ASP H 5 -17.86 16.83 7.38
CA ASP H 5 -17.05 16.32 8.50
C ASP H 5 -17.64 15.05 9.10
N ILE H 6 -16.98 13.92 8.84
CA ILE H 6 -17.41 12.64 9.41
C ILE H 6 -16.36 12.13 10.40
N GLN H 7 -16.83 11.73 11.58
CA GLN H 7 -15.96 11.20 12.62
C GLN H 7 -16.55 9.89 13.16
N CYS H 8 -15.73 8.86 13.25
CA CYS H 8 -16.12 7.58 13.84
C CYS H 8 -17.41 7.03 13.24
N GLU H 9 -17.35 6.62 11.97
CA GLU H 9 -18.51 6.07 11.30
C GLU H 9 -18.14 4.93 10.37
N GLN H 10 -18.92 3.86 10.39
CA GLN H 10 -18.78 2.80 9.41
C GLN H 10 -19.59 3.22 8.19
N LEU H 11 -18.93 3.29 7.04
CA LEU H 11 -19.58 3.75 5.82
C LEU H 11 -19.87 2.61 4.85
N SER H 12 -21.13 2.20 4.79
CA SER H 12 -21.55 1.21 3.82
C SER H 12 -21.28 1.76 2.43
N ASP H 13 -21.35 0.90 1.43
CA ASP H 13 -21.14 1.32 0.05
C ASP H 13 -22.17 2.36 -0.38
N ALA H 14 -23.39 2.25 0.14
CA ALA H 14 -24.44 3.21 -0.16
C ALA H 14 -24.10 4.59 0.39
N ARG H 15 -23.75 4.64 1.68
CA ARG H 15 -23.37 5.90 2.31
C ARG H 15 -22.13 6.48 1.64
N TRP H 16 -21.25 5.61 1.19
CA TRP H 16 -19.98 6.05 0.59
C TRP H 16 -20.19 6.71 -0.76
N THR H 17 -20.94 6.06 -1.64
CA THR H 17 -21.18 6.59 -2.98
C THR H 17 -21.98 7.90 -2.93
N GLU H 18 -22.68 8.10 -1.83
CA GLU H 18 -23.42 9.35 -1.61
C GLU H 18 -22.47 10.51 -1.30
N LEU H 19 -21.29 10.19 -0.78
CA LEU H 19 -20.32 11.21 -0.39
C LEU H 19 -19.43 11.63 -1.55
N LEU H 20 -19.19 10.70 -2.48
CA LEU H 20 -18.31 10.95 -3.61
C LEU H 20 -18.55 12.28 -4.31
N PRO H 21 -19.82 12.57 -4.64
CA PRO H 21 -20.13 13.84 -5.32
C PRO H 21 -19.66 15.05 -4.50
N LEU H 22 -19.79 14.97 -3.18
CA LEU H 22 -19.44 16.09 -2.31
C LEU H 22 -17.93 16.24 -2.17
N ILE H 23 -17.23 15.11 -2.20
CA ILE H 23 -15.77 15.12 -2.14
C ILE H 23 -15.20 15.82 -3.37
N GLN H 24 -15.97 15.86 -4.45
CA GLN H 24 -15.53 16.48 -5.69
C GLN H 24 -15.84 17.97 -5.74
N GLN H 25 -16.65 18.44 -4.79
CA GLN H 25 -17.16 19.82 -4.83
C GLN H 25 -16.79 20.67 -3.60
N TYR H 26 -16.59 20.02 -2.46
CA TYR H 26 -16.48 20.76 -1.20
C TYR H 26 -15.10 21.35 -0.94
N GLU H 27 -15.07 22.45 -0.19
CA GLU H 27 -13.83 23.08 0.23
C GLU H 27 -13.19 22.30 1.37
N VAL H 28 -14.02 21.74 2.23
CA VAL H 28 -13.53 21.03 3.41
C VAL H 28 -14.09 19.62 3.46
N VAL H 29 -13.18 18.64 3.43
CA VAL H 29 -13.56 17.24 3.51
C VAL H 29 -12.79 16.54 4.62
N ARG H 30 -13.50 16.15 5.67
CA ARG H 30 -12.92 15.40 6.77
C ARG H 30 -13.61 14.06 6.90
N LEU H 31 -12.84 12.99 6.73
CA LEU H 31 -13.34 11.63 6.89
C LEU H 31 -12.43 10.90 7.87
N ASP H 32 -12.60 11.20 9.15
CA ASP H 32 -11.70 10.70 10.18
C ASP H 32 -12.26 9.46 10.84
N ASP H 33 -11.43 8.42 10.92
CA ASP H 33 -11.83 7.14 11.50
C ASP H 33 -13.14 6.66 10.89
N CYS H 34 -13.12 6.41 9.58
CA CYS H 34 -14.31 5.99 8.85
C CYS H 34 -14.14 4.61 8.22
N GLY H 35 -13.13 3.88 8.68
CA GLY H 35 -12.84 2.56 8.16
C GLY H 35 -12.57 2.54 6.66
N LEU H 36 -11.89 3.55 6.16
CA LEU H 36 -11.52 3.60 4.75
C LEU H 36 -10.26 2.78 4.51
N THR H 37 -10.23 2.04 3.41
CA THR H 37 -9.04 1.27 3.05
C THR H 37 -8.54 1.66 1.67
N GLU H 38 -7.48 0.98 1.22
CA GLU H 38 -6.87 1.27 -0.07
C GLU H 38 -7.90 1.15 -1.19
N VAL H 39 -8.89 0.31 -0.97
CA VAL H 39 -9.91 0.00 -1.97
C VAL H 39 -10.72 1.23 -2.40
N ARG H 40 -10.92 2.17 -1.51
CA ARG H 40 -11.74 3.34 -1.83
C ARG H 40 -10.90 4.58 -2.20
N CYS H 41 -9.59 4.43 -2.12
CA CYS H 41 -8.71 5.58 -2.36
C CYS H 41 -8.66 6.02 -3.82
N LYS H 42 -8.96 5.10 -4.73
CA LYS H 42 -9.09 5.46 -6.14
C LYS H 42 -10.29 6.38 -6.36
N ASP H 43 -11.40 6.07 -5.71
CA ASP H 43 -12.56 6.95 -5.71
C ASP H 43 -12.18 8.33 -5.18
N ILE H 44 -11.49 8.35 -4.05
CA ILE H 44 -11.09 9.60 -3.41
C ILE H 44 -10.16 10.41 -4.32
N SER H 45 -9.14 9.73 -4.84
CA SER H 45 -8.18 10.36 -5.75
C SER H 45 -8.88 11.01 -6.92
N SER H 46 -9.84 10.30 -7.50
CA SER H 46 -10.56 10.79 -8.67
C SER H 46 -11.45 11.97 -8.33
N ALA H 47 -12.08 11.92 -7.16
CA ALA H 47 -12.95 13.01 -6.72
C ALA H 47 -12.15 14.26 -6.43
N VAL H 48 -11.09 14.09 -5.65
CA VAL H 48 -10.24 15.21 -5.25
C VAL H 48 -9.58 15.88 -6.45
N GLN H 49 -9.15 15.07 -7.41
CA GLN H 49 -8.46 15.58 -8.59
C GLN H 49 -9.35 16.50 -9.41
N ALA H 50 -10.65 16.24 -9.38
CA ALA H 50 -11.62 17.08 -10.09
C ALA H 50 -12.24 18.13 -9.16
N ASN H 51 -11.63 18.36 -7.99
CA ASN H 51 -12.14 19.34 -7.04
C ASN H 51 -11.27 20.59 -6.97
N PRO H 52 -11.68 21.65 -7.67
CA PRO H 52 -10.91 22.90 -7.74
C PRO H 52 -11.18 23.81 -6.53
N ALA H 53 -12.10 23.41 -5.67
CA ALA H 53 -12.46 24.22 -4.50
C ALA H 53 -11.82 23.71 -3.21
N LEU H 54 -11.40 22.45 -3.20
CA LEU H 54 -10.83 21.81 -2.02
C LEU H 54 -9.67 22.59 -1.42
N THR H 55 -9.79 22.95 -0.14
CA THR H 55 -8.69 23.58 0.58
C THR H 55 -8.25 22.76 1.79
N GLU H 56 -9.13 21.87 2.26
CA GLU H 56 -8.80 21.02 3.40
C GLU H 56 -9.29 19.59 3.21
N LEU H 57 -8.37 18.64 3.35
CA LEU H 57 -8.70 17.22 3.28
C LEU H 57 -8.07 16.49 4.45
N SER H 58 -8.91 15.83 5.24
CA SER H 58 -8.41 15.07 6.38
C SER H 58 -8.94 13.64 6.30
N LEU H 59 -8.01 12.69 6.26
CA LEU H 59 -8.37 11.27 6.20
C LEU H 59 -7.74 10.54 7.38
N ARG H 60 -7.57 11.28 8.48
CA ARG H 60 -7.03 10.76 9.72
C ARG H 60 -7.63 9.43 10.16
N THR H 61 -6.76 8.50 10.58
CA THR H 61 -7.18 7.23 11.18
C THR H 61 -7.97 6.33 10.21
N ASN H 62 -7.33 5.96 9.11
CA ASN H 62 -7.88 4.96 8.19
C ASN H 62 -6.72 4.11 7.67
N GLU H 63 -6.93 2.81 7.55
CA GLU H 63 -5.89 1.92 7.05
C GLU H 63 -5.76 2.03 5.53
N LEU H 64 -5.25 3.18 5.08
CA LEU H 64 -5.09 3.44 3.66
C LEU H 64 -3.89 2.68 3.07
N GLY H 65 -2.84 2.56 3.87
CA GLY H 65 -1.63 1.89 3.43
C GLY H 65 -0.81 2.72 2.47
N ASP H 66 0.33 2.17 2.05
CA ASP H 66 1.19 2.87 1.11
C ASP H 66 0.47 3.15 -0.21
N GLY H 67 -0.21 2.13 -0.72
CA GLY H 67 -0.97 2.27 -1.96
C GLY H 67 -2.08 3.30 -1.85
N GLY H 68 -2.82 3.25 -0.75
CA GLY H 68 -3.91 4.19 -0.51
C GLY H 68 -3.41 5.62 -0.48
N VAL H 69 -2.39 5.87 0.33
CA VAL H 69 -1.78 7.20 0.41
C VAL H 69 -1.25 7.64 -0.96
N GLY H 70 -0.66 6.71 -1.70
CA GLY H 70 -0.18 7.00 -3.05
C GLY H 70 -1.29 7.56 -3.93
N LEU H 71 -2.42 6.86 -3.96
CA LEU H 71 -3.56 7.27 -4.77
C LEU H 71 -4.04 8.67 -4.39
N VAL H 72 -4.18 8.93 -3.09
CA VAL H 72 -4.66 10.22 -2.63
C VAL H 72 -3.76 11.38 -3.06
N LEU H 73 -2.47 11.28 -2.77
CA LEU H 73 -1.50 12.31 -3.14
C LEU H 73 -1.49 12.54 -4.64
N GLN H 74 -1.63 11.45 -5.38
CA GLN H 74 -1.70 11.49 -6.83
C GLN H 74 -2.82 12.44 -7.27
N GLY H 75 -3.97 12.33 -6.61
CA GLY H 75 -5.12 13.15 -6.94
C GLY H 75 -4.96 14.61 -6.56
N LEU H 76 -3.91 14.93 -5.83
CA LEU H 76 -3.66 16.30 -5.42
C LEU H 76 -2.73 17.03 -6.39
N GLN H 77 -2.35 16.35 -7.47
CA GLN H 77 -1.35 16.90 -8.39
C GLN H 77 -1.89 17.89 -9.42
N ASN H 78 -3.21 18.03 -9.50
CA ASN H 78 -3.80 18.99 -10.43
C ASN H 78 -3.26 20.39 -10.17
N PRO H 79 -2.89 21.10 -11.24
CA PRO H 79 -2.31 22.44 -11.13
C PRO H 79 -3.26 23.44 -10.50
N THR H 80 -4.56 23.19 -10.58
CA THR H 80 -5.56 24.07 -10.00
C THR H 80 -5.78 23.77 -8.52
N CYS H 81 -5.37 22.57 -8.10
CA CYS H 81 -5.54 22.14 -6.71
C CYS H 81 -5.12 23.24 -5.74
N LYS H 82 -6.05 23.66 -4.89
CA LYS H 82 -5.79 24.72 -3.92
C LYS H 82 -5.56 24.17 -2.52
N ILE H 83 -5.28 22.86 -2.42
CA ILE H 83 -5.18 22.21 -1.12
C ILE H 83 -4.27 22.97 -0.15
N GLN H 84 -4.82 23.32 1.01
CA GLN H 84 -4.11 24.12 1.99
C GLN H 84 -3.74 23.33 3.23
N LYS H 85 -4.66 22.48 3.68
CA LYS H 85 -4.45 21.67 4.86
C LYS H 85 -4.64 20.19 4.53
N LEU H 86 -3.60 19.40 4.79
CA LEU H 86 -3.66 17.98 4.50
C LEU H 86 -3.28 17.15 5.71
N SER H 87 -4.16 16.21 6.08
CA SER H 87 -3.86 15.25 7.14
C SER H 87 -4.00 13.81 6.68
N LEU H 88 -2.89 13.07 6.75
CA LEU H 88 -2.89 11.65 6.52
C LEU H 88 -2.38 10.96 7.78
N GLN H 89 -2.70 11.57 8.91
CA GLN H 89 -2.35 11.03 10.22
C GLN H 89 -2.86 9.62 10.42
N ASN H 90 -1.99 8.76 10.94
CA ASN H 90 -2.35 7.37 11.23
C ASN H 90 -3.03 6.68 10.05
N CYS H 91 -2.40 6.73 8.89
CA CYS H 91 -2.98 6.15 7.67
C CYS H 91 -2.22 4.93 7.13
N GLY H 92 -1.22 4.49 7.88
CA GLY H 92 -0.47 3.29 7.50
C GLY H 92 0.62 3.54 6.47
N LEU H 93 1.11 4.78 6.40
CA LEU H 93 2.22 5.12 5.51
C LEU H 93 3.56 4.66 6.07
N THR H 94 4.19 3.69 5.40
CA THR H 94 5.52 3.23 5.80
C THR H 94 6.56 3.90 4.92
N GLU H 95 7.83 3.66 5.20
CA GLU H 95 8.89 4.23 4.37
C GLU H 95 8.78 3.70 2.94
N ALA H 96 8.29 2.47 2.80
CA ALA H 96 8.12 1.86 1.49
C ALA H 96 7.18 2.67 0.60
N GLY H 97 6.35 3.51 1.20
CA GLY H 97 5.43 4.33 0.45
C GLY H 97 5.88 5.77 0.24
N CYS H 98 7.04 6.12 0.78
CA CYS H 98 7.49 7.51 0.82
C CYS H 98 8.29 7.94 -0.41
N GLY H 99 8.60 7.00 -1.29
CA GLY H 99 9.36 7.30 -2.48
C GLY H 99 8.68 8.36 -3.35
N ILE H 100 7.37 8.49 -3.20
CA ILE H 100 6.60 9.42 -4.02
C ILE H 100 6.54 10.82 -3.44
N LEU H 101 6.93 10.99 -2.18
CA LEU H 101 6.77 12.27 -1.51
C LEU H 101 7.47 13.44 -2.21
N PRO H 102 8.74 13.25 -2.62
CA PRO H 102 9.41 14.36 -3.30
C PRO H 102 8.59 14.86 -4.49
N GLY H 103 8.22 13.95 -5.38
CA GLY H 103 7.46 14.30 -6.56
C GLY H 103 6.09 14.89 -6.25
N MET H 104 5.43 14.32 -5.24
CA MET H 104 4.08 14.74 -4.91
C MET H 104 4.02 16.09 -4.20
N LEU H 105 5.10 16.45 -3.51
CA LEU H 105 5.11 17.67 -2.71
C LEU H 105 5.71 18.88 -3.43
N ARG H 106 6.57 18.61 -4.42
CA ARG H 106 7.22 19.67 -5.19
C ARG H 106 6.23 20.68 -5.74
N SER H 107 5.10 20.19 -6.24
CA SER H 107 4.17 21.01 -7.00
C SER H 107 3.00 21.57 -6.18
N LEU H 108 2.90 21.15 -4.92
CA LEU H 108 1.83 21.63 -4.05
C LEU H 108 2.22 22.95 -3.40
N SER H 109 2.19 24.02 -4.18
CA SER H 109 2.63 25.33 -3.70
C SER H 109 1.59 26.03 -2.82
N THR H 110 0.41 25.45 -2.72
CA THR H 110 -0.64 26.02 -1.89
C THR H 110 -0.69 25.39 -0.51
N LEU H 111 -0.08 24.22 -0.37
CA LEU H 111 -0.09 23.48 0.89
C LEU H 111 0.60 24.25 2.03
N ARG H 112 -0.09 24.37 3.15
CA ARG H 112 0.46 25.11 4.30
C ARG H 112 0.57 24.25 5.54
N GLU H 113 -0.34 23.29 5.69
CA GLU H 113 -0.36 22.44 6.87
C GLU H 113 -0.35 20.97 6.48
N LEU H 114 0.57 20.21 7.07
CA LEU H 114 0.72 18.80 6.75
C LEU H 114 0.81 17.95 8.02
N HIS H 115 -0.08 16.98 8.15
CA HIS H 115 -0.07 16.08 9.30
C HIS H 115 0.27 14.67 8.89
N LEU H 116 1.44 14.18 9.31
CA LEU H 116 1.82 12.80 9.06
C LEU H 116 2.07 12.04 10.35
N ASN H 117 1.55 12.56 11.46
CA ASN H 117 1.65 11.91 12.77
C ASN H 117 1.24 10.44 12.69
N ASP H 118 1.89 9.61 13.50
CA ASP H 118 1.49 8.22 13.66
C ASP H 118 1.61 7.39 12.39
N ASN H 119 2.64 7.68 11.61
CA ASN H 119 2.99 6.89 10.44
C ASN H 119 4.44 6.43 10.57
N PRO H 120 4.68 5.11 10.51
CA PRO H 120 6.05 4.59 10.63
C PRO H 120 6.89 4.89 9.39
N MET H 121 7.05 6.18 9.06
CA MET H 121 7.82 6.61 7.92
C MET H 121 9.31 6.28 8.06
N GLY H 122 9.82 6.43 9.28
CA GLY H 122 11.24 6.19 9.54
C GLY H 122 12.12 7.29 8.97
N ASP H 123 13.39 7.26 9.36
CA ASP H 123 14.37 8.24 8.91
C ASP H 123 14.44 8.29 7.39
N ALA H 124 14.34 7.12 6.76
CA ALA H 124 14.34 7.02 5.30
C ALA H 124 13.15 7.76 4.70
N GLY H 125 11.96 7.55 5.26
CA GLY H 125 10.76 8.21 4.79
C GLY H 125 10.81 9.71 5.04
N LEU H 126 11.33 10.09 6.20
CA LEU H 126 11.48 11.50 6.54
C LEU H 126 12.40 12.18 5.54
N LYS H 127 13.51 11.52 5.22
CA LYS H 127 14.49 12.09 4.32
C LYS H 127 13.89 12.35 2.94
N LEU H 128 13.04 11.44 2.48
CA LEU H 128 12.32 11.63 1.23
C LEU H 128 11.34 12.81 1.34
N LEU H 129 10.61 12.89 2.45
CA LEU H 129 9.71 14.01 2.69
C LEU H 129 10.45 15.34 2.57
N CYS H 130 11.62 15.42 3.21
CA CYS H 130 12.40 16.64 3.21
C CYS H 130 12.93 17.05 1.83
N GLU H 131 13.17 16.06 0.97
CA GLU H 131 13.58 16.36 -0.40
C GLU H 131 12.47 17.12 -1.14
N GLY H 132 11.22 16.82 -0.79
CA GLY H 132 10.09 17.53 -1.33
C GLY H 132 9.97 18.93 -0.72
N LEU H 133 10.03 19.00 0.60
CA LEU H 133 9.89 20.28 1.29
C LEU H 133 11.00 21.25 0.87
N GLN H 134 12.18 20.70 0.59
CA GLN H 134 13.34 21.49 0.22
C GLN H 134 13.09 22.32 -1.05
N ASP H 135 12.18 21.84 -1.88
CA ASP H 135 11.84 22.52 -3.12
C ASP H 135 11.36 23.95 -2.88
N PRO H 136 11.80 24.90 -3.72
CA PRO H 136 11.46 26.31 -3.56
C PRO H 136 9.94 26.57 -3.62
N GLN H 137 9.22 25.76 -4.38
CA GLN H 137 7.78 25.95 -4.53
C GLN H 137 6.99 25.38 -3.34
N CYS H 138 7.67 24.60 -2.50
CA CYS H 138 7.00 24.05 -1.32
C CYS H 138 7.24 24.95 -0.11
N ARG H 139 6.19 25.64 0.33
CA ARG H 139 6.29 26.51 1.50
C ARG H 139 5.29 26.15 2.58
N LEU H 140 5.57 25.07 3.30
CA LEU H 140 4.79 24.69 4.47
C LEU H 140 4.94 25.71 5.59
N GLU H 141 3.88 25.87 6.38
CA GLU H 141 3.94 26.68 7.59
C GLU H 141 3.85 25.78 8.82
N LYS H 142 3.19 24.65 8.67
CA LYS H 142 2.97 23.76 9.80
C LYS H 142 3.18 22.29 9.45
N LEU H 143 4.03 21.63 10.21
CA LEU H 143 4.39 20.25 9.96
C LEU H 143 4.30 19.44 11.23
N GLN H 144 3.49 18.39 11.20
CA GLN H 144 3.32 17.52 12.36
C GLN H 144 3.81 16.11 12.02
N LEU H 145 4.83 15.66 12.75
CA LEU H 145 5.46 14.37 12.48
C LEU H 145 5.59 13.56 13.76
N GLU H 146 4.59 13.66 14.62
CA GLU H 146 4.62 12.98 15.91
C GLU H 146 4.54 11.47 15.76
N TYR H 147 5.42 10.76 16.46
CA TYR H 147 5.43 9.30 16.44
C TYR H 147 5.52 8.76 15.02
N CYS H 148 6.57 9.17 14.31
CA CYS H 148 6.82 8.68 12.96
C CYS H 148 8.07 7.80 12.90
N ASN H 149 8.51 7.34 14.06
CA ASN H 149 9.64 6.42 14.15
C ASN H 149 10.94 7.08 13.66
N LEU H 150 11.12 8.35 14.00
CA LEU H 150 12.30 9.09 13.58
C LEU H 150 13.40 9.05 14.65
N THR H 151 14.64 9.23 14.22
CA THR H 151 15.76 9.32 15.16
C THR H 151 16.61 10.55 14.86
N ALA H 152 17.78 10.62 15.49
CA ALA H 152 18.68 11.74 15.28
C ALA H 152 19.01 11.92 13.80
N THR H 153 18.91 10.81 13.06
CA THR H 153 19.23 10.81 11.64
C THR H 153 18.30 11.71 10.83
N SER H 154 17.10 11.95 11.35
CA SER H 154 16.13 12.79 10.65
C SER H 154 16.37 14.29 10.88
N CYS H 155 17.16 14.61 11.90
CA CYS H 155 17.26 15.99 12.35
C CYS H 155 18.02 16.91 11.39
N GLU H 156 19.09 16.41 10.79
CA GLU H 156 19.84 17.21 9.84
C GLU H 156 19.03 17.57 8.60
N PRO H 157 18.36 16.57 7.99
CA PRO H 157 17.52 16.90 6.84
C PRO H 157 16.38 17.85 7.22
N LEU H 158 15.85 17.73 8.43
CA LEU H 158 14.83 18.66 8.93
C LEU H 158 15.41 20.06 9.11
N ALA H 159 16.60 20.13 9.71
CA ALA H 159 17.27 21.41 9.96
C ALA H 159 17.57 22.13 8.65
N SER H 160 18.05 21.37 7.66
CA SER H 160 18.40 21.96 6.36
C SER H 160 17.17 22.52 5.65
N VAL H 161 16.01 21.94 5.89
CA VAL H 161 14.76 22.48 5.35
C VAL H 161 14.42 23.78 6.07
N LEU H 162 14.44 23.74 7.40
CA LEU H 162 14.14 24.90 8.21
C LEU H 162 15.04 26.09 7.91
N ARG H 163 16.29 25.81 7.56
CA ARG H 163 17.29 26.85 7.31
C ARG H 163 16.93 27.74 6.13
N VAL H 164 16.14 27.22 5.20
CA VAL H 164 15.79 27.96 3.99
C VAL H 164 14.30 28.32 3.93
N LYS H 165 13.55 27.92 4.94
CA LYS H 165 12.10 28.14 4.93
C LYS H 165 11.67 29.13 6.01
N ALA H 166 11.51 30.39 5.63
CA ALA H 166 11.12 31.44 6.57
C ALA H 166 9.63 31.43 6.87
N ASP H 167 8.90 30.51 6.24
CA ASP H 167 7.45 30.45 6.38
C ASP H 167 6.97 29.64 7.58
N PHE H 168 7.85 28.84 8.16
CA PHE H 168 7.44 27.93 9.23
C PHE H 168 6.86 28.61 10.46
N LYS H 169 5.81 28.01 11.00
CA LYS H 169 5.11 28.53 12.16
C LYS H 169 5.02 27.47 13.25
N GLU H 170 4.87 26.21 12.84
CA GLU H 170 4.63 25.13 13.78
C GLU H 170 5.38 23.86 13.43
N LEU H 171 6.13 23.33 14.40
CA LEU H 171 6.85 22.08 14.20
C LEU H 171 6.58 21.12 15.35
N VAL H 172 6.00 19.97 15.04
CA VAL H 172 5.70 18.96 16.06
C VAL H 172 6.44 17.67 15.78
N LEU H 173 7.33 17.29 16.70
CA LEU H 173 8.16 16.10 16.53
C LEU H 173 8.14 15.21 17.76
N SER H 174 7.12 15.37 18.59
CA SER H 174 7.00 14.57 19.81
C SER H 174 7.01 13.07 19.54
N ASN H 175 7.43 12.30 20.53
CA ASN H 175 7.42 10.85 20.44
C ASN H 175 8.24 10.30 19.28
N ASN H 176 9.35 10.96 19.01
CA ASN H 176 10.42 10.40 18.19
C ASN H 176 11.69 10.51 19.03
N ASP H 177 12.46 9.42 19.12
CA ASP H 177 13.70 9.47 19.91
C ASP H 177 14.79 10.17 19.11
N LEU H 178 14.90 11.48 19.28
CA LEU H 178 15.88 12.27 18.55
C LEU H 178 17.26 12.22 19.21
N HIS H 179 17.29 11.78 20.47
CA HIS H 179 18.52 11.75 21.26
C HIS H 179 19.08 13.16 21.45
N GLU H 180 20.09 13.28 22.31
CA GLU H 180 20.69 14.57 22.60
C GLU H 180 21.30 15.24 21.36
N PRO H 181 22.06 14.47 20.55
CA PRO H 181 22.66 15.05 19.34
C PRO H 181 21.60 15.48 18.33
N GLY H 182 20.51 14.74 18.25
CA GLY H 182 19.43 15.06 17.34
C GLY H 182 18.78 16.40 17.64
N VAL H 183 18.48 16.64 18.92
CA VAL H 183 17.83 17.88 19.33
C VAL H 183 18.75 19.07 19.09
N ARG H 184 20.05 18.85 19.27
CA ARG H 184 21.04 19.90 19.06
C ARG H 184 21.04 20.38 17.61
N ILE H 185 21.14 19.44 16.69
CA ILE H 185 21.08 19.74 15.27
C ILE H 185 19.77 20.49 14.95
N LEU H 186 18.68 19.99 15.51
CA LEU H 186 17.37 20.59 15.28
C LEU H 186 17.37 22.06 15.71
N CYS H 187 17.88 22.33 16.90
CA CYS H 187 17.95 23.69 17.42
C CYS H 187 18.81 24.58 16.54
N GLN H 188 19.94 24.05 16.08
CA GLN H 188 20.82 24.77 15.18
C GLN H 188 20.07 25.23 13.94
N GLY H 189 19.29 24.32 13.35
CA GLY H 189 18.48 24.66 12.20
C GLY H 189 17.45 25.74 12.50
N LEU H 190 16.82 25.64 13.67
CA LEU H 190 15.78 26.59 14.05
C LEU H 190 16.30 28.00 14.28
N LYS H 191 17.45 28.12 14.93
CA LYS H 191 17.99 29.45 15.23
C LYS H 191 18.79 30.03 14.07
N ASP H 192 19.11 29.18 13.08
CA ASP H 192 19.72 29.67 11.85
C ASP H 192 18.65 30.13 10.88
N SER H 193 17.42 29.69 11.13
CA SER H 193 16.30 30.00 10.24
C SER H 193 15.74 31.38 10.52
N ALA H 194 15.18 32.00 9.48
CA ALA H 194 14.54 33.30 9.63
C ALA H 194 13.09 33.13 10.04
N CYS H 195 12.63 31.89 10.10
CA CYS H 195 11.22 31.61 10.36
C CYS H 195 10.80 32.16 11.71
N GLN H 196 9.61 32.74 11.76
CA GLN H 196 9.06 33.25 13.01
C GLN H 196 8.21 32.17 13.68
N LEU H 197 8.88 31.15 14.20
CA LEU H 197 8.22 30.01 14.82
C LEU H 197 7.27 30.44 15.93
N GLU H 198 6.09 29.83 15.96
CA GLU H 198 5.08 30.18 16.94
C GLU H 198 4.84 29.02 17.90
N SER H 199 5.06 27.80 17.43
CA SER H 199 4.81 26.62 18.23
C SER H 199 5.84 25.54 17.98
N LEU H 200 6.37 25.00 19.08
CA LEU H 200 7.35 23.92 19.00
C LEU H 200 7.02 22.88 20.05
N LYS H 201 6.80 21.65 19.61
CA LYS H 201 6.48 20.55 20.52
C LYS H 201 7.45 19.39 20.36
N LEU H 202 8.11 19.02 21.45
CA LEU H 202 9.09 17.94 21.46
C LEU H 202 8.88 17.06 22.68
N GLU H 203 7.64 16.64 22.88
CA GLU H 203 7.30 15.75 23.98
C GLU H 203 7.94 14.38 23.76
N ASN H 204 8.65 13.89 24.77
CA ASN H 204 9.26 12.57 24.71
C ASN H 204 10.20 12.39 23.51
N CYS H 205 11.25 13.21 23.45
CA CYS H 205 12.18 13.20 22.32
C CYS H 205 13.62 12.92 22.74
N GLY H 206 13.79 12.44 23.97
CA GLY H 206 15.12 12.18 24.50
C GLY H 206 15.92 13.45 24.74
N ILE H 207 15.23 14.55 25.02
CA ILE H 207 15.91 15.80 25.37
C ILE H 207 16.57 15.66 26.73
N THR H 208 17.77 16.19 26.86
CA THR H 208 18.51 16.12 28.11
C THR H 208 18.69 17.52 28.68
N ALA H 209 19.18 17.59 29.91
CA ALA H 209 19.43 18.87 30.55
C ALA H 209 20.39 19.70 29.69
N ALA H 210 21.33 19.01 29.06
CA ALA H 210 22.32 19.67 28.22
C ALA H 210 21.68 20.35 27.01
N ASN H 211 20.64 19.73 26.45
CA ASN H 211 19.93 20.32 25.32
C ASN H 211 19.26 21.65 25.65
N CYS H 212 18.91 21.86 26.91
CA CYS H 212 18.16 23.05 27.30
C CYS H 212 18.90 24.34 27.00
N LYS H 213 20.22 24.28 27.00
CA LYS H 213 21.03 25.41 26.56
C LYS H 213 20.71 25.74 25.10
N ASP H 214 20.66 24.71 24.26
CA ASP H 214 20.28 24.87 22.86
C ASP H 214 18.85 25.40 22.74
N LEU H 215 17.95 24.83 23.53
CA LEU H 215 16.56 25.25 23.53
C LEU H 215 16.41 26.69 24.02
N CYS H 216 17.30 27.12 24.91
CA CYS H 216 17.26 28.50 25.37
C CYS H 216 17.59 29.45 24.23
N ASP H 217 18.56 29.06 23.41
CA ASP H 217 18.97 29.86 22.26
C ASP H 217 17.85 29.96 21.23
N VAL H 218 17.15 28.85 21.01
CA VAL H 218 16.01 28.85 20.11
C VAL H 218 14.95 29.82 20.61
N VAL H 219 14.51 29.61 21.85
CA VAL H 219 13.53 30.49 22.47
C VAL H 219 13.93 31.95 22.33
N ALA H 220 15.15 32.26 22.76
CA ALA H 220 15.66 33.62 22.71
C ALA H 220 15.60 34.22 21.31
N SER H 221 15.83 33.38 20.30
CA SER H 221 15.86 33.86 18.92
C SER H 221 14.47 34.06 18.33
N LYS H 222 13.47 33.40 18.91
CA LYS H 222 12.10 33.46 18.38
C LYS H 222 11.16 34.24 19.29
N ALA H 223 11.09 35.54 19.08
CA ALA H 223 10.20 36.39 19.88
C ALA H 223 8.74 35.99 19.64
N SER H 224 8.50 35.32 18.53
CA SER H 224 7.15 34.95 18.11
C SER H 224 6.67 33.68 18.77
N LEU H 225 7.50 33.07 19.60
CA LEU H 225 7.16 31.78 20.20
C LEU H 225 5.98 31.91 21.18
N GLN H 226 4.92 31.15 20.91
CA GLN H 226 3.72 31.18 21.74
C GLN H 226 3.58 29.90 22.57
N GLU H 227 3.98 28.77 21.98
CA GLU H 227 3.78 27.49 22.63
C GLU H 227 5.04 26.65 22.59
N LEU H 228 5.39 26.05 23.72
CA LEU H 228 6.56 25.20 23.82
C LEU H 228 6.24 23.97 24.66
N ASP H 229 6.48 22.79 24.10
CA ASP H 229 6.20 21.54 24.79
C ASP H 229 7.46 20.68 24.89
N LEU H 230 8.01 20.58 26.10
CA LEU H 230 9.20 19.76 26.34
C LEU H 230 8.87 18.68 27.36
N SER H 231 7.61 18.31 27.43
CA SER H 231 7.13 17.30 28.37
C SER H 231 7.76 15.94 28.12
N SER H 232 7.77 15.11 29.16
CA SER H 232 8.26 13.74 29.05
C SER H 232 9.72 13.67 28.59
N ASN H 233 10.52 14.62 29.08
CA ASN H 233 11.96 14.61 28.86
C ASN H 233 12.70 14.85 30.18
N LYS H 234 13.82 14.16 30.36
CA LYS H 234 14.62 14.30 31.57
C LYS H 234 15.41 15.61 31.57
N LEU H 235 14.72 16.71 31.84
CA LEU H 235 15.37 18.02 31.85
C LEU H 235 15.99 18.32 33.21
N GLY H 236 15.38 17.77 34.26
CA GLY H 236 15.84 18.03 35.62
C GLY H 236 15.84 19.51 35.96
N ASN H 237 16.26 19.82 37.18
CA ASN H 237 16.32 21.21 37.63
C ASN H 237 17.37 22.01 36.87
N ALA H 238 18.47 21.36 36.51
CA ALA H 238 19.52 22.01 35.74
C ALA H 238 18.99 22.45 34.36
N GLY H 239 18.25 21.55 33.71
CA GLY H 239 17.65 21.86 32.42
C GLY H 239 16.77 23.09 32.51
N ILE H 240 15.87 23.10 33.49
CA ILE H 240 14.99 24.23 33.72
C ILE H 240 15.78 25.52 33.91
N ALA H 241 16.84 25.43 34.69
CA ALA H 241 17.68 26.59 34.98
C ALA H 241 18.25 27.17 33.69
N ALA H 242 18.69 26.30 32.79
CA ALA H 242 19.26 26.75 31.52
C ALA H 242 18.19 27.41 30.65
N LEU H 243 16.95 26.96 30.80
CA LEU H 243 15.83 27.46 30.00
C LEU H 243 15.39 28.86 30.41
N CYS H 244 15.51 29.17 31.69
CA CYS H 244 14.93 30.40 32.25
C CYS H 244 15.46 31.72 31.66
N PRO H 245 16.77 31.81 31.38
CA PRO H 245 17.28 33.04 30.79
C PRO H 245 16.51 33.46 29.53
N GLY H 246 16.16 32.51 28.67
CA GLY H 246 15.43 32.81 27.46
C GLY H 246 14.00 33.22 27.75
N LEU H 247 13.37 32.54 28.69
CA LEU H 247 12.00 32.82 29.09
C LEU H 247 11.87 34.19 29.75
N LEU H 248 12.97 34.68 30.31
CA LEU H 248 12.95 35.94 31.04
C LEU H 248 13.15 37.16 30.13
N LEU H 249 13.70 36.92 28.94
CA LEU H 249 13.86 37.99 27.95
C LEU H 249 12.56 38.78 27.78
N PRO H 250 12.68 40.11 27.68
CA PRO H 250 11.49 40.97 27.52
C PRO H 250 10.79 40.73 26.18
N SER H 251 11.52 40.29 25.17
CA SER H 251 10.95 40.02 23.86
C SER H 251 10.22 38.68 23.83
N CYS H 252 10.47 37.84 24.83
CA CYS H 252 9.81 36.56 24.94
C CYS H 252 8.37 36.75 25.38
N LYS H 253 7.44 36.27 24.56
CA LYS H 253 6.02 36.42 24.86
C LYS H 253 5.34 35.05 24.91
N LEU H 254 6.07 34.04 25.40
CA LEU H 254 5.55 32.69 25.46
C LEU H 254 4.22 32.68 26.21
N ARG H 255 3.23 31.98 25.65
CA ARG H 255 1.92 31.92 26.27
C ARG H 255 1.68 30.60 26.96
N THR H 256 2.23 29.54 26.38
CA THR H 256 1.96 28.18 26.84
C THR H 256 3.25 27.38 27.01
N LEU H 257 3.42 26.80 28.20
CA LEU H 257 4.62 26.04 28.52
C LEU H 257 4.23 24.71 29.16
N TRP H 258 4.51 23.62 28.46
CA TRP H 258 4.20 22.27 28.95
C TRP H 258 5.48 21.59 29.44
N LEU H 259 5.53 21.28 30.73
CA LEU H 259 6.69 20.63 31.32
C LEU H 259 6.24 19.42 32.12
N TRP H 260 5.21 18.75 31.61
CA TRP H 260 4.69 17.56 32.26
C TRP H 260 5.76 16.46 32.28
N GLU H 261 6.04 15.95 33.47
CA GLU H 261 6.93 14.81 33.64
C GLU H 261 8.34 15.10 33.11
N CYS H 262 9.01 16.08 33.70
CA CYS H 262 10.34 16.48 33.27
C CYS H 262 11.39 16.34 34.38
N ASP H 263 11.08 15.54 35.39
CA ASP H 263 12.00 15.31 36.52
C ASP H 263 12.36 16.58 37.28
N ILE H 264 11.39 17.48 37.41
CA ILE H 264 11.60 18.73 38.13
C ILE H 264 11.22 18.61 39.60
N THR H 265 12.06 19.13 40.48
CA THR H 265 11.73 19.18 41.90
C THR H 265 11.69 20.64 42.35
N ALA H 266 11.52 20.84 43.66
CA ALA H 266 11.31 22.17 44.21
C ALA H 266 12.33 23.20 43.73
N GLU H 267 13.57 22.76 43.54
CA GLU H 267 14.63 23.68 43.13
C GLU H 267 14.36 24.23 41.73
N GLY H 268 14.14 23.34 40.77
CA GLY H 268 13.82 23.76 39.42
C GLY H 268 12.57 24.61 39.43
N CYS H 269 11.60 24.20 40.23
CA CYS H 269 10.36 24.95 40.37
C CYS H 269 10.65 26.39 40.78
N LYS H 270 11.60 26.56 41.70
CA LYS H 270 12.00 27.88 42.16
C LYS H 270 12.53 28.74 41.00
N ASP H 271 13.30 28.13 40.10
CA ASP H 271 13.85 28.84 38.96
C ASP H 271 12.73 29.31 38.03
N LEU H 272 11.73 28.45 37.86
CA LEU H 272 10.62 28.75 36.97
C LEU H 272 9.80 29.91 37.55
N CYS H 273 9.73 29.98 38.87
CA CYS H 273 8.97 31.03 39.54
C CYS H 273 9.47 32.42 39.20
N ARG H 274 10.78 32.56 38.96
CA ARG H 274 11.34 33.85 38.60
C ARG H 274 10.74 34.35 37.29
N VAL H 275 10.50 33.43 36.37
CA VAL H 275 9.83 33.75 35.12
C VAL H 275 8.37 34.07 35.39
N LEU H 276 7.72 33.21 36.17
CA LEU H 276 6.29 33.29 36.40
C LEU H 276 5.86 34.67 36.91
N ARG H 277 6.64 35.25 37.82
CA ARG H 277 6.26 36.52 38.41
C ARG H 277 6.70 37.74 37.59
N ALA H 278 7.52 37.51 36.58
CA ALA H 278 8.04 38.61 35.77
C ALA H 278 7.51 38.59 34.34
N LYS H 279 6.71 37.59 34.02
CA LYS H 279 6.21 37.41 32.66
C LYS H 279 4.69 37.38 32.63
N GLN H 280 4.09 38.48 32.20
CA GLN H 280 2.64 38.60 32.19
C GLN H 280 2.04 37.84 31.02
N SER H 281 2.87 37.53 30.04
CA SER H 281 2.42 36.89 28.79
C SER H 281 2.11 35.41 28.99
N LEU H 282 2.76 34.79 29.96
CA LEU H 282 2.54 33.37 30.24
C LEU H 282 1.15 33.15 30.83
N LYS H 283 0.30 32.43 30.09
CA LYS H 283 -1.08 32.22 30.51
C LYS H 283 -1.36 30.80 30.97
N GLU H 284 -0.58 29.84 30.47
CA GLU H 284 -0.78 28.44 30.80
C GLU H 284 0.51 27.70 31.11
N LEU H 285 0.52 26.96 32.21
CA LEU H 285 1.71 26.23 32.63
C LEU H 285 1.35 24.88 33.22
N SER H 286 1.96 23.83 32.69
CA SER H 286 1.80 22.50 33.25
C SER H 286 3.12 22.00 33.85
N LEU H 287 3.06 21.56 35.09
CA LEU H 287 4.20 20.98 35.78
C LEU H 287 3.79 19.62 36.32
N ALA H 288 2.79 19.03 35.68
CA ALA H 288 2.25 17.75 36.11
C ALA H 288 3.31 16.66 36.13
N SER H 289 3.07 15.63 36.93
CA SER H 289 4.01 14.53 37.09
C SER H 289 5.44 15.01 37.35
N ASN H 290 5.58 16.01 38.21
CA ASN H 290 6.88 16.39 38.77
C ASN H 290 6.80 16.45 40.29
N GLU H 291 7.82 15.96 40.97
CA GLU H 291 7.85 15.99 42.43
C GLU H 291 8.17 17.38 42.94
N LEU H 292 7.17 18.26 42.92
CA LEU H 292 7.32 19.62 43.41
C LEU H 292 7.19 19.65 44.93
N LYS H 293 6.28 18.82 45.44
CA LYS H 293 5.99 18.77 46.88
C LYS H 293 5.50 20.11 47.42
N ASP H 294 5.13 20.13 48.69
CA ASP H 294 4.57 21.34 49.31
C ASP H 294 5.49 22.55 49.17
N GLU H 295 6.79 22.32 49.22
CA GLU H 295 7.75 23.40 49.04
C GLU H 295 7.59 24.04 47.66
N GLY H 296 7.42 23.18 46.64
CA GLY H 296 7.21 23.67 45.30
C GLY H 296 5.93 24.46 45.17
N ALA H 297 4.86 23.93 45.78
CA ALA H 297 3.56 24.58 45.76
C ALA H 297 3.63 25.99 46.35
N ARG H 298 4.40 26.17 47.42
CA ARG H 298 4.53 27.48 48.05
C ARG H 298 5.19 28.49 47.12
N LEU H 299 6.30 28.11 46.52
CA LEU H 299 6.98 28.98 45.55
C LEU H 299 6.01 29.45 44.48
N LEU H 300 5.27 28.51 43.90
CA LEU H 300 4.31 28.82 42.86
C LEU H 300 3.23 29.80 43.33
N CYS H 301 2.64 29.52 44.49
CA CYS H 301 1.57 30.35 45.01
C CYS H 301 2.02 31.77 45.37
N GLU H 302 3.24 31.88 45.89
CA GLU H 302 3.82 33.18 46.19
C GLU H 302 3.93 34.03 44.93
N SER H 303 4.37 33.38 43.85
CA SER H 303 4.58 34.05 42.58
C SER H 303 3.26 34.40 41.90
N LEU H 304 2.26 33.53 42.07
CA LEU H 304 0.94 33.78 41.51
C LEU H 304 0.34 35.06 42.06
N LEU H 305 0.76 35.44 43.26
CA LEU H 305 0.21 36.62 43.93
C LEU H 305 0.97 37.90 43.59
N GLU H 306 2.04 37.77 42.81
CA GLU H 306 2.79 38.94 42.35
C GLU H 306 2.07 39.56 41.16
N PRO H 307 2.20 40.88 41.00
CA PRO H 307 1.51 41.60 39.91
C PRO H 307 2.00 41.19 38.53
N GLY H 308 3.27 40.80 38.44
CA GLY H 308 3.86 40.41 37.17
C GLY H 308 3.35 39.07 36.67
N CYS H 309 2.58 38.37 37.50
CA CYS H 309 2.05 37.07 37.12
C CYS H 309 0.56 37.12 36.81
N GLN H 310 0.22 36.89 35.56
CA GLN H 310 -1.17 36.84 35.14
C GLN H 310 -1.51 35.46 34.57
N LEU H 311 -1.02 34.42 35.25
CA LEU H 311 -1.30 33.05 34.82
C LEU H 311 -2.79 32.75 34.88
N GLU H 312 -3.27 31.97 33.91
CA GLU H 312 -4.69 31.70 33.80
C GLU H 312 -5.01 30.23 34.07
N SER H 313 -4.06 29.36 33.73
CA SER H 313 -4.23 27.94 33.94
C SER H 313 -2.97 27.34 34.55
N LEU H 314 -3.15 26.48 35.54
CA LEU H 314 -2.03 25.83 36.20
C LEU H 314 -2.29 24.33 36.33
N TRP H 315 -1.40 23.52 35.76
CA TRP H 315 -1.51 22.08 35.84
C TRP H 315 -0.46 21.53 36.80
N ILE H 316 -0.90 21.02 37.94
CA ILE H 316 0.01 20.43 38.92
C ILE H 316 -0.51 19.08 39.39
N LYS H 317 -1.01 18.32 38.43
CA LYS H 317 -1.48 16.96 38.64
C LYS H 317 -0.28 16.06 38.96
N THR H 318 -0.45 15.17 39.92
CA THR H 318 0.60 14.21 40.28
C THR H 318 1.91 14.90 40.66
N CYS H 319 1.86 15.77 41.67
CA CYS H 319 3.04 16.54 42.07
C CYS H 319 3.45 16.32 43.53
N SER H 320 3.00 15.21 44.12
CA SER H 320 3.32 14.89 45.51
C SER H 320 2.93 16.03 46.45
N LEU H 321 1.70 16.51 46.29
CA LEU H 321 1.18 17.60 47.13
C LEU H 321 0.28 17.05 48.23
N THR H 322 0.43 17.59 49.44
CA THR H 322 -0.40 17.16 50.56
C THR H 322 -1.31 18.27 51.04
N ALA H 323 -2.11 17.97 52.07
CA ALA H 323 -3.04 18.95 52.62
C ALA H 323 -2.32 20.19 53.10
N ALA H 324 -1.01 20.07 53.32
CA ALA H 324 -0.20 21.17 53.83
C ALA H 324 0.01 22.25 52.78
N SER H 325 -0.25 21.94 51.52
CA SER H 325 -0.06 22.93 50.45
C SER H 325 -1.33 23.71 50.16
N CYS H 326 -2.46 23.22 50.68
CA CYS H 326 -3.75 23.81 50.38
C CYS H 326 -3.93 25.24 50.89
N PRO H 327 -3.49 25.51 52.14
CA PRO H 327 -3.55 26.89 52.63
C PRO H 327 -2.84 27.86 51.69
N TYR H 328 -1.87 27.36 50.93
CA TYR H 328 -1.16 28.19 49.95
C TYR H 328 -2.07 28.53 48.78
N PHE H 329 -2.77 27.52 48.26
CA PHE H 329 -3.67 27.74 47.14
C PHE H 329 -4.88 28.60 47.54
N CYS H 330 -5.24 28.55 48.81
CA CYS H 330 -6.32 29.39 49.31
C CYS H 330 -6.02 30.86 49.06
N SER H 331 -4.80 31.28 49.38
CA SER H 331 -4.38 32.65 49.13
C SER H 331 -4.64 33.01 47.66
N VAL H 332 -4.15 32.16 46.77
CA VAL H 332 -4.34 32.34 45.33
C VAL H 332 -5.81 32.51 44.97
N LEU H 333 -6.63 31.54 45.35
CA LEU H 333 -8.04 31.56 45.02
C LEU H 333 -8.73 32.83 45.54
N THR H 334 -8.16 33.39 46.60
CA THR H 334 -8.72 34.57 47.23
C THR H 334 -8.26 35.88 46.60
N LYS H 335 -6.97 35.95 46.25
CA LYS H 335 -6.39 37.22 45.80
C LYS H 335 -6.11 37.23 44.29
N SER H 336 -5.94 36.06 43.69
CA SER H 336 -5.60 35.98 42.28
C SER H 336 -6.83 36.23 41.41
N ARG H 337 -6.72 37.21 40.52
CA ARG H 337 -7.81 37.57 39.62
C ARG H 337 -7.60 36.99 38.22
N SER H 338 -6.42 36.42 37.98
CA SER H 338 -6.10 35.88 36.66
C SER H 338 -6.31 34.36 36.56
N LEU H 339 -6.09 33.65 37.66
CA LEU H 339 -6.17 32.18 37.63
C LEU H 339 -7.60 31.65 37.49
N LEU H 340 -7.88 31.00 36.36
CA LEU H 340 -9.22 30.52 36.08
C LEU H 340 -9.32 29.01 36.14
N GLU H 341 -8.19 28.33 35.98
CA GLU H 341 -8.16 26.87 35.92
C GLU H 341 -7.07 26.31 36.82
N LEU H 342 -7.42 25.32 37.64
CA LEU H 342 -6.49 24.75 38.60
C LEU H 342 -6.61 23.22 38.63
N GLN H 343 -5.61 22.55 38.09
CA GLN H 343 -5.60 21.10 37.97
C GLN H 343 -4.69 20.48 39.04
N MET H 344 -5.31 19.85 40.04
CA MET H 344 -4.56 19.30 41.17
C MET H 344 -4.88 17.84 41.41
N SER H 345 -5.39 17.16 40.39
CA SER H 345 -5.70 15.74 40.50
C SER H 345 -4.48 14.93 40.92
N SER H 346 -4.73 13.71 41.39
CA SER H 346 -3.65 12.80 41.76
C SER H 346 -2.64 13.39 42.72
N ASN H 347 -3.15 14.08 43.75
CA ASN H 347 -2.34 14.53 44.88
C ASN H 347 -3.02 14.12 46.17
N PRO H 348 -2.24 13.57 47.13
CA PRO H 348 -2.79 13.15 48.42
C PRO H 348 -3.18 14.33 49.29
N LEU H 349 -4.30 14.96 48.98
CA LEU H 349 -4.77 16.12 49.73
C LEU H 349 -5.72 15.69 50.84
N GLY H 350 -6.43 14.58 50.61
CA GLY H 350 -7.39 14.07 51.58
C GLY H 350 -8.50 15.06 51.86
N ASP H 351 -9.48 14.62 52.63
CA ASP H 351 -10.59 15.50 53.02
C ASP H 351 -10.08 16.73 53.73
N GLU H 352 -8.95 16.59 54.41
CA GLU H 352 -8.36 17.68 55.17
C GLU H 352 -7.89 18.81 54.25
N GLY H 353 -7.16 18.45 53.20
CA GLY H 353 -6.72 19.42 52.21
C GLY H 353 -7.88 20.08 51.50
N VAL H 354 -8.86 19.28 51.12
CA VAL H 354 -10.06 19.78 50.46
C VAL H 354 -10.76 20.83 51.31
N GLN H 355 -11.01 20.49 52.58
CA GLN H 355 -11.68 21.43 53.48
C GLN H 355 -10.95 22.76 53.53
N GLU H 356 -9.63 22.72 53.37
CA GLU H 356 -8.84 23.94 53.40
C GLU H 356 -9.17 24.81 52.20
N LEU H 357 -9.25 24.19 51.02
CA LEU H 357 -9.53 24.93 49.80
C LEU H 357 -10.97 25.45 49.81
N CYS H 358 -11.87 24.67 50.38
CA CYS H 358 -13.29 25.00 50.39
C CYS H 358 -13.59 26.32 51.10
N LYS H 359 -12.79 26.65 52.11
CA LYS H 359 -13.03 27.88 52.86
C LYS H 359 -12.64 29.11 52.05
N ALA H 360 -11.73 28.92 51.10
CA ALA H 360 -11.40 29.98 50.15
C ALA H 360 -12.47 30.05 49.06
N LEU H 361 -12.97 28.88 48.67
CA LEU H 361 -13.99 28.77 47.64
C LEU H 361 -15.36 29.21 48.12
N SER H 362 -15.58 29.11 49.43
CA SER H 362 -16.89 29.41 50.02
C SER H 362 -17.21 30.90 49.95
N GLN H 363 -16.21 31.71 49.62
CA GLN H 363 -16.42 33.14 49.42
C GLN H 363 -17.06 33.36 48.04
N PRO H 364 -17.79 34.48 47.89
CA PRO H 364 -18.52 34.75 46.65
C PRO H 364 -17.73 35.60 45.66
N ASP H 365 -16.49 35.92 45.99
CA ASP H 365 -15.69 36.86 45.20
C ASP H 365 -14.66 36.19 44.29
N THR H 366 -14.61 34.86 44.34
CA THR H 366 -13.60 34.11 43.56
C THR H 366 -13.79 34.24 42.05
N VAL H 367 -12.75 33.91 41.30
CA VAL H 367 -12.82 33.95 39.84
C VAL H 367 -12.53 32.59 39.20
N LEU H 368 -12.05 31.64 40.00
CA LEU H 368 -11.74 30.31 39.49
C LEU H 368 -12.95 29.70 38.77
N ARG H 369 -12.74 29.23 37.55
CA ARG H 369 -13.84 28.67 36.75
C ARG H 369 -13.83 27.14 36.66
N GLU H 370 -12.64 26.55 36.78
CA GLU H 370 -12.51 25.09 36.67
C GLU H 370 -11.48 24.54 37.66
N LEU H 371 -11.83 23.45 38.33
CA LEU H 371 -10.99 22.87 39.36
C LEU H 371 -11.03 21.35 39.30
N TRP H 372 -9.87 20.74 39.17
CA TRP H 372 -9.75 19.28 39.11
C TRP H 372 -9.19 18.75 40.43
N LEU H 373 -9.99 17.95 41.13
CA LEU H 373 -9.57 17.34 42.38
C LEU H 373 -9.80 15.84 42.37
N GLY H 374 -9.56 15.22 41.22
CA GLY H 374 -9.72 13.79 41.08
C GLY H 374 -8.54 13.04 41.72
N ASP H 375 -8.80 11.83 42.16
CA ASP H 375 -7.75 11.00 42.76
C ASP H 375 -7.00 11.74 43.86
N CYS H 376 -7.74 12.36 44.78
CA CYS H 376 -7.14 13.14 45.85
C CYS H 376 -7.51 12.59 47.22
N ASP H 377 -7.86 11.31 47.28
CA ASP H 377 -8.22 10.67 48.54
C ASP H 377 -9.43 11.32 49.19
N VAL H 378 -10.29 11.93 48.36
CA VAL H 378 -11.49 12.57 48.86
C VAL H 378 -12.57 11.54 49.18
N THR H 379 -13.09 11.60 50.39
CA THR H 379 -14.16 10.69 50.82
C THR H 379 -15.49 11.44 50.94
N ASN H 380 -16.48 10.76 51.48
CA ASN H 380 -17.80 11.36 51.69
C ASN H 380 -17.72 12.65 52.51
N SER H 381 -16.79 12.69 53.44
CA SER H 381 -16.63 13.86 54.30
C SER H 381 -16.23 15.08 53.48
N GLY H 382 -15.31 14.87 52.54
CA GLY H 382 -14.87 15.94 51.66
C GLY H 382 -16.00 16.41 50.77
N CYS H 383 -16.96 15.52 50.53
CA CYS H 383 -18.11 15.85 49.69
C CYS H 383 -19.07 16.80 50.40
N SER H 384 -19.13 16.73 51.72
CA SER H 384 -19.96 17.65 52.48
C SER H 384 -19.42 19.07 52.37
N SER H 385 -18.10 19.20 52.45
CA SER H 385 -17.46 20.50 52.29
C SER H 385 -17.64 21.05 50.88
N LEU H 386 -17.50 20.17 49.89
CA LEU H 386 -17.65 20.57 48.49
C LEU H 386 -19.10 20.90 48.16
N ALA H 387 -20.04 20.14 48.72
CA ALA H 387 -21.46 20.40 48.50
C ALA H 387 -21.84 21.81 48.94
N ASN H 388 -21.28 22.25 50.05
CA ASN H 388 -21.60 23.58 50.57
C ASN H 388 -20.96 24.66 49.70
N VAL H 389 -19.79 24.35 49.18
CA VAL H 389 -19.11 25.23 48.24
C VAL H 389 -20.00 25.54 47.04
N LEU H 390 -20.70 24.53 46.55
CA LEU H 390 -21.56 24.68 45.38
C LEU H 390 -22.68 25.68 45.63
N LEU H 391 -23.01 25.88 46.90
CA LEU H 391 -24.05 26.83 47.27
C LEU H 391 -23.50 28.25 47.36
N ALA H 392 -22.26 28.36 47.82
CA ALA H 392 -21.66 29.66 48.10
C ALA H 392 -20.92 30.26 46.91
N ASN H 393 -20.14 29.43 46.23
CA ASN H 393 -19.23 29.92 45.19
C ASN H 393 -19.93 30.39 43.91
N ARG H 394 -19.50 31.53 43.39
CA ARG H 394 -20.16 32.17 42.26
C ARG H 394 -19.32 32.21 40.99
N SER H 395 -18.19 31.50 40.97
CA SER H 395 -17.33 31.49 39.79
C SER H 395 -17.08 30.08 39.22
N LEU H 396 -17.09 29.07 40.08
CA LEU H 396 -16.76 27.72 39.64
C LEU H 396 -17.84 27.13 38.74
N ARG H 397 -17.45 26.77 37.52
CA ARG H 397 -18.37 26.18 36.55
C ARG H 397 -18.10 24.69 36.34
N GLU H 398 -16.87 24.27 36.58
CA GLU H 398 -16.51 22.87 36.38
C GLU H 398 -15.72 22.31 37.56
N LEU H 399 -16.16 21.16 38.04
CA LEU H 399 -15.48 20.47 39.13
C LEU H 399 -15.33 18.99 38.79
N ASP H 400 -14.11 18.49 38.94
CA ASP H 400 -13.81 17.08 38.66
C ASP H 400 -13.38 16.34 39.92
N LEU H 401 -14.18 15.35 40.31
CA LEU H 401 -13.91 14.55 41.50
C LEU H 401 -13.74 13.07 41.16
N SER H 402 -13.34 12.79 39.92
CA SER H 402 -13.15 11.42 39.45
C SER H 402 -12.12 10.66 40.28
N ASN H 403 -12.27 9.34 40.33
CA ASN H 403 -11.28 8.47 40.98
C ASN H 403 -11.02 8.80 42.45
N ASN H 404 -12.09 9.08 43.20
CA ASN H 404 -11.95 9.32 44.64
C ASN H 404 -12.57 8.21 45.48
N CYS H 405 -12.44 8.32 46.81
CA CYS H 405 -12.86 7.25 47.70
C CYS H 405 -14.29 7.44 48.19
N MET H 406 -15.02 8.35 47.53
CA MET H 406 -16.39 8.65 47.90
C MET H 406 -17.34 7.61 47.32
N GLY H 407 -18.59 7.66 47.77
CA GLY H 407 -19.62 6.75 47.27
C GLY H 407 -20.96 7.43 47.22
N GLY H 408 -22.03 6.63 47.18
CA GLY H 408 -23.38 7.15 47.16
C GLY H 408 -23.60 8.36 48.06
N PRO H 409 -23.34 8.21 49.36
CA PRO H 409 -23.55 9.27 50.35
C PRO H 409 -22.93 10.59 49.96
N GLY H 410 -21.67 10.57 49.54
CA GLY H 410 -20.98 11.77 49.11
C GLY H 410 -21.63 12.41 47.90
N VAL H 411 -21.82 11.61 46.85
CA VAL H 411 -22.43 12.09 45.61
C VAL H 411 -23.78 12.74 45.87
N LEU H 412 -24.60 12.10 46.70
CA LEU H 412 -25.93 12.63 47.02
C LEU H 412 -25.84 14.02 47.63
N GLN H 413 -24.83 14.25 48.46
CA GLN H 413 -24.60 15.56 49.05
C GLN H 413 -24.38 16.62 47.96
N LEU H 414 -23.57 16.28 46.97
CA LEU H 414 -23.30 17.18 45.85
C LEU H 414 -24.57 17.46 45.04
N LEU H 415 -25.33 16.41 44.76
CA LEU H 415 -26.55 16.53 43.97
C LEU H 415 -27.61 17.38 44.68
N GLU H 416 -27.63 17.29 46.01
CA GLU H 416 -28.55 18.08 46.82
C GLU H 416 -28.40 19.57 46.55
N SER H 417 -27.16 20.06 46.64
CA SER H 417 -26.88 21.46 46.38
C SER H 417 -27.32 21.85 44.98
N LEU H 418 -27.16 20.92 44.05
CA LEU H 418 -27.43 21.18 42.63
C LEU H 418 -28.91 21.17 42.29
N LYS H 419 -29.74 20.83 43.27
CA LYS H 419 -31.18 20.96 43.09
C LYS H 419 -31.54 22.43 43.03
N GLN H 420 -30.66 23.27 43.57
CA GLN H 420 -30.83 24.72 43.50
C GLN H 420 -30.35 25.21 42.13
N PRO H 421 -31.29 25.58 41.25
CA PRO H 421 -30.97 25.99 39.88
C PRO H 421 -30.07 27.22 39.82
N SER H 422 -30.09 28.04 40.86
CA SER H 422 -29.27 29.25 40.89
C SER H 422 -27.79 28.99 41.17
N CYS H 423 -27.44 27.74 41.45
CA CYS H 423 -26.03 27.37 41.65
C CYS H 423 -25.22 27.67 40.40
N THR H 424 -23.95 27.97 40.57
CA THR H 424 -23.09 28.35 39.46
C THR H 424 -22.58 27.16 38.64
N LEU H 425 -22.28 26.04 39.31
CA LEU H 425 -21.69 24.89 38.63
C LEU H 425 -22.48 24.46 37.39
N GLN H 426 -21.75 24.19 36.30
CA GLN H 426 -22.36 23.77 35.06
C GLN H 426 -22.01 22.33 34.72
N GLN H 427 -20.90 21.85 35.28
CA GLN H 427 -20.41 20.52 34.95
C GLN H 427 -19.68 19.83 36.11
N LEU H 428 -20.20 18.67 36.50
CA LEU H 428 -19.59 17.86 37.55
C LEU H 428 -19.10 16.55 36.95
N VAL H 429 -17.82 16.28 37.09
CA VAL H 429 -17.25 15.05 36.53
C VAL H 429 -17.00 14.03 37.64
N LEU H 430 -17.52 12.81 37.44
CA LEU H 430 -17.46 11.78 38.47
C LEU H 430 -17.11 10.41 37.88
N TYR H 431 -16.06 10.37 37.07
CA TYR H 431 -15.60 9.12 36.47
C TYR H 431 -15.15 8.13 37.54
N ASP H 432 -15.46 6.85 37.34
CA ASP H 432 -14.98 5.78 38.19
C ASP H 432 -15.43 5.89 39.64
N ILE H 433 -16.57 6.52 39.86
CA ILE H 433 -17.19 6.56 41.18
C ILE H 433 -18.30 5.53 41.23
N TYR H 434 -18.09 4.49 42.03
CA TYR H 434 -19.07 3.43 42.17
C TYR H 434 -20.19 3.86 43.12
N TRP H 435 -21.42 3.90 42.62
CA TRP H 435 -22.57 4.20 43.46
C TRP H 435 -23.73 3.27 43.17
N THR H 436 -24.68 3.21 44.11
CA THR H 436 -25.78 2.26 44.02
C THR H 436 -26.75 2.60 42.89
N ASN H 437 -27.60 1.63 42.54
CA ASN H 437 -28.57 1.81 41.48
C ASN H 437 -29.64 2.83 41.88
N GLU H 438 -29.75 3.08 43.18
CA GLU H 438 -30.71 4.04 43.69
C GLU H 438 -30.18 5.46 43.49
N VAL H 439 -28.89 5.63 43.72
CA VAL H 439 -28.23 6.91 43.51
C VAL H 439 -28.31 7.29 42.03
N GLU H 440 -28.19 6.30 41.17
CA GLU H 440 -28.26 6.51 39.73
C GLU H 440 -29.60 7.11 39.33
N GLU H 441 -30.67 6.61 39.93
CA GLU H 441 -32.02 7.09 39.61
C GLU H 441 -32.21 8.53 40.04
N GLN H 442 -31.65 8.88 41.20
CA GLN H 442 -31.74 10.25 41.69
C GLN H 442 -30.94 11.16 40.78
N LEU H 443 -29.77 10.70 40.37
CA LEU H 443 -28.91 11.43 39.44
C LEU H 443 -29.69 11.74 38.16
N ARG H 444 -30.29 10.71 37.58
CA ARG H 444 -31.09 10.88 36.37
C ARG H 444 -32.25 11.86 36.58
N ALA H 445 -32.89 11.81 37.74
CA ALA H 445 -33.97 12.73 38.06
C ALA H 445 -33.47 14.16 38.06
N LEU H 446 -32.30 14.36 38.67
CA LEU H 446 -31.65 15.66 38.69
C LEU H 446 -31.43 16.15 37.26
N GLU H 447 -30.81 15.30 36.44
CA GLU H 447 -30.53 15.67 35.05
C GLU H 447 -31.80 16.08 34.32
N GLU H 448 -32.90 15.40 34.63
CA GLU H 448 -34.19 15.72 34.02
C GLU H 448 -34.72 17.07 34.51
N GLU H 449 -34.40 17.41 35.76
CA GLU H 449 -34.83 18.69 36.33
C GLU H 449 -33.98 19.84 35.79
N ARG H 450 -32.67 19.62 35.73
CA ARG H 450 -31.73 20.63 35.28
C ARG H 450 -31.09 20.20 33.96
N PRO H 451 -31.80 20.41 32.85
CA PRO H 451 -31.28 20.00 31.54
C PRO H 451 -29.98 20.70 31.16
N SER H 452 -29.70 21.86 31.76
CA SER H 452 -28.50 22.62 31.43
C SER H 452 -27.28 22.20 32.26
N LEU H 453 -27.49 21.35 33.24
CA LEU H 453 -26.40 20.86 34.07
C LEU H 453 -25.83 19.57 33.49
N ARG H 454 -24.51 19.44 33.49
CA ARG H 454 -23.88 18.25 32.93
C ARG H 454 -23.13 17.41 33.96
N ILE H 455 -23.63 16.21 34.21
CA ILE H 455 -22.99 15.27 35.12
C ILE H 455 -22.35 14.17 34.29
N ILE H 456 -21.02 14.11 34.33
CA ILE H 456 -20.28 13.18 33.49
C ILE H 456 -19.68 12.02 34.27
N SER H 457 -19.88 10.81 33.75
CA SER H 457 -19.28 9.62 34.33
C SER H 457 -19.14 8.51 33.29
C1 EDO I . -9.19 -21.86 -36.52
O1 EDO I . -8.15 -22.63 -37.15
C2 EDO I . -9.65 -22.55 -35.24
O2 EDO I . -10.91 -22.03 -34.84
C1 PEG J . 13.61 4.92 0.04
O1 PEG J . 14.42 3.98 0.76
C2 PEG J . 12.14 4.53 0.11
O2 PEG J . 11.89 3.42 -0.77
C3 PEG J . 10.58 3.44 -1.31
C4 PEG J . 10.35 2.21 -2.17
O4 PEG J . 10.10 1.07 -1.33
C1 EDO K . -2.15 -0.81 -18.78
O1 EDO K . -1.64 0.29 -19.56
C2 EDO K . -2.88 -1.81 -19.68
O2 EDO K . -4.21 -1.36 -19.96
C1 EDO L . -0.65 -26.29 -41.48
O1 EDO L . 0.14 -26.76 -42.58
C2 EDO L . -1.83 -27.24 -41.26
O2 EDO L . -2.77 -26.65 -40.35
C1 EDO M . -28.11 56.31 20.26
O1 EDO M . -27.20 57.41 20.15
C2 EDO M . -29.10 56.34 19.10
O2 EDO M . -30.20 55.47 19.38
C1 EDO N . -33.42 36.44 1.22
O1 EDO N . -32.48 35.86 0.31
C2 EDO N . -33.84 35.40 2.26
O2 EDO N . -34.95 35.91 3.03
C1 EDO O . -25.76 32.55 -2.63
O1 EDO O . -25.03 32.25 -3.82
C2 EDO O . -27.19 32.95 -2.97
O2 EDO O . -27.97 31.78 -3.25
C1 EDO P . 35.84 -46.01 -7.03
O1 EDO P . 35.56 -45.53 -5.71
C2 EDO P . 35.59 -47.51 -7.13
O2 EDO P . 36.01 -47.99 -8.41
C1 EDO Q . 18.31 -56.53 -25.38
O1 EDO Q . 19.36 -56.17 -26.29
C2 EDO Q . 16.99 -55.94 -25.85
O2 EDO Q . 15.91 -56.54 -25.13
C1 EDO R . 6.07 -35.27 18.00
O1 EDO R . 5.72 -33.89 17.99
C2 EDO R . 4.98 -36.09 17.31
O2 EDO R . 3.80 -36.07 18.11
C1 EDO S . 7.87 -55.85 -23.82
O1 EDO S . 9.26 -55.54 -23.74
C2 EDO S . 7.06 -54.77 -23.11
O2 EDO S . 7.37 -54.79 -21.71
C1 EDO T . -3.80 2.21 11.15
O1 EDO T . -2.86 1.82 10.14
C2 EDO T . -5.12 2.61 10.48
O2 EDO T . -6.12 2.84 11.48
C1 EDO U . -20.43 22.46 55.47
O1 EDO U . -19.22 23.21 55.29
C2 EDO U . -20.10 20.97 55.49
O2 EDO U . -19.10 20.70 56.47
C1 EDO V . -16.42 3.14 13.27
O1 EDO V . -15.01 3.33 13.41
C2 EDO V . -17.06 2.97 14.64
O2 EDO V . -18.47 2.76 14.48
#